data_6RD7
#
_entry.id   6RD7
#
_cell.length_a   1.0
_cell.length_b   1.0
_cell.length_c   1.0
_cell.angle_alpha   90.00
_cell.angle_beta   90.00
_cell.angle_gamma   90.00
#
_symmetry.space_group_name_H-M   'P 1'
#
loop_
_entity.id
_entity.type
_entity.pdbx_description
1 polymer 'ASA-10: Polytomella F-ATP synthase associated subunit 10'
2 polymer 'ATP synthase associated protein ASA1'
3 polymer 'Mitochondrial F1F0 ATP synthase associated 32 kDa protein'
4 polymer 'Mitochondrial F1F0 ATP synthase associated 14 kDa protein'
5 polymer 'Mitochondrial ATP synthase subunit ASA6'
6 polymer 'Mitochondrial ATP synthase subunit ASA8'
7 polymer 'ASA-9: Polytomella F-ATP synthase associated subunit 9'
8 polymer 'Mitochondrial ATP synthase subunit c'
9 polymer 'Mitochondrial ATP synthase subunit 6'
10 non-polymer 'ZINC ION'
11 water water
#
loop_
_entity_poly.entity_id
_entity_poly.type
_entity_poly.pdbx_seq_one_letter_code
_entity_poly.pdbx_strand_id
1 'polypeptide(L)'
;MSYSAYFAKAGFQFPAGLSALVAGIVALNVCTGRPTKGTKEISNAEYNATPIGYLQSPDQHPTAFPKVPGMKDVHGSPHH
HH
;
0
2 'polypeptide(L)'
;MMRAAQKAKQELPATVLTQTRSYLAPLRSDFTEEITAPKVASASNLVNEWNNKKQATENLMKLLQAYKDIGDAKSEPLLK
NHNPRTFEDRDYPVPDFRTQNLKAGDVPKFFDTVISTRASAAIASKDKFWAGRKTEAEAASAKASAAFPRVAVPEWKKGK
TVSIENLNTVTDKYAAALVPKRKLALPVLPEGVKKAVEDFAASVGQAKNASEVSELLAKSLAEKAVVTEGGKVVEGFSYV
SKAVAAKVIATRRAEVHERLLKLWAKRLLVSPELAIVPLNEFDAQLASKFEGISPKYQELLSAVAQGNKTFAQRLNSSPA
FSSFLLKREKAESEVPPSELELEAAQKAAELEDPEVALRTLLGPQMEALGASDLLLSEQIRVITEHRYTPDRLQYKEGMK
LADKIAAQEAALKEELKVIYGDNVDVKHFQASPRTPVQQLFDSLKNAAANKERAAKEAAAAASPYLAYAVTKKQEVQADP
SNIPFDEVLYPQLSEELLELELSDIREDEIALEKAEEEELWLLTLTQQFKHIQKHFGIDLPHSVVAHMDPLLIKKIDWET
TNALEDFDITLDDMGAEDAKEQWGAENLSHHFLPLIRYRRDLARKNGDRYGPDLVNGN
;
1
3 'polypeptide(L)'
;MRQASRLALSIRQAGNVEAASAVPAMTRQFSAPGSHEHHETPLSKVMPTVVSIPRKVACLALGATKKVVCGLASSGPSQN
LVSTFANKVIVEENLVNVAEIDVPFWSYWLSSAGFTSKDAFVKFAEAVKPKVAALSTSDITNLTVAFKRANYYDKDLFTG
IEANVSANFTKFETEQLLQIVATFDAFNHSSVAFLDDVADSITYCNHYLAPVRAGADELATLLTYYAKNGHERADLLATV
ARGFSEVSLGKLSAAQRKDTVLSALKAFQTFGFYPESIEAVIGAALVSPAEYSAEELKEVEAVKVAAENALGGEFVLIQE
GAHGH
;
3
4 'polypeptide(L)'
;MKLLPESLQQEAATAAVVASWVLWHLDTQLLPTIMREHKLHACWAAAAKRYNEKLFKLNPSYDRVLSLPAVSKNQVLENV
FHTAPKAPVEHLEKMVSANSKVYDALNLQSKRVLIWQVKPALF
;
5
5 'polypeptide(L)'
;MMLRTLTRSSAVAGQAVRLFKTSAAAAEGNSVAGIIKSVNETSGANLLSSLKTIKAQAAPIYPAAASSTGYSTQAKIALF
GALSWILYRADGQSKAHEWIVDLNLNVLQAAWLISFSSLIPFRAVYFAFRGMAPATASTLNGLKTFSSISL
;
6
6 'polypeptide(L)'
;MVLGEVYLKDILRTPPTGAIPANVPHPFQTSFYTYATKKLIPRHWYLLGGFTFTITLYGILDGLRDSGKKKAYDEAIHAG
KTPYTAGGH
;
8
7 'polypeptide(L)'
;MAVTSFLGKAFEKYFYDFSAYEQFGLNRFLSSKGQYVALRHVGFVMVGVNVLLAANFPFNPPFPTIGMCPAGWEGTWVCQ
ADKAKALEMYKEWKKSN
;
9
8 'polypeptide(L)'
;MSVQRLSLGAARCLSAGVARVQASQALVAQKAVAVAPTRAQAAPAEVAQVRSMSVLAASKMVGAGCATIALAGVGAGLGV
MFGSLINGAARNPNIAKQLVGYALLGFALTESIALFSLLVVFLILFA
;
A,B,C,D,E,F,G,H,I,J
9 'polypeptide(L)'
;MSVLSSVSMGSRIGSSLLGRSSAYLAQCGFSTRSNLNGSIDTSSSVFQALSSDNENKPAASPLNVKLPGMSCSSILLPKT
SRIAVPFGNQTMAMSSVRDVKTGSLPTNFLTGVYRFWRSQNPAEKPHDPVNDRLLPAVVDASDKRASIGTWATTFFCTII
SCNLLGLMPFNEAPTSGLGFATGLGVSVWATATILGLSKTGFKFPGHFIPGGTPWPMAFIFVPLETISYTFRAVSLGVRL
WVNMLAGHTLLHILTGMALALPFSLGFFSMVPATFGVCCLLSALVGLEYLVAVLQSGVFSILSTVYVGEFNHDKFIGPAA
KIVKKIH
;
M
#
loop_
_chem_comp.id
_chem_comp.type
_chem_comp.name
_chem_comp.formula
ZN non-polymer 'ZINC ION' 'Zn 2'
#
# COMPACT_ATOMS: atom_id res chain seq x y z
N MET A 1 19.93 -17.89 -11.33
CA MET A 1 19.72 -17.18 -12.58
C MET A 1 18.40 -16.41 -12.48
N SER A 2 18.30 -15.33 -13.25
CA SER A 2 17.26 -14.32 -13.06
C SER A 2 16.44 -14.12 -14.32
N TYR A 3 15.39 -13.29 -14.23
CA TYR A 3 14.66 -12.85 -15.40
C TYR A 3 15.15 -11.53 -15.92
N SER A 4 16.37 -11.12 -15.56
CA SER A 4 16.88 -9.81 -15.91
C SER A 4 17.17 -9.70 -17.41
N ALA A 5 17.71 -10.78 -17.99
CA ALA A 5 18.04 -10.76 -19.41
C ALA A 5 16.78 -10.78 -20.27
N TYR A 6 15.72 -11.41 -19.76
CA TYR A 6 14.45 -11.44 -20.47
C TYR A 6 13.83 -10.05 -20.55
N PHE A 7 14.02 -9.25 -19.50
CA PHE A 7 13.48 -7.89 -19.52
C PHE A 7 14.45 -6.95 -20.22
N ALA A 8 15.72 -7.33 -20.32
CA ALA A 8 16.65 -6.54 -21.13
C ALA A 8 16.44 -6.79 -22.61
N LYS A 9 15.81 -7.91 -22.97
CA LYS A 9 15.52 -8.18 -24.38
C LYS A 9 14.49 -7.21 -24.93
N ALA A 10 13.51 -6.83 -24.13
CA ALA A 10 12.49 -5.90 -24.60
C ALA A 10 13.04 -4.49 -24.68
N GLY A 11 12.87 -3.85 -25.82
CA GLY A 11 13.38 -2.51 -26.01
C GLY A 11 12.51 -1.46 -25.35
N PHE A 12 12.78 -0.21 -25.71
CA PHE A 12 11.90 0.88 -25.31
C PHE A 12 10.56 0.72 -25.99
N GLN A 13 9.50 1.01 -25.27
CA GLN A 13 8.15 0.96 -25.82
C GLN A 13 7.35 2.14 -25.29
N PHE A 14 6.58 2.72 -26.16
CA PHE A 14 5.65 3.78 -25.81
C PHE A 14 4.50 3.22 -24.98
N PRO A 15 3.77 4.07 -24.25
CA PRO A 15 2.52 3.63 -23.63
C PRO A 15 1.52 3.18 -24.69
N ALA A 16 0.59 2.31 -24.29
CA ALA A 16 -0.10 1.43 -25.21
C ALA A 16 -1.04 2.16 -26.18
N GLY A 17 -1.59 3.29 -25.75
CA GLY A 17 -2.46 4.03 -26.64
C GLY A 17 -1.96 5.43 -26.88
N LEU A 18 -0.64 5.61 -26.97
CA LEU A 18 -0.07 6.93 -27.14
C LEU A 18 -0.34 7.49 -28.52
N SER A 19 -0.53 6.61 -29.51
CA SER A 19 -0.90 7.07 -30.84
C SER A 19 -2.27 7.72 -30.85
N ALA A 20 -3.20 7.26 -30.01
CA ALA A 20 -4.50 7.91 -29.90
C ALA A 20 -4.41 9.27 -29.22
N LEU A 21 -3.51 9.41 -28.24
CA LEU A 21 -3.33 10.71 -27.59
C LEU A 21 -2.68 11.72 -28.53
N VAL A 22 -1.67 11.28 -29.29
CA VAL A 22 -1.01 12.14 -30.26
C VAL A 22 -1.98 12.50 -31.38
N ALA A 23 -2.78 11.53 -31.85
CA ALA A 23 -3.77 11.78 -32.87
C ALA A 23 -5.01 12.49 -32.36
N GLY A 24 -5.14 12.70 -31.05
CA GLY A 24 -6.18 13.56 -30.54
C GLY A 24 -5.70 14.99 -30.43
N ILE A 25 -4.49 15.17 -29.91
CA ILE A 25 -3.91 16.50 -29.78
C ILE A 25 -3.64 17.14 -31.13
N VAL A 26 -3.11 16.34 -32.08
CA VAL A 26 -2.84 16.85 -33.41
C VAL A 26 -4.14 17.17 -34.15
N ALA A 27 -5.16 16.32 -33.98
CA ALA A 27 -6.44 16.58 -34.64
C ALA A 27 -7.16 17.77 -34.02
N LEU A 28 -6.89 18.07 -32.75
CA LEU A 28 -7.42 19.30 -32.18
C LEU A 28 -6.66 20.51 -32.70
N ASN A 29 -5.37 20.33 -33.01
CA ASN A 29 -4.58 21.46 -33.48
C ASN A 29 -4.79 21.75 -34.96
N VAL A 30 -5.23 20.75 -35.75
CA VAL A 30 -5.34 20.94 -37.19
C VAL A 30 -6.78 20.99 -37.70
N CYS A 31 -7.77 20.70 -36.87
CA CYS A 31 -9.17 20.84 -37.25
C CYS A 31 -9.82 22.03 -36.54
N THR A 32 -9.08 23.15 -36.51
CA THR A 32 -9.56 24.36 -35.85
C THR A 32 -10.82 24.91 -36.51
N GLY A 33 -10.91 24.80 -37.84
CA GLY A 33 -12.01 25.42 -38.55
C GLY A 33 -11.84 26.90 -38.79
N ARG A 34 -10.66 27.45 -38.54
CA ARG A 34 -10.39 28.87 -38.68
C ARG A 34 -9.00 29.02 -39.29
N PRO A 35 -8.64 30.19 -39.85
CA PRO A 35 -7.30 30.35 -40.44
C PRO A 35 -6.17 30.25 -39.42
N THR A 36 -4.95 30.14 -39.94
CA THR A 36 -3.80 29.66 -39.18
C THR A 36 -2.97 30.85 -38.65
N LYS A 37 -3.49 31.43 -37.56
CA LYS A 37 -2.75 32.27 -36.60
C LYS A 37 -2.00 33.42 -37.28
N GLY A 38 -2.78 34.33 -37.82
CA GLY A 38 -2.24 35.44 -38.57
C GLY A 38 -2.36 35.31 -40.05
N THR A 39 -3.24 34.46 -40.55
CA THR A 39 -3.57 34.38 -41.97
C THR A 39 -5.03 34.73 -42.15
N LYS A 40 -5.41 34.93 -43.41
CA LYS A 40 -6.78 35.26 -43.75
C LYS A 40 -7.11 34.56 -45.06
N GLU A 41 -8.27 33.91 -45.12
CA GLU A 41 -8.72 33.35 -46.38
C GLU A 41 -9.15 34.47 -47.30
N ILE A 42 -8.70 34.40 -48.55
CA ILE A 42 -8.97 35.43 -49.54
C ILE A 42 -9.62 34.75 -50.73
N SER A 43 -10.03 35.56 -51.71
CA SER A 43 -10.59 35.01 -52.93
C SER A 43 -9.49 34.36 -53.75
N ASN A 44 -9.88 33.45 -54.64
CA ASN A 44 -8.90 32.80 -55.51
C ASN A 44 -8.34 33.78 -56.53
N ALA A 45 -9.13 34.77 -56.95
CA ALA A 45 -8.65 35.80 -57.86
C ALA A 45 -7.56 36.64 -57.21
N GLU A 46 -7.76 37.02 -55.94
CA GLU A 46 -6.72 37.74 -55.20
C GLU A 46 -5.49 36.86 -54.97
N TYR A 47 -5.69 35.58 -54.65
CA TYR A 47 -4.57 34.72 -54.30
C TYR A 47 -3.70 34.40 -55.51
N ASN A 48 -4.31 34.26 -56.70
CA ASN A 48 -3.48 34.05 -57.89
C ASN A 48 -2.93 35.37 -58.41
N ALA A 49 -3.63 36.48 -58.17
CA ALA A 49 -3.12 37.76 -58.62
C ALA A 49 -1.96 38.25 -57.75
N THR A 50 -1.95 37.87 -56.48
CA THR A 50 -0.97 38.40 -55.56
C THR A 50 0.32 37.60 -55.65
N PRO A 51 1.47 38.26 -55.70
CA PRO A 51 2.75 37.54 -55.66
C PRO A 51 3.03 36.95 -54.28
N ILE A 52 4.12 36.18 -54.20
CA ILE A 52 4.44 35.43 -52.99
C ILE A 52 4.92 36.36 -51.89
N GLY A 53 5.57 37.47 -52.26
CA GLY A 53 6.08 38.39 -51.26
C GLY A 53 5.03 39.31 -50.69
N TYR A 54 3.96 39.56 -51.45
CA TYR A 54 2.90 40.43 -50.95
C TYR A 54 1.91 39.63 -50.10
N LEU A 55 1.82 38.33 -50.33
CA LEU A 55 0.99 37.47 -49.49
C LEU A 55 1.56 37.34 -48.11
N GLN A 56 2.89 37.24 -48.01
CA GLN A 56 3.56 37.24 -46.71
C GLN A 56 3.46 38.62 -46.07
N SER A 57 3.26 38.62 -44.76
CA SER A 57 3.22 39.84 -43.99
C SER A 57 4.28 39.77 -42.89
N PRO A 58 4.94 40.88 -42.56
CA PRO A 58 6.17 40.79 -41.75
C PRO A 58 5.97 40.37 -40.30
N ASP A 59 4.75 40.50 -39.75
CA ASP A 59 4.52 40.09 -38.37
C ASP A 59 4.58 38.57 -38.22
N GLN A 60 4.25 37.84 -39.27
CA GLN A 60 4.31 36.38 -39.22
C GLN A 60 5.68 35.83 -39.58
N HIS A 61 6.69 36.69 -39.76
CA HIS A 61 8.05 36.26 -40.04
C HIS A 61 9.03 37.04 -39.18
N PRO A 62 9.13 36.72 -37.88
CA PRO A 62 10.09 37.42 -37.04
C PRO A 62 11.50 36.85 -37.18
N THR A 63 12.48 37.71 -36.89
CA THR A 63 13.87 37.35 -37.08
C THR A 63 14.32 36.43 -35.96
N ALA A 64 15.10 35.40 -36.32
CA ALA A 64 15.56 34.34 -35.43
C ALA A 64 16.32 34.83 -34.21
N PHE A 65 17.33 35.66 -34.38
CA PHE A 65 18.05 36.23 -33.23
C PHE A 65 18.16 37.73 -33.48
N PRO A 66 17.09 38.48 -33.22
CA PRO A 66 17.03 39.85 -33.72
C PRO A 66 17.93 40.79 -32.93
N LYS A 67 18.73 41.56 -33.67
CA LYS A 67 19.62 42.52 -33.03
C LYS A 67 18.84 43.68 -32.44
N VAL A 68 17.66 43.95 -32.97
CA VAL A 68 16.74 44.92 -32.39
C VAL A 68 15.40 44.21 -32.20
N PRO A 69 14.76 44.32 -31.04
CA PRO A 69 13.46 43.65 -30.83
C PRO A 69 12.38 44.21 -31.72
N GLY A 70 11.88 43.36 -32.62
CA GLY A 70 10.92 43.76 -33.62
C GLY A 70 11.40 43.57 -35.04
N MET A 71 12.61 43.05 -35.25
CA MET A 71 13.11 42.79 -36.58
C MET A 71 12.33 41.65 -37.22
N LYS A 72 11.96 41.85 -38.49
CA LYS A 72 11.17 40.87 -39.23
C LYS A 72 11.99 40.38 -40.41
N ASP A 73 11.72 39.14 -40.82
CA ASP A 73 12.52 38.53 -41.88
C ASP A 73 12.14 39.05 -43.25
N VAL A 74 10.84 39.21 -43.51
CA VAL A 74 10.34 39.74 -44.77
C VAL A 74 9.83 41.15 -44.52
N HIS A 75 9.76 41.94 -45.58
CA HIS A 75 9.22 43.30 -45.47
C HIS A 75 7.77 43.37 -45.91
N GLY A 76 7.18 42.26 -46.32
CA GLY A 76 5.80 42.27 -46.74
C GLY A 76 5.61 42.91 -48.10
N SER A 77 4.42 43.46 -48.30
CA SER A 77 4.14 44.15 -49.55
C SER A 77 4.65 45.58 -49.48
N PRO A 78 5.42 46.03 -50.48
CA PRO A 78 5.75 47.47 -50.56
C PRO A 78 4.53 48.36 -50.73
N HIS A 79 3.46 47.86 -51.33
CA HIS A 79 2.22 48.61 -51.42
C HIS A 79 1.58 48.72 -50.05
N HIS A 80 1.35 49.96 -49.61
CA HIS A 80 0.78 50.25 -48.30
C HIS A 80 -0.57 50.91 -48.47
N HIS A 81 -1.49 50.62 -47.55
CA HIS A 81 -2.84 51.17 -47.61
C HIS A 81 -2.86 52.66 -47.27
N TYR B 23 29.77 -92.51 53.26
CA TYR B 23 29.53 -93.78 53.91
C TYR B 23 29.88 -93.70 55.39
N LEU B 24 30.50 -92.59 55.78
CA LEU B 24 30.93 -92.43 57.16
C LEU B 24 29.75 -92.14 58.07
N ALA B 25 29.79 -92.68 59.27
CA ALA B 25 28.73 -92.54 60.25
C ALA B 25 29.32 -92.08 61.57
N PRO B 26 28.57 -91.28 62.33
CA PRO B 26 29.04 -90.91 63.67
C PRO B 26 28.92 -92.07 64.65
N LEU B 27 29.80 -92.05 65.65
CA LEU B 27 29.82 -93.06 66.69
C LEU B 27 29.04 -92.55 67.89
N ARG B 28 27.88 -93.15 68.15
CA ARG B 28 27.00 -92.65 69.21
C ARG B 28 27.52 -93.00 70.60
N SER B 29 27.77 -94.29 70.84
CA SER B 29 28.34 -94.82 72.09
C SER B 29 27.49 -94.48 73.32
N ASP B 30 26.18 -94.64 73.18
CA ASP B 30 25.26 -94.50 74.30
C ASP B 30 24.38 -95.73 74.39
N PHE B 31 23.80 -95.94 75.57
CA PHE B 31 22.99 -97.13 75.83
C PHE B 31 21.51 -96.78 75.79
N THR B 32 20.70 -97.81 75.63
CA THR B 32 19.24 -97.70 75.62
C THR B 32 18.71 -98.33 76.90
N GLU B 33 18.04 -97.54 77.72
CA GLU B 33 17.58 -97.98 79.03
C GLU B 33 16.08 -98.22 79.10
N GLU B 34 15.37 -98.10 78.00
CA GLU B 34 13.92 -98.31 77.97
C GLU B 34 13.58 -99.31 76.88
N ILE B 35 12.63 -100.19 77.16
CA ILE B 35 12.18 -101.18 76.19
C ILE B 35 10.88 -100.66 75.58
N THR B 36 11.00 -100.00 74.43
CA THR B 36 9.84 -99.46 73.73
C THR B 36 9.72 -100.11 72.37
N ALA B 37 8.53 -100.01 71.79
CA ALA B 37 8.34 -100.44 70.42
C ALA B 37 9.09 -99.49 69.49
N PRO B 38 9.63 -99.97 68.36
CA PRO B 38 10.34 -99.08 67.45
C PRO B 38 9.40 -98.12 66.74
N LYS B 39 9.86 -96.89 66.56
CA LYS B 39 9.05 -95.83 65.95
C LYS B 39 8.89 -96.06 64.45
N VAL B 40 7.75 -96.62 64.05
CA VAL B 40 7.51 -96.86 62.64
C VAL B 40 7.07 -95.57 61.97
N ALA B 41 7.89 -95.06 61.06
CA ALA B 41 7.54 -93.87 60.31
C ALA B 41 6.46 -94.19 59.28
N SER B 42 5.72 -93.17 58.89
CA SER B 42 4.60 -93.37 57.98
C SER B 42 5.08 -93.35 56.53
N ALA B 43 4.11 -93.36 55.61
CA ALA B 43 4.36 -93.81 54.24
C ALA B 43 5.21 -92.83 53.43
N SER B 44 5.07 -91.52 53.68
CA SER B 44 5.89 -90.45 53.07
C SER B 44 5.79 -90.49 51.54
N ASN B 45 4.60 -90.10 51.06
CA ASN B 45 4.17 -90.33 49.69
C ASN B 45 5.08 -89.73 48.63
N LEU B 46 5.75 -90.61 47.89
CA LEU B 46 6.50 -90.29 46.70
C LEU B 46 5.99 -91.04 45.49
N VAL B 47 5.50 -92.26 45.68
CA VAL B 47 4.90 -93.02 44.59
C VAL B 47 3.61 -92.35 44.12
N ASN B 48 2.81 -91.85 45.08
CA ASN B 48 1.62 -91.08 44.74
C ASN B 48 1.95 -89.77 44.03
N GLU B 49 2.96 -89.03 44.51
CA GLU B 49 3.32 -87.77 43.89
C GLU B 49 3.97 -87.98 42.52
N TRP B 50 4.80 -89.01 42.37
CA TRP B 50 5.39 -89.29 41.07
C TRP B 50 4.37 -89.85 40.09
N ASN B 51 3.36 -90.57 40.57
CA ASN B 51 2.27 -91.00 39.71
C ASN B 51 1.42 -89.81 39.28
N ASN B 52 1.23 -88.82 40.17
CA ASN B 52 0.57 -87.59 39.78
C ASN B 52 1.40 -86.80 38.77
N LYS B 53 2.72 -86.81 38.91
CA LYS B 53 3.59 -86.16 37.93
C LYS B 53 3.54 -86.85 36.57
N LYS B 54 3.52 -88.18 36.56
CA LYS B 54 3.41 -88.94 35.32
C LYS B 54 2.06 -88.73 34.66
N GLN B 55 0.98 -88.67 35.45
CA GLN B 55 -0.32 -88.39 34.89
C GLN B 55 -0.45 -86.96 34.40
N ALA B 56 0.22 -86.02 35.05
CA ALA B 56 0.23 -84.64 34.57
C ALA B 56 1.02 -84.52 33.26
N THR B 57 2.14 -85.22 33.15
CA THR B 57 2.89 -85.26 31.90
C THR B 57 2.07 -85.91 30.77
N GLU B 58 1.32 -86.96 31.07
CA GLU B 58 0.54 -87.58 30.00
C GLU B 58 -0.71 -86.78 29.67
N ASN B 59 -1.26 -86.04 30.63
CA ASN B 59 -2.34 -85.11 30.31
C ASN B 59 -1.85 -83.95 29.46
N LEU B 60 -0.62 -83.49 29.70
CA LEU B 60 -0.02 -82.49 28.84
C LEU B 60 0.25 -83.02 27.44
N MET B 61 0.66 -84.29 27.33
CA MET B 61 0.87 -84.88 26.01
C MET B 61 -0.45 -85.04 25.26
N LYS B 62 -1.51 -85.45 25.96
CA LYS B 62 -2.84 -85.52 25.36
C LYS B 62 -3.35 -84.15 24.96
N LEU B 63 -3.01 -83.12 25.75
CA LEU B 63 -3.43 -81.76 25.45
C LEU B 63 -2.74 -81.23 24.20
N LEU B 64 -1.44 -81.49 24.08
CA LEU B 64 -0.71 -81.11 22.88
C LEU B 64 -1.20 -81.86 21.65
N GLN B 65 -1.55 -83.14 21.81
CA GLN B 65 -2.14 -83.90 20.71
C GLN B 65 -3.50 -83.33 20.31
N ALA B 66 -4.29 -82.87 21.27
CA ALA B 66 -5.59 -82.29 20.96
C ALA B 66 -5.44 -80.93 20.29
N TYR B 67 -4.44 -80.14 20.72
CA TYR B 67 -4.12 -78.89 20.06
C TYR B 67 -3.74 -79.12 18.59
N LYS B 68 -2.88 -80.11 18.34
CA LYS B 68 -2.48 -80.42 16.97
C LYS B 68 -3.65 -80.96 16.16
N ASP B 69 -4.54 -81.73 16.78
CA ASP B 69 -5.68 -82.29 16.07
C ASP B 69 -6.68 -81.21 15.66
N ILE B 70 -6.94 -80.25 16.57
CA ILE B 70 -7.86 -79.17 16.25
C ILE B 70 -7.26 -78.24 15.20
N GLY B 71 -5.97 -77.95 15.30
CA GLY B 71 -5.32 -77.12 14.29
C GLY B 71 -5.21 -77.80 12.94
N ASP B 72 -5.13 -79.13 12.93
CA ASP B 72 -5.10 -79.86 11.67
C ASP B 72 -6.50 -79.97 11.07
N ALA B 73 -7.52 -80.04 11.92
CA ALA B 73 -8.89 -80.12 11.42
C ALA B 73 -9.35 -78.78 10.87
N LYS B 74 -8.84 -77.69 11.43
CA LYS B 74 -9.23 -76.37 10.92
C LYS B 74 -8.43 -75.96 9.69
N SER B 75 -7.38 -76.74 9.37
CA SER B 75 -6.48 -76.49 8.22
C SER B 75 -5.86 -75.10 8.28
N GLU B 76 -5.49 -74.68 9.47
CA GLU B 76 -5.07 -73.30 9.69
C GLU B 76 -3.56 -73.19 9.70
N PRO B 77 -3.02 -72.02 9.37
CA PRO B 77 -1.56 -71.82 9.42
C PRO B 77 -1.00 -71.95 10.82
N LEU B 78 0.28 -72.35 10.90
CA LEU B 78 0.92 -72.56 12.19
C LEU B 78 1.26 -71.24 12.86
N LEU B 79 1.87 -70.32 12.11
CA LEU B 79 2.40 -69.10 12.73
C LEU B 79 1.31 -68.05 12.92
N LYS B 80 0.15 -68.25 12.29
CA LYS B 80 -0.89 -67.22 12.22
C LYS B 80 -1.48 -66.89 13.58
N ASN B 81 -1.75 -67.92 14.38
CA ASN B 81 -2.42 -67.70 15.65
C ASN B 81 -1.45 -67.20 16.72
N HIS B 82 -0.15 -67.44 16.51
CA HIS B 82 0.85 -66.87 17.41
C HIS B 82 1.29 -65.48 16.96
N ASN B 83 0.98 -65.11 15.72
CA ASN B 83 1.26 -63.78 15.22
C ASN B 83 0.22 -62.81 15.76
N PRO B 84 0.61 -61.78 16.53
CA PRO B 84 -0.41 -60.85 17.05
C PRO B 84 -0.96 -59.93 15.98
N ARG B 85 -0.21 -59.71 14.89
CA ARG B 85 -0.68 -58.89 13.78
C ARG B 85 -1.87 -59.50 13.05
N THR B 86 -2.11 -60.81 13.23
CA THR B 86 -3.34 -61.43 12.76
C THR B 86 -4.55 -60.83 13.45
N PHE B 87 -4.44 -60.53 14.73
CA PHE B 87 -5.58 -60.12 15.53
C PHE B 87 -5.75 -58.61 15.60
N GLU B 88 -4.95 -57.86 14.85
CA GLU B 88 -5.14 -56.41 14.78
C GLU B 88 -6.33 -56.09 13.90
N ASP B 89 -7.01 -54.98 14.21
CA ASP B 89 -8.28 -54.68 13.55
C ASP B 89 -8.07 -54.21 12.11
N ARG B 90 -7.23 -53.18 11.93
CA ARG B 90 -6.81 -52.57 10.66
C ARG B 90 -7.93 -51.85 9.90
N ASP B 91 -9.16 -51.91 10.39
CA ASP B 91 -10.28 -51.20 9.78
C ASP B 91 -10.95 -50.36 10.86
N TYR B 92 -10.29 -50.24 11.99
CA TYR B 92 -10.61 -49.46 13.17
C TYR B 92 -10.48 -47.98 12.87
N PRO B 93 -11.45 -47.16 13.28
CA PRO B 93 -11.34 -45.71 13.07
C PRO B 93 -10.24 -45.13 13.93
N VAL B 94 -9.24 -44.55 13.27
CA VAL B 94 -8.05 -44.07 13.95
C VAL B 94 -8.30 -42.63 14.41
N PRO B 95 -7.90 -42.27 15.63
CA PRO B 95 -8.16 -40.90 16.11
C PRO B 95 -7.34 -39.86 15.37
N ASP B 96 -8.04 -38.87 14.81
CA ASP B 96 -7.37 -37.75 14.16
C ASP B 96 -6.70 -36.88 15.21
N PHE B 97 -5.40 -36.62 15.03
CA PHE B 97 -4.67 -35.82 16.01
C PHE B 97 -5.01 -34.34 15.91
N ARG B 98 -5.65 -33.91 14.82
CA ARG B 98 -6.01 -32.50 14.69
C ARG B 98 -7.24 -32.17 15.52
N THR B 99 -8.04 -33.18 15.86
CA THR B 99 -9.22 -33.04 16.69
C THR B 99 -8.88 -32.99 18.18
N GLN B 100 -7.85 -33.71 18.61
CA GLN B 100 -7.63 -34.04 20.00
C GLN B 100 -6.88 -32.96 20.79
N ASN B 101 -6.70 -31.76 20.23
CA ASN B 101 -6.26 -30.55 20.96
C ASN B 101 -4.86 -30.68 21.55
N LEU B 102 -3.94 -31.29 20.82
CA LEU B 102 -2.57 -31.42 21.34
C LEU B 102 -1.70 -30.26 20.87
N LYS B 103 -0.70 -29.94 21.70
CA LYS B 103 0.25 -28.87 21.43
C LYS B 103 1.49 -29.42 20.73
N ALA B 104 2.58 -28.64 20.74
CA ALA B 104 3.72 -28.87 19.85
C ALA B 104 4.48 -30.15 20.19
N GLY B 105 4.86 -30.34 21.44
CA GLY B 105 5.58 -31.55 21.76
C GLY B 105 4.72 -32.76 22.05
N ASP B 106 3.41 -32.66 21.85
CA ASP B 106 2.46 -33.64 22.36
C ASP B 106 2.09 -34.73 21.37
N VAL B 107 2.18 -34.44 20.07
CA VAL B 107 1.76 -35.34 18.99
C VAL B 107 2.49 -36.69 18.96
N PRO B 108 3.82 -36.79 19.17
CA PRO B 108 4.41 -38.14 19.23
C PRO B 108 3.94 -38.98 20.40
N LYS B 109 3.66 -38.37 21.56
CA LYS B 109 3.13 -39.14 22.68
C LYS B 109 1.69 -39.57 22.42
N PHE B 110 0.91 -38.74 21.71
CA PHE B 110 -0.42 -39.16 21.27
C PHE B 110 -0.34 -40.34 20.31
N PHE B 111 0.61 -40.28 19.37
CA PHE B 111 0.80 -41.37 18.41
C PHE B 111 1.20 -42.66 19.11
N ASP B 112 2.12 -42.56 20.09
CA ASP B 112 2.56 -43.73 20.83
C ASP B 112 1.43 -44.31 21.67
N THR B 113 0.54 -43.46 22.19
CA THR B 113 -0.60 -43.96 22.95
C THR B 113 -1.58 -44.71 22.06
N VAL B 114 -1.84 -44.20 20.86
CA VAL B 114 -2.74 -44.88 19.92
C VAL B 114 -2.15 -46.22 19.48
N ILE B 115 -0.85 -46.23 19.17
CA ILE B 115 -0.16 -47.46 18.78
C ILE B 115 -0.15 -48.48 19.93
N SER B 116 0.03 -48.00 21.18
CA SER B 116 0.01 -48.89 22.35
C SER B 116 -1.34 -49.54 22.54
N THR B 117 -2.42 -48.76 22.47
CA THR B 117 -3.73 -49.34 22.70
C THR B 117 -4.14 -50.28 21.57
N ARG B 118 -3.73 -49.99 20.33
CA ARG B 118 -4.03 -50.91 19.24
C ARG B 118 -3.26 -52.21 19.36
N ALA B 119 -1.97 -52.12 19.74
CA ALA B 119 -1.16 -53.33 19.91
C ALA B 119 -1.63 -54.17 21.08
N SER B 120 -2.00 -53.51 22.19
CA SER B 120 -2.47 -54.26 23.36
C SER B 120 -3.85 -54.85 23.11
N ALA B 121 -4.67 -54.21 22.28
CA ALA B 121 -5.94 -54.81 21.88
C ALA B 121 -5.71 -56.03 21.02
N ALA B 122 -4.71 -55.99 20.13
CA ALA B 122 -4.38 -57.17 19.32
C ALA B 122 -3.85 -58.31 20.18
N ILE B 123 -3.01 -57.98 21.17
CA ILE B 123 -2.46 -59.00 22.06
C ILE B 123 -3.55 -59.61 22.94
N ALA B 124 -4.48 -58.79 23.42
CA ALA B 124 -5.59 -59.30 24.23
C ALA B 124 -6.56 -60.13 23.40
N SER B 125 -6.70 -59.79 22.11
CA SER B 125 -7.53 -60.62 21.23
C SER B 125 -6.88 -61.97 20.97
N LYS B 126 -5.54 -61.98 20.85
CA LYS B 126 -4.81 -63.25 20.74
C LYS B 126 -4.95 -64.09 22.00
N ASP B 127 -4.92 -63.44 23.17
CA ASP B 127 -5.09 -64.15 24.43
C ASP B 127 -6.49 -64.72 24.57
N LYS B 128 -7.50 -63.99 24.09
CA LYS B 128 -8.87 -64.49 24.12
C LYS B 128 -9.04 -65.67 23.18
N PHE B 129 -8.41 -65.60 22.00
CA PHE B 129 -8.42 -66.74 21.08
C PHE B 129 -7.77 -67.96 21.70
N TRP B 130 -6.64 -67.77 22.38
CA TRP B 130 -5.92 -68.93 22.92
C TRP B 130 -6.63 -69.49 24.14
N ALA B 131 -7.38 -68.66 24.87
CA ALA B 131 -8.21 -69.18 25.96
C ALA B 131 -9.35 -70.03 25.42
N GLY B 132 -10.00 -69.57 24.34
CA GLY B 132 -11.03 -70.41 23.72
C GLY B 132 -10.48 -71.69 23.13
N ARG B 133 -9.30 -71.61 22.53
CA ARG B 133 -8.65 -72.80 21.98
C ARG B 133 -8.24 -73.76 23.08
N LYS B 134 -7.82 -73.24 24.24
CA LYS B 134 -7.48 -74.08 25.37
C LYS B 134 -8.70 -74.79 25.92
N THR B 135 -9.85 -74.10 25.98
CA THR B 135 -11.07 -74.74 26.44
C THR B 135 -11.53 -75.85 25.50
N GLU B 136 -11.50 -75.58 24.18
CA GLU B 136 -11.89 -76.61 23.23
C GLU B 136 -10.90 -77.76 23.21
N ALA B 137 -9.62 -77.48 23.42
CA ALA B 137 -8.60 -78.53 23.39
C ALA B 137 -8.65 -79.39 24.64
N GLU B 138 -9.01 -78.81 25.80
CA GLU B 138 -9.18 -79.64 26.98
C GLU B 138 -10.45 -80.47 26.90
N ALA B 139 -11.49 -79.94 26.23
CA ALA B 139 -12.69 -80.73 25.97
C ALA B 139 -12.39 -81.92 25.06
N ALA B 140 -11.55 -81.71 24.04
CA ALA B 140 -11.18 -82.82 23.17
C ALA B 140 -10.12 -83.71 23.83
N SER B 141 -9.41 -83.17 24.82
CA SER B 141 -8.32 -83.90 25.45
C SER B 141 -8.84 -84.86 26.50
N ALA B 142 -9.97 -84.53 27.12
CA ALA B 142 -10.56 -85.43 28.10
C ALA B 142 -11.09 -86.70 27.44
N LYS B 143 -11.68 -86.57 26.26
CA LYS B 143 -12.25 -87.71 25.55
C LYS B 143 -11.27 -88.37 24.59
N ALA B 144 -10.06 -88.67 25.05
CA ALA B 144 -9.06 -89.34 24.21
C ALA B 144 -8.30 -90.34 25.06
N SER B 145 -8.38 -91.62 24.69
CA SER B 145 -7.57 -92.63 25.36
C SER B 145 -6.17 -92.62 24.77
N ALA B 146 -5.17 -92.58 25.65
CA ALA B 146 -3.79 -92.28 25.28
C ALA B 146 -2.98 -93.57 25.20
N ALA B 147 -2.28 -93.75 24.07
CA ALA B 147 -1.29 -94.81 23.92
C ALA B 147 0.02 -94.16 23.47
N PHE B 148 0.81 -93.69 24.43
CA PHE B 148 2.07 -93.09 24.04
C PHE B 148 3.20 -94.08 24.29
N PRO B 149 4.23 -94.07 23.43
CA PRO B 149 5.41 -94.90 23.72
C PRO B 149 6.16 -94.39 24.93
N ARG B 150 6.67 -95.32 25.73
CA ARG B 150 7.27 -94.93 27.00
C ARG B 150 8.71 -94.49 26.76
N VAL B 151 9.29 -93.83 27.78
CA VAL B 151 10.66 -93.39 27.67
C VAL B 151 11.58 -94.60 27.74
N ALA B 152 12.50 -94.69 26.79
CA ALA B 152 13.43 -95.81 26.70
C ALA B 152 14.43 -95.73 27.84
N VAL B 153 14.25 -96.55 28.86
CA VAL B 153 15.19 -96.62 29.97
C VAL B 153 15.77 -98.04 29.96
N PRO B 154 16.97 -98.26 30.49
CA PRO B 154 17.51 -99.61 30.54
C PRO B 154 16.73 -100.50 31.50
N GLU B 155 16.51 -101.75 31.08
CA GLU B 155 15.75 -102.70 31.87
C GLU B 155 16.56 -103.15 33.08
N TRP B 156 15.99 -102.94 34.26
CA TRP B 156 16.64 -103.27 35.51
C TRP B 156 15.67 -104.03 36.40
N LYS B 157 15.94 -105.31 36.61
CA LYS B 157 15.15 -106.12 37.53
C LYS B 157 15.63 -105.88 38.96
N LYS B 158 14.84 -106.37 39.92
CA LYS B 158 14.98 -105.98 41.33
C LYS B 158 16.31 -106.39 41.96
N GLY B 159 16.75 -107.62 41.72
CA GLY B 159 18.00 -108.06 42.29
C GLY B 159 19.06 -108.30 41.23
N LYS B 160 18.67 -108.27 39.98
CA LYS B 160 19.56 -108.59 38.88
C LYS B 160 20.44 -107.39 38.52
N THR B 161 21.35 -107.62 37.58
CA THR B 161 22.21 -106.58 37.08
C THR B 161 21.70 -106.08 35.72
N VAL B 162 22.41 -105.12 35.15
CA VAL B 162 22.02 -104.50 33.89
C VAL B 162 23.08 -104.85 32.84
N SER B 163 22.65 -105.49 31.76
CA SER B 163 23.58 -105.91 30.72
C SER B 163 23.98 -104.73 29.83
N ILE B 164 25.17 -104.82 29.24
CA ILE B 164 25.68 -103.74 28.41
C ILE B 164 24.95 -103.70 27.08
N GLU B 165 24.47 -104.86 26.61
CA GLU B 165 23.76 -104.94 25.33
C GLU B 165 22.43 -104.20 25.38
N ASN B 166 21.76 -104.26 26.53
CA ASN B 166 20.49 -103.54 26.69
C ASN B 166 20.71 -102.04 26.75
N LEU B 167 21.78 -101.60 27.42
CA LEU B 167 22.13 -100.19 27.45
C LEU B 167 22.49 -99.69 26.06
N ASN B 168 23.12 -100.54 25.25
CA ASN B 168 23.46 -100.16 23.89
C ASN B 168 22.22 -100.06 23.00
N THR B 169 21.23 -100.95 23.21
CA THR B 169 19.99 -100.82 22.44
C THR B 169 19.19 -99.59 22.88
N VAL B 170 19.29 -99.21 24.15
CA VAL B 170 18.61 -98.01 24.63
C VAL B 170 19.27 -96.75 24.04
N THR B 171 20.60 -96.76 23.95
CA THR B 171 21.31 -95.68 23.26
C THR B 171 21.01 -95.67 21.76
N ASP B 172 20.76 -96.84 21.19
CA ASP B 172 20.33 -96.92 19.79
C ASP B 172 18.98 -96.28 19.59
N LYS B 173 18.07 -96.44 20.55
CA LYS B 173 16.78 -95.75 20.47
C LYS B 173 16.94 -94.25 20.60
N TYR B 174 17.83 -93.80 21.50
CA TYR B 174 18.10 -92.37 21.65
C TYR B 174 18.69 -91.78 20.38
N ALA B 175 19.55 -92.53 19.69
CA ALA B 175 20.17 -92.03 18.48
C ALA B 175 19.24 -92.16 17.28
N ALA B 176 18.30 -93.08 17.33
CA ALA B 176 17.27 -93.15 16.30
C ALA B 176 16.30 -91.99 16.42
N ALA B 177 16.15 -91.45 17.63
CA ALA B 177 15.41 -90.21 17.78
C ALA B 177 16.14 -89.00 17.18
N LEU B 178 17.46 -89.11 16.96
CA LEU B 178 18.21 -87.99 16.40
C LEU B 178 18.03 -87.88 14.90
N VAL B 179 17.60 -88.96 14.26
CA VAL B 179 17.34 -88.93 12.81
C VAL B 179 16.06 -88.15 12.56
N PRO B 180 16.07 -87.15 11.68
CA PRO B 180 14.83 -86.39 11.43
C PRO B 180 13.81 -87.21 10.66
N LYS B 181 12.54 -86.89 10.86
CA LYS B 181 11.46 -87.71 10.32
C LYS B 181 11.40 -87.62 8.79
N ARG B 182 11.58 -86.43 8.24
CA ARG B 182 11.71 -86.23 6.80
C ARG B 182 13.01 -85.51 6.54
N LYS B 183 13.88 -86.12 5.74
CA LYS B 183 15.23 -85.62 5.59
C LYS B 183 15.63 -85.55 4.12
N LEU B 184 16.50 -84.59 3.82
CA LEU B 184 17.16 -84.55 2.53
C LEU B 184 18.18 -85.67 2.45
N ALA B 185 18.06 -86.51 1.42
CA ALA B 185 19.06 -87.54 1.17
C ALA B 185 20.27 -86.93 0.46
N LEU B 186 21.03 -86.16 1.24
CA LEU B 186 22.24 -85.48 0.82
C LEU B 186 23.31 -86.52 0.48
N PRO B 187 23.65 -86.68 -0.80
CA PRO B 187 24.54 -87.78 -1.17
C PRO B 187 26.00 -87.47 -0.95
N VAL B 188 26.64 -88.26 -0.09
CA VAL B 188 28.09 -88.26 0.04
C VAL B 188 28.62 -89.25 -0.98
N LEU B 189 29.52 -88.80 -1.84
CA LEU B 189 30.12 -89.66 -2.83
C LEU B 189 31.04 -90.66 -2.12
N PRO B 190 30.85 -91.96 -2.33
CA PRO B 190 31.67 -92.94 -1.61
C PRO B 190 33.11 -92.97 -2.15
N GLU B 191 34.01 -93.48 -1.31
CA GLU B 191 35.44 -93.45 -1.63
C GLU B 191 35.78 -94.33 -2.82
N GLY B 192 35.07 -95.45 -2.97
CA GLY B 192 35.27 -96.29 -4.15
C GLY B 192 34.81 -95.63 -5.42
N VAL B 193 33.64 -94.98 -5.39
CA VAL B 193 33.11 -94.29 -6.57
C VAL B 193 33.98 -93.08 -6.91
N LYS B 194 34.45 -92.34 -5.89
CA LYS B 194 35.34 -91.22 -6.11
C LYS B 194 36.66 -91.65 -6.73
N LYS B 195 37.26 -92.72 -6.20
CA LYS B 195 38.54 -93.16 -6.73
C LYS B 195 38.40 -93.76 -8.12
N ALA B 196 37.24 -94.39 -8.40
CA ALA B 196 36.97 -94.93 -9.73
C ALA B 196 36.89 -93.83 -10.78
N VAL B 197 36.13 -92.76 -10.49
CA VAL B 197 36.06 -91.68 -11.47
C VAL B 197 37.37 -90.89 -11.50
N GLU B 198 38.01 -90.77 -10.34
CA GLU B 198 39.32 -90.08 -10.25
C GLU B 198 40.34 -90.88 -11.07
N ASP B 199 40.28 -92.21 -10.96
CA ASP B 199 41.18 -93.13 -11.70
C ASP B 199 40.90 -93.00 -13.21
N PHE B 200 39.63 -92.90 -13.58
CA PHE B 200 39.24 -92.78 -15.01
C PHE B 200 39.83 -91.48 -15.59
N ALA B 201 39.81 -90.41 -14.80
CA ALA B 201 40.37 -89.11 -15.25
C ALA B 201 41.87 -89.29 -15.50
N ALA B 202 42.54 -90.01 -14.60
CA ALA B 202 43.98 -90.31 -14.74
C ALA B 202 44.18 -91.18 -15.99
N SER B 203 43.27 -92.13 -16.22
CA SER B 203 43.34 -93.04 -17.39
C SER B 203 43.26 -92.24 -18.69
N VAL B 204 42.38 -91.23 -18.74
CA VAL B 204 42.29 -90.37 -19.96
C VAL B 204 43.65 -89.69 -20.09
N GLY B 205 44.20 -89.28 -18.93
CA GLY B 205 45.50 -88.67 -18.80
C GLY B 205 45.50 -87.28 -18.23
N GLN B 206 44.33 -86.66 -18.06
CA GLN B 206 44.24 -85.36 -17.41
C GLN B 206 44.26 -85.58 -15.88
N ALA B 207 45.48 -85.61 -15.36
CA ALA B 207 45.66 -86.07 -13.99
C ALA B 207 45.37 -84.98 -12.95
N LYS B 208 45.43 -83.71 -13.35
CA LYS B 208 45.39 -82.65 -12.35
C LYS B 208 43.99 -82.05 -12.22
N ASN B 209 43.11 -82.37 -13.15
CA ASN B 209 41.71 -81.97 -12.99
C ASN B 209 40.84 -83.13 -12.50
N ALA B 210 41.43 -84.15 -11.86
CA ALA B 210 40.64 -85.24 -11.32
C ALA B 210 39.92 -84.82 -10.06
N SER B 211 40.54 -83.91 -9.30
CA SER B 211 39.90 -83.26 -8.17
C SER B 211 38.59 -82.62 -8.56
N GLU B 212 38.59 -81.84 -9.64
CA GLU B 212 37.40 -81.08 -10.00
C GLU B 212 36.34 -81.96 -10.63
N VAL B 213 36.73 -83.06 -11.29
CA VAL B 213 35.70 -83.91 -11.91
C VAL B 213 35.00 -84.76 -10.85
N SER B 214 35.74 -85.24 -9.82
CA SER B 214 35.07 -85.97 -8.75
C SER B 214 34.25 -85.02 -7.88
N GLU B 215 34.75 -83.78 -7.69
CA GLU B 215 33.99 -82.80 -6.93
C GLU B 215 32.72 -82.40 -7.66
N LEU B 216 32.76 -82.26 -8.99
CA LEU B 216 31.57 -81.83 -9.70
C LEU B 216 30.58 -82.97 -9.82
N LEU B 217 31.05 -84.22 -9.82
CA LEU B 217 30.11 -85.35 -9.71
C LEU B 217 29.39 -85.33 -8.37
N ALA B 218 30.14 -85.08 -7.28
CA ALA B 218 29.52 -84.98 -5.96
C ALA B 218 28.55 -83.81 -5.87
N LYS B 219 28.93 -82.65 -6.41
CA LYS B 219 28.09 -81.47 -6.32
C LYS B 219 26.87 -81.55 -7.23
N SER B 220 27.00 -82.22 -8.38
CA SER B 220 25.87 -82.42 -9.26
C SER B 220 24.88 -83.42 -8.67
N LEU B 221 25.38 -84.40 -7.92
CA LEU B 221 24.46 -85.25 -7.16
C LEU B 221 23.83 -84.50 -6.00
N ALA B 222 24.56 -83.51 -5.46
CA ALA B 222 24.07 -82.78 -4.29
C ALA B 222 23.02 -81.75 -4.67
N GLU B 223 23.09 -81.21 -5.89
CA GLU B 223 22.16 -80.15 -6.29
C GLU B 223 20.75 -80.70 -6.50
N LYS B 224 20.63 -81.92 -7.01
CA LYS B 224 19.36 -82.58 -7.18
C LYS B 224 19.08 -83.55 -6.04
N ALA B 225 19.46 -83.18 -4.81
CA ALA B 225 19.26 -84.02 -3.63
C ALA B 225 17.78 -84.27 -3.37
N VAL B 226 17.47 -85.50 -3.00
CA VAL B 226 16.10 -86.00 -3.01
C VAL B 226 15.61 -86.05 -1.56
N VAL B 227 14.30 -86.01 -1.36
CA VAL B 227 13.66 -85.94 -0.05
C VAL B 227 13.02 -87.28 0.25
N THR B 228 13.25 -87.80 1.46
CA THR B 228 12.78 -89.12 1.86
C THR B 228 11.60 -88.98 2.82
N GLU B 229 10.58 -89.82 2.63
CA GLU B 229 9.41 -89.84 3.51
C GLU B 229 9.79 -90.23 4.93
N GLY B 230 10.15 -91.50 5.11
CA GLY B 230 10.86 -92.00 6.27
C GLY B 230 12.17 -92.52 5.73
N GLY B 231 12.20 -93.82 5.46
CA GLY B 231 13.27 -94.41 4.69
C GLY B 231 13.02 -94.43 3.19
N LYS B 232 11.76 -94.30 2.76
CA LYS B 232 11.41 -94.32 1.35
C LYS B 232 11.28 -92.89 0.86
N VAL B 233 11.31 -92.71 -0.47
CA VAL B 233 11.42 -91.39 -1.07
C VAL B 233 10.04 -90.84 -1.42
N VAL B 234 9.78 -89.60 -1.00
CA VAL B 234 8.60 -88.85 -1.44
C VAL B 234 8.96 -88.19 -2.78
N GLU B 235 8.06 -88.32 -3.75
CA GLU B 235 8.26 -87.70 -5.04
C GLU B 235 7.27 -86.56 -5.25
N GLY B 236 7.68 -85.58 -6.05
CA GLY B 236 6.87 -84.39 -6.22
C GLY B 236 6.91 -83.53 -4.98
N PHE B 237 8.05 -83.51 -4.31
CA PHE B 237 8.26 -82.68 -3.12
C PHE B 237 9.19 -81.54 -3.49
N SER B 238 8.69 -80.31 -3.36
CA SER B 238 9.48 -79.12 -3.62
C SER B 238 9.47 -78.24 -2.39
N TYR B 239 10.66 -77.91 -1.91
CA TYR B 239 10.86 -77.09 -0.73
C TYR B 239 11.57 -75.81 -1.13
N VAL B 240 11.39 -74.77 -0.33
CA VAL B 240 12.09 -73.51 -0.53
C VAL B 240 13.17 -73.41 0.54
N SER B 241 14.42 -73.35 0.11
CA SER B 241 15.57 -73.31 1.02
C SER B 241 15.60 -71.99 1.77
N LYS B 242 16.39 -71.96 2.86
CA LYS B 242 16.58 -70.73 3.60
C LYS B 242 17.39 -69.72 2.79
N ALA B 243 18.29 -70.21 1.94
CA ALA B 243 19.05 -69.32 1.05
C ALA B 243 18.15 -68.70 -0.01
N VAL B 244 17.26 -69.49 -0.60
CA VAL B 244 16.35 -68.99 -1.62
C VAL B 244 15.35 -68.01 -1.01
N ALA B 245 14.86 -68.33 0.19
CA ALA B 245 13.94 -67.43 0.88
C ALA B 245 14.63 -66.14 1.30
N ALA B 246 15.90 -66.22 1.67
CA ALA B 246 16.62 -65.00 2.05
C ALA B 246 16.96 -64.16 0.84
N LYS B 247 17.19 -64.79 -0.32
CA LYS B 247 17.39 -64.01 -1.54
C LYS B 247 16.10 -63.34 -1.98
N VAL B 248 14.96 -64.00 -1.78
CA VAL B 248 13.66 -63.39 -2.06
C VAL B 248 13.43 -62.19 -1.15
N ILE B 249 13.76 -62.35 0.14
CA ILE B 249 13.62 -61.26 1.12
C ILE B 249 14.54 -60.10 0.78
N ALA B 250 15.76 -60.39 0.34
CA ALA B 250 16.71 -59.33 0.02
C ALA B 250 16.31 -58.59 -1.26
N THR B 251 15.75 -59.30 -2.24
CA THR B 251 15.26 -58.67 -3.45
C THR B 251 14.07 -57.74 -3.17
N ARG B 252 13.10 -58.24 -2.40
CA ARG B 252 11.94 -57.44 -2.04
C ARG B 252 12.32 -56.24 -1.17
N ARG B 253 13.29 -56.43 -0.28
CA ARG B 253 13.75 -55.37 0.58
C ARG B 253 14.50 -54.29 -0.20
N ALA B 254 15.30 -54.70 -1.19
CA ALA B 254 16.01 -53.74 -2.01
C ALA B 254 15.07 -52.95 -2.92
N GLU B 255 14.01 -53.60 -3.43
CA GLU B 255 13.10 -52.85 -4.29
C GLU B 255 12.23 -51.88 -3.49
N VAL B 256 11.88 -52.23 -2.24
CA VAL B 256 11.11 -51.30 -1.43
C VAL B 256 12.00 -50.15 -0.94
N HIS B 257 13.28 -50.44 -0.68
CA HIS B 257 14.21 -49.36 -0.36
C HIS B 257 14.46 -48.45 -1.55
N GLU B 258 14.43 -49.01 -2.76
CA GLU B 258 14.51 -48.20 -3.97
C GLU B 258 13.30 -47.29 -4.12
N ARG B 259 12.11 -47.80 -3.76
CA ARG B 259 10.91 -46.95 -3.77
C ARG B 259 11.01 -45.83 -2.74
N LEU B 260 11.58 -46.12 -1.57
CA LEU B 260 11.76 -45.08 -0.55
C LEU B 260 12.74 -44.00 -1.01
N LEU B 261 13.84 -44.40 -1.65
CA LEU B 261 14.81 -43.44 -2.16
C LEU B 261 14.22 -42.59 -3.27
N LYS B 262 13.38 -43.19 -4.13
CA LYS B 262 12.72 -42.41 -5.18
C LYS B 262 11.72 -41.43 -4.60
N LEU B 263 11.00 -41.85 -3.55
CA LEU B 263 10.05 -40.97 -2.88
C LEU B 263 10.73 -39.76 -2.28
N TRP B 264 11.82 -39.96 -1.55
CA TRP B 264 12.48 -38.81 -0.97
C TRP B 264 13.25 -37.99 -2.01
N ALA B 265 13.65 -38.63 -3.12
CA ALA B 265 14.32 -37.91 -4.19
C ALA B 265 13.37 -36.92 -4.87
N LYS B 266 12.10 -37.31 -5.04
CA LYS B 266 11.13 -36.38 -5.63
C LYS B 266 10.90 -35.15 -4.75
N ARG B 267 10.72 -35.36 -3.45
CA ARG B 267 10.44 -34.25 -2.54
C ARG B 267 11.65 -33.37 -2.32
N LEU B 268 12.86 -33.93 -2.41
CA LEU B 268 14.04 -33.10 -2.24
C LEU B 268 14.47 -32.49 -3.57
N LEU B 269 13.92 -32.96 -4.68
CA LEU B 269 14.11 -32.26 -5.94
C LEU B 269 13.19 -31.05 -6.03
N VAL B 270 11.95 -31.19 -5.55
CA VAL B 270 11.05 -30.05 -5.55
C VAL B 270 11.44 -29.05 -4.47
N SER B 271 11.73 -29.52 -3.27
CA SER B 271 12.05 -28.62 -2.17
C SER B 271 13.12 -29.22 -1.26
N PRO B 272 14.39 -28.87 -1.45
CA PRO B 272 15.45 -29.49 -0.64
C PRO B 272 15.52 -29.02 0.79
N GLU B 273 14.78 -27.95 1.15
CA GLU B 273 14.77 -27.43 2.50
C GLU B 273 14.24 -28.42 3.53
N LEU B 274 13.50 -29.45 3.09
CA LEU B 274 13.06 -30.54 3.96
C LEU B 274 14.23 -31.27 4.62
N ALA B 275 15.43 -31.15 4.05
CA ALA B 275 16.61 -31.78 4.64
C ALA B 275 17.12 -31.05 5.88
N ILE B 276 16.59 -29.88 6.24
CA ILE B 276 17.12 -29.21 7.42
C ILE B 276 16.36 -29.63 8.67
N VAL B 277 15.20 -30.24 8.50
CA VAL B 277 14.44 -30.83 9.61
C VAL B 277 14.79 -32.30 9.67
N PRO B 278 15.44 -32.79 10.73
CA PRO B 278 15.73 -34.22 10.83
C PRO B 278 14.47 -35.06 10.95
N LEU B 279 14.57 -36.33 10.54
CA LEU B 279 13.39 -37.16 10.39
C LEU B 279 12.79 -37.54 11.74
N ASN B 280 13.61 -37.63 12.78
CA ASN B 280 13.10 -38.03 14.08
C ASN B 280 12.44 -36.88 14.80
N GLU B 281 12.88 -35.64 14.53
CA GLU B 281 12.34 -34.48 15.21
C GLU B 281 11.00 -34.01 14.64
N PHE B 282 10.60 -34.54 13.47
CA PHE B 282 9.51 -33.95 12.69
C PHE B 282 8.18 -34.04 13.42
N ASP B 283 7.87 -35.20 13.99
CA ASP B 283 6.63 -35.36 14.76
C ASP B 283 6.62 -34.49 16.00
N ALA B 284 7.80 -34.13 16.52
CA ALA B 284 7.86 -33.23 17.67
C ALA B 284 7.55 -31.79 17.29
N GLN B 285 7.38 -31.49 16.01
CA GLN B 285 7.04 -30.12 15.62
C GLN B 285 5.53 -29.93 15.52
N LEU B 286 4.79 -30.99 15.24
CA LEU B 286 3.39 -30.89 14.86
C LEU B 286 2.51 -30.51 16.05
N ALA B 287 1.30 -30.03 15.72
CA ALA B 287 0.26 -29.80 16.71
C ALA B 287 -1.08 -30.09 16.05
N SER B 288 -2.15 -29.94 16.82
CA SER B 288 -3.48 -30.22 16.29
C SER B 288 -3.90 -29.16 15.28
N LYS B 289 -3.66 -27.89 15.58
CA LYS B 289 -3.89 -26.80 14.65
C LYS B 289 -2.56 -26.36 14.06
N PHE B 290 -2.62 -25.73 12.88
CA PHE B 290 -1.40 -25.36 12.18
C PHE B 290 -0.67 -24.22 12.88
N GLU B 291 -1.40 -23.33 13.55
CA GLU B 291 -0.76 -22.20 14.20
C GLU B 291 0.00 -22.62 15.45
N GLY B 292 -0.31 -23.79 16.00
CA GLY B 292 0.41 -24.30 17.15
C GLY B 292 1.62 -25.14 16.84
N ILE B 293 1.99 -25.26 15.56
CA ILE B 293 3.18 -26.02 15.19
C ILE B 293 4.41 -25.25 15.65
N SER B 294 5.40 -25.98 16.19
CA SER B 294 6.55 -25.40 16.87
C SER B 294 7.36 -24.50 15.95
N PRO B 295 7.72 -23.30 16.38
CA PRO B 295 8.42 -22.37 15.48
C PRO B 295 9.93 -22.54 15.48
N LYS B 296 10.40 -23.70 15.97
CA LYS B 296 11.83 -23.99 15.98
C LYS B 296 12.40 -24.06 14.57
N TYR B 297 11.64 -24.62 13.64
CA TYR B 297 12.14 -24.81 12.29
C TYR B 297 11.43 -23.96 11.24
N GLN B 298 10.35 -23.24 11.60
CA GLN B 298 9.49 -22.58 10.62
C GLN B 298 10.24 -21.49 9.85
N GLU B 299 10.84 -20.54 10.58
CA GLU B 299 11.46 -19.40 9.92
C GLU B 299 12.73 -19.80 9.21
N LEU B 300 13.45 -20.79 9.75
CA LEU B 300 14.63 -21.31 9.07
C LEU B 300 14.24 -22.06 7.80
N LEU B 301 13.12 -22.78 7.80
CA LEU B 301 12.68 -23.53 6.62
C LEU B 301 12.24 -22.59 5.51
N SER B 302 11.42 -21.61 5.86
CA SER B 302 10.98 -20.61 4.88
C SER B 302 12.13 -19.73 4.43
N ALA B 303 13.17 -19.58 5.26
CA ALA B 303 14.32 -18.78 4.87
C ALA B 303 15.27 -19.56 3.97
N VAL B 304 15.31 -20.89 4.12
CA VAL B 304 16.11 -21.71 3.23
C VAL B 304 15.39 -21.91 1.89
N ALA B 305 14.06 -21.80 1.90
CA ALA B 305 13.27 -22.08 0.69
C ALA B 305 13.42 -21.01 -0.40
N GLN B 306 14.00 -19.84 -0.07
CA GLN B 306 14.20 -18.82 -1.10
C GLN B 306 15.35 -19.17 -2.04
N GLY B 307 16.31 -19.94 -1.56
CA GLY B 307 17.44 -20.34 -2.39
C GLY B 307 18.74 -19.81 -1.86
N ASN B 308 19.77 -19.89 -2.71
CA ASN B 308 21.14 -19.66 -2.26
C ASN B 308 21.48 -18.17 -2.22
N LYS B 309 20.64 -17.32 -2.80
CA LYS B 309 20.86 -15.89 -2.74
C LYS B 309 19.91 -15.26 -1.75
N THR B 310 20.40 -14.25 -1.03
CA THR B 310 19.56 -13.50 -0.12
C THR B 310 18.64 -12.57 -0.91
N PHE B 311 17.76 -11.88 -0.19
CA PHE B 311 16.83 -10.97 -0.85
C PHE B 311 17.56 -9.77 -1.44
N ALA B 312 18.58 -9.28 -0.74
CA ALA B 312 19.38 -8.19 -1.25
C ALA B 312 20.25 -8.64 -2.42
N GLN B 313 20.70 -9.89 -2.39
CA GLN B 313 21.46 -10.43 -3.51
C GLN B 313 20.59 -10.60 -4.74
N ARG B 314 19.34 -11.04 -4.55
CA ARG B 314 18.42 -11.17 -5.67
C ARG B 314 18.00 -9.79 -6.19
N LEU B 315 17.94 -8.81 -5.30
CA LEU B 315 17.65 -7.44 -5.73
C LEU B 315 18.81 -6.87 -6.53
N ASN B 316 20.04 -7.23 -6.17
CA ASN B 316 21.21 -6.74 -6.90
C ASN B 316 21.25 -7.27 -8.32
N SER B 317 20.70 -8.45 -8.56
CA SER B 317 20.66 -9.04 -9.88
C SER B 317 19.42 -8.65 -10.68
N SER B 318 18.50 -7.91 -10.07
CA SER B 318 17.29 -7.45 -10.71
C SER B 318 17.62 -6.39 -11.76
N PRO B 319 16.73 -6.16 -12.73
CA PRO B 319 17.02 -5.13 -13.75
C PRO B 319 17.10 -3.72 -13.22
N ALA B 320 16.44 -3.41 -12.11
CA ALA B 320 16.37 -2.04 -11.64
C ALA B 320 17.70 -1.58 -11.05
N PHE B 321 18.53 -2.51 -10.59
CA PHE B 321 19.87 -2.16 -10.18
C PHE B 321 20.86 -2.23 -11.34
N SER B 322 20.40 -2.54 -12.54
CA SER B 322 21.18 -2.35 -13.74
C SER B 322 20.84 -1.06 -14.46
N SER B 323 19.84 -0.33 -13.97
CA SER B 323 19.52 0.99 -14.49
C SER B 323 20.58 1.99 -14.07
N PHE B 324 20.61 3.12 -14.78
CA PHE B 324 21.77 4.02 -14.75
C PHE B 324 21.95 4.68 -13.39
N LEU B 325 20.86 5.06 -12.74
CA LEU B 325 20.96 5.78 -11.48
C LEU B 325 21.33 4.85 -10.34
N LEU B 326 21.19 3.55 -10.55
CA LEU B 326 21.45 2.55 -9.52
C LEU B 326 22.51 1.53 -9.91
N LYS B 327 23.45 1.90 -10.78
CA LYS B 327 24.51 0.97 -11.17
C LYS B 327 25.48 0.72 -10.02
N ARG B 328 25.82 1.77 -9.28
CA ARG B 328 26.81 1.69 -8.23
C ARG B 328 26.20 1.49 -6.85
N GLU B 329 24.87 1.50 -6.74
CA GLU B 329 24.23 1.24 -5.46
C GLU B 329 24.12 -0.25 -5.22
N LYS B 330 24.00 -0.62 -3.95
CA LYS B 330 23.84 -1.99 -3.52
C LYS B 330 22.59 -2.10 -2.67
N ALA B 331 21.89 -3.23 -2.79
CA ALA B 331 20.66 -3.41 -2.04
C ALA B 331 20.96 -3.72 -0.57
N GLU B 332 22.18 -4.18 -0.28
CA GLU B 332 22.56 -4.45 1.11
C GLU B 332 22.75 -3.16 1.90
N SER B 333 22.98 -2.04 1.21
CA SER B 333 23.25 -0.77 1.90
C SER B 333 21.98 -0.20 2.53
N GLU B 334 20.81 -0.49 1.94
CA GLU B 334 19.58 0.04 2.52
C GLU B 334 19.14 -0.80 3.71
N VAL B 335 18.80 -2.06 3.47
CA VAL B 335 18.49 -2.98 4.56
C VAL B 335 19.48 -4.14 4.48
N PRO B 336 20.37 -4.29 5.46
CA PRO B 336 21.33 -5.39 5.41
C PRO B 336 20.65 -6.72 5.70
N PRO B 337 21.16 -7.82 5.15
CA PRO B 337 20.56 -9.12 5.45
C PRO B 337 20.88 -9.55 6.87
N SER B 338 19.87 -10.11 7.54
CA SER B 338 20.08 -10.68 8.86
C SER B 338 20.91 -11.96 8.75
N GLU B 339 21.46 -12.38 9.89
CA GLU B 339 22.37 -13.53 9.86
C GLU B 339 21.60 -14.83 9.65
N LEU B 340 20.33 -14.86 10.04
CA LEU B 340 19.49 -16.00 9.70
C LEU B 340 19.28 -16.09 8.20
N GLU B 341 19.13 -14.94 7.53
CA GLU B 341 19.03 -14.92 6.07
C GLU B 341 20.33 -15.36 5.41
N LEU B 342 21.47 -14.94 5.97
CA LEU B 342 22.77 -15.30 5.38
C LEU B 342 23.08 -16.77 5.58
N GLU B 343 22.82 -17.29 6.78
CA GLU B 343 23.08 -18.71 7.03
C GLU B 343 22.05 -19.58 6.34
N ALA B 344 20.86 -19.03 6.05
CA ALA B 344 19.88 -19.77 5.27
C ALA B 344 20.26 -19.81 3.80
N ALA B 345 20.86 -18.73 3.29
CA ALA B 345 21.37 -18.74 1.93
C ALA B 345 22.54 -19.71 1.80
N GLN B 346 23.42 -19.74 2.81
CA GLN B 346 24.51 -20.72 2.86
C GLN B 346 23.99 -22.15 2.93
N LYS B 347 22.99 -22.39 3.78
CA LYS B 347 22.44 -23.72 3.96
C LYS B 347 21.67 -24.17 2.74
N ALA B 348 21.04 -23.25 2.02
CA ALA B 348 20.37 -23.58 0.78
C ALA B 348 21.38 -23.86 -0.33
N ALA B 349 22.50 -23.13 -0.32
CA ALA B 349 23.56 -23.40 -1.29
C ALA B 349 24.20 -24.76 -1.04
N GLU B 350 24.23 -25.21 0.22
CA GLU B 350 24.72 -26.55 0.52
C GLU B 350 23.76 -27.62 0.04
N LEU B 351 22.48 -27.29 -0.08
CA LEU B 351 21.46 -28.27 -0.42
C LEU B 351 20.97 -28.19 -1.85
N GLU B 352 21.61 -27.40 -2.72
CA GLU B 352 21.18 -27.37 -4.12
C GLU B 352 21.61 -28.65 -4.83
N ASP B 353 22.63 -29.32 -4.32
CA ASP B 353 22.93 -30.67 -4.75
C ASP B 353 21.88 -31.61 -4.18
N PRO B 354 21.09 -32.29 -5.00
CA PRO B 354 20.00 -33.11 -4.46
C PRO B 354 20.50 -34.38 -3.81
N GLU B 355 21.66 -34.86 -4.24
CA GLU B 355 22.26 -36.05 -3.63
C GLU B 355 22.73 -35.76 -2.21
N VAL B 356 23.30 -34.56 -2.01
CA VAL B 356 23.72 -34.14 -0.66
C VAL B 356 22.51 -33.97 0.25
N ALA B 357 21.40 -33.47 -0.30
CA ALA B 357 20.17 -33.35 0.48
C ALA B 357 19.59 -34.71 0.84
N LEU B 358 19.65 -35.67 -0.11
CA LEU B 358 19.24 -37.04 0.18
C LEU B 358 20.07 -37.67 1.28
N ARG B 359 21.39 -37.53 1.20
CA ARG B 359 22.26 -38.14 2.20
C ARG B 359 22.08 -37.48 3.55
N THR B 360 21.92 -36.17 3.58
CA THR B 360 21.72 -35.43 4.84
C THR B 360 20.41 -35.83 5.50
N LEU B 361 19.34 -35.95 4.72
CA LEU B 361 18.04 -36.25 5.30
C LEU B 361 17.94 -37.72 5.71
N LEU B 362 18.49 -38.62 4.90
CA LEU B 362 18.22 -40.05 5.12
C LEU B 362 19.28 -40.68 6.01
N GLY B 363 20.56 -40.33 5.82
CA GLY B 363 21.62 -40.81 6.68
C GLY B 363 21.91 -42.28 6.50
N PRO B 364 21.63 -43.07 7.54
CA PRO B 364 21.80 -44.53 7.44
C PRO B 364 20.74 -45.23 6.64
N GLN B 365 19.66 -44.55 6.27
CA GLN B 365 18.63 -45.11 5.41
C GLN B 365 18.96 -45.00 3.93
N MET B 366 20.19 -44.60 3.58
CA MET B 366 20.58 -44.56 2.18
C MET B 366 20.86 -45.96 1.65
N GLU B 367 21.12 -46.91 2.54
CA GLU B 367 21.28 -48.30 2.19
C GLU B 367 20.12 -49.11 2.73
N ALA B 368 19.87 -50.26 2.11
CA ALA B 368 18.78 -51.13 2.53
C ALA B 368 19.10 -51.79 3.87
N LEU B 369 18.09 -52.46 4.43
CA LEU B 369 18.17 -52.99 5.79
C LEU B 369 19.19 -54.11 5.91
N GLY B 370 19.20 -55.04 4.96
CA GLY B 370 20.20 -56.10 4.98
C GLY B 370 21.49 -55.70 4.29
N ALA B 371 21.39 -54.99 3.17
CA ALA B 371 22.53 -54.70 2.31
C ALA B 371 23.34 -53.56 2.89
N SER B 372 24.33 -53.92 3.72
CA SER B 372 25.25 -52.96 4.30
C SER B 372 26.52 -53.70 4.70
N ASP B 373 27.46 -52.95 5.28
CA ASP B 373 28.66 -53.59 5.81
C ASP B 373 28.48 -53.93 7.29
N LEU B 374 27.66 -53.17 7.99
CA LEU B 374 27.36 -53.46 9.38
C LEU B 374 26.38 -54.62 9.49
N LEU B 375 26.42 -55.31 10.63
CA LEU B 375 25.54 -56.43 10.88
C LEU B 375 24.10 -55.95 11.04
N LEU B 376 23.16 -56.90 10.91
CA LEU B 376 21.75 -56.54 10.86
C LEU B 376 21.26 -56.00 12.21
N SER B 377 21.81 -56.50 13.31
CA SER B 377 21.51 -55.91 14.61
C SER B 377 22.07 -54.49 14.72
N GLU B 378 23.30 -54.30 14.25
CA GLU B 378 23.91 -52.97 14.26
C GLU B 378 23.21 -52.03 13.29
N GLN B 379 22.80 -52.55 12.13
CA GLN B 379 22.09 -51.73 11.15
C GLN B 379 20.72 -51.32 11.66
N ILE B 380 20.02 -52.24 12.33
CA ILE B 380 18.71 -51.92 12.90
C ILE B 380 18.86 -50.91 14.03
N ARG B 381 19.94 -51.03 14.81
CA ARG B 381 20.22 -50.07 15.87
C ARG B 381 20.48 -48.66 15.32
N VAL B 382 21.28 -48.56 14.26
CA VAL B 382 21.63 -47.26 13.71
C VAL B 382 20.44 -46.63 12.99
N ILE B 383 19.66 -47.44 12.27
CA ILE B 383 18.47 -46.95 11.58
C ILE B 383 17.40 -46.51 12.58
N THR B 384 17.24 -47.25 13.67
CA THR B 384 16.25 -46.88 14.68
C THR B 384 16.68 -45.63 15.44
N GLU B 385 17.98 -45.46 15.64
CA GLU B 385 18.47 -44.22 16.24
C GLU B 385 18.25 -43.03 15.31
N HIS B 386 18.34 -43.25 14.00
CA HIS B 386 18.13 -42.16 13.06
C HIS B 386 16.65 -41.83 12.88
N ARG B 387 15.78 -42.83 12.93
CA ARG B 387 14.38 -42.60 12.57
C ARG B 387 13.57 -42.03 13.73
N TYR B 388 13.91 -42.40 14.95
CA TYR B 388 13.13 -42.00 16.12
C TYR B 388 14.06 -41.44 17.18
N THR B 389 13.49 -40.68 18.06
CA THR B 389 14.10 -40.15 19.26
C THR B 389 13.85 -41.10 20.42
N PRO B 390 14.74 -41.13 21.46
CA PRO B 390 14.62 -42.14 22.53
C PRO B 390 13.33 -42.18 23.32
N ASP B 391 12.54 -41.10 23.30
CA ASP B 391 11.28 -41.11 24.03
C ASP B 391 10.19 -41.83 23.26
N ARG B 392 10.43 -42.16 22.00
CA ARG B 392 9.39 -42.76 21.17
C ARG B 392 9.18 -44.23 21.52
N LEU B 393 7.98 -44.72 21.24
CA LEU B 393 7.68 -46.14 21.36
C LEU B 393 8.52 -46.95 20.40
N GLN B 394 8.61 -46.49 19.15
CA GLN B 394 9.19 -47.31 18.09
C GLN B 394 10.71 -47.32 18.20
N TYR B 395 11.29 -46.34 18.89
CA TYR B 395 12.68 -46.44 19.30
C TYR B 395 12.90 -47.64 20.22
N LYS B 396 12.06 -47.79 21.24
CA LYS B 396 12.20 -48.87 22.20
C LYS B 396 11.94 -50.23 21.53
N GLU B 397 10.94 -50.27 20.65
CA GLU B 397 10.63 -51.52 19.95
C GLU B 397 11.73 -51.89 18.96
N GLY B 398 12.36 -50.89 18.33
CA GLY B 398 13.45 -51.18 17.42
C GLY B 398 14.71 -51.61 18.15
N MET B 399 14.94 -51.07 19.35
CA MET B 399 16.09 -51.51 20.14
C MET B 399 15.89 -52.93 20.66
N LYS B 400 14.67 -53.28 21.07
CA LYS B 400 14.40 -54.66 21.48
C LYS B 400 14.49 -55.62 20.30
N LEU B 401 14.06 -55.17 19.11
CA LEU B 401 14.22 -55.97 17.90
C LEU B 401 15.69 -56.16 17.55
N ALA B 402 16.51 -55.12 17.76
CA ALA B 402 17.94 -55.23 17.52
C ALA B 402 18.58 -56.21 18.50
N ASP B 403 18.08 -56.25 19.74
CA ASP B 403 18.57 -57.23 20.71
C ASP B 403 18.23 -58.66 20.28
N LYS B 404 17.02 -58.87 19.76
CA LYS B 404 16.64 -60.21 19.29
C LYS B 404 17.44 -60.63 18.07
N ILE B 405 17.71 -59.69 17.16
CA ILE B 405 18.52 -60.00 15.99
C ILE B 405 19.97 -60.27 16.40
N ALA B 406 20.46 -59.58 17.43
CA ALA B 406 21.79 -59.86 17.94
C ALA B 406 21.88 -61.22 18.60
N ALA B 407 20.78 -61.67 19.24
CA ALA B 407 20.73 -63.03 19.77
C ALA B 407 20.79 -64.05 18.64
N GLN B 408 20.07 -63.81 17.54
CA GLN B 408 20.14 -64.69 16.38
C GLN B 408 21.53 -64.71 15.75
N GLU B 409 22.21 -63.55 15.75
CA GLU B 409 23.56 -63.51 15.19
C GLU B 409 24.57 -64.22 16.09
N ALA B 410 24.37 -64.15 17.40
CA ALA B 410 25.24 -64.89 18.32
C ALA B 410 25.05 -66.40 18.15
N ALA B 411 23.81 -66.83 17.95
CA ALA B 411 23.55 -68.25 17.70
C ALA B 411 24.16 -68.71 16.37
N LEU B 412 24.04 -67.88 15.33
CA LEU B 412 24.61 -68.22 14.03
C LEU B 412 26.14 -68.25 14.09
N LYS B 413 26.75 -67.33 14.84
CA LYS B 413 28.18 -67.34 15.07
C LYS B 413 28.63 -68.58 15.82
N GLU B 414 27.83 -69.03 16.79
CA GLU B 414 28.17 -70.26 17.52
C GLU B 414 28.10 -71.48 16.61
N GLU B 415 27.10 -71.55 15.73
CA GLU B 415 27.03 -72.72 14.85
C GLU B 415 28.01 -72.62 13.68
N LEU B 416 28.57 -71.45 13.43
CA LEU B 416 29.51 -71.34 12.31
C LEU B 416 30.96 -71.36 12.78
N LYS B 417 31.17 -71.20 14.08
CA LYS B 417 32.52 -71.26 14.64
C LYS B 417 33.09 -72.67 14.57
N VAL B 418 32.21 -73.68 14.47
CA VAL B 418 32.63 -75.07 14.35
C VAL B 418 33.32 -75.31 13.01
N ILE B 419 32.83 -74.65 11.96
CA ILE B 419 33.27 -74.99 10.62
C ILE B 419 34.26 -73.97 10.08
N TYR B 420 34.01 -72.68 10.30
CA TYR B 420 34.79 -71.64 9.66
C TYR B 420 35.80 -70.99 10.60
N GLY B 421 36.01 -71.54 11.79
CA GLY B 421 36.94 -70.95 12.72
C GLY B 421 36.31 -69.85 13.56
N ASP B 422 37.15 -69.25 14.40
CA ASP B 422 36.67 -68.23 15.32
C ASP B 422 36.36 -66.92 14.60
N ASN B 423 37.23 -66.52 13.67
CA ASN B 423 37.03 -65.28 12.92
C ASN B 423 36.18 -65.53 11.68
N VAL B 424 34.93 -65.92 11.93
CA VAL B 424 33.96 -66.15 10.88
C VAL B 424 33.22 -64.84 10.60
N ASP B 425 33.00 -64.55 9.33
CA ASP B 425 32.19 -63.39 8.93
C ASP B 425 30.73 -63.77 9.07
N VAL B 426 30.14 -63.45 10.23
CA VAL B 426 28.75 -63.82 10.49
C VAL B 426 27.80 -62.94 9.69
N LYS B 427 28.28 -61.77 9.26
CA LYS B 427 27.49 -60.90 8.39
C LYS B 427 27.29 -61.54 7.03
N HIS B 428 28.31 -62.25 6.54
CA HIS B 428 28.25 -62.89 5.22
C HIS B 428 27.21 -63.99 5.19
N PHE B 429 27.08 -64.75 6.28
CA PHE B 429 26.16 -65.87 6.28
C PHE B 429 24.80 -65.48 6.84
N GLN B 430 24.72 -64.31 7.48
CA GLN B 430 23.40 -63.77 7.78
C GLN B 430 22.77 -63.17 6.53
N ALA B 431 23.56 -62.46 5.73
CA ALA B 431 23.06 -61.92 4.47
C ALA B 431 22.76 -63.02 3.47
N SER B 432 23.63 -64.02 3.38
CA SER B 432 23.42 -65.18 2.51
C SER B 432 23.52 -66.44 3.35
N PRO B 433 22.38 -66.94 3.87
CA PRO B 433 22.36 -68.26 4.53
C PRO B 433 22.81 -69.38 3.62
N ARG B 434 23.29 -70.47 4.22
CA ARG B 434 23.95 -71.50 3.44
C ARG B 434 22.95 -72.38 2.72
N THR B 435 23.38 -72.88 1.57
CA THR B 435 22.68 -73.89 0.80
C THR B 435 22.67 -75.20 1.59
N PRO B 436 21.69 -76.07 1.35
CA PRO B 436 21.86 -77.47 1.78
C PRO B 436 23.10 -78.13 1.19
N VAL B 437 23.47 -77.77 -0.03
CA VAL B 437 24.69 -78.27 -0.65
C VAL B 437 25.92 -77.70 0.06
N GLN B 438 25.86 -76.43 0.46
CA GLN B 438 26.97 -75.84 1.18
C GLN B 438 27.11 -76.43 2.58
N GLN B 439 25.98 -76.77 3.21
CA GLN B 439 26.02 -77.45 4.50
C GLN B 439 26.56 -78.87 4.36
N LEU B 440 26.25 -79.53 3.23
CA LEU B 440 26.84 -80.82 2.90
C LEU B 440 28.36 -80.75 2.82
N PHE B 441 28.87 -79.79 2.06
CA PHE B 441 30.32 -79.72 1.90
C PHE B 441 31.01 -79.19 3.15
N ASP B 442 30.31 -78.43 3.98
CA ASP B 442 30.85 -78.03 5.27
C ASP B 442 30.93 -79.20 6.22
N SER B 443 29.96 -80.12 6.14
CA SER B 443 30.03 -81.33 6.94
C SER B 443 31.12 -82.27 6.42
N LEU B 444 31.32 -82.30 5.10
CA LEU B 444 32.35 -83.16 4.53
C LEU B 444 33.75 -82.62 4.78
N LYS B 445 33.86 -81.31 5.02
CA LYS B 445 35.17 -80.72 5.26
C LYS B 445 35.73 -81.14 6.62
N ASN B 446 34.88 -81.26 7.62
CA ASN B 446 35.30 -81.59 8.96
C ASN B 446 35.08 -83.06 9.33
N ALA B 447 34.80 -83.93 8.35
CA ALA B 447 34.36 -85.29 8.65
C ALA B 447 35.49 -86.15 9.19
N ALA B 448 36.71 -85.96 8.66
CA ALA B 448 37.84 -86.77 9.12
C ALA B 448 38.26 -86.37 10.53
N ALA B 449 38.24 -85.08 10.84
CA ALA B 449 38.53 -84.63 12.20
C ALA B 449 37.45 -85.08 13.17
N ASN B 450 36.20 -85.14 12.72
CA ASN B 450 35.12 -85.64 13.57
C ASN B 450 35.29 -87.12 13.87
N LYS B 451 35.66 -87.91 12.84
CA LYS B 451 35.89 -89.34 13.04
C LYS B 451 37.07 -89.61 13.96
N GLU B 452 38.17 -88.87 13.77
CA GLU B 452 39.35 -89.06 14.61
C GLU B 452 39.11 -88.60 16.04
N ARG B 453 38.40 -87.49 16.22
CA ARG B 453 38.10 -87.01 17.56
C ARG B 453 37.11 -87.94 18.27
N ALA B 454 36.19 -88.55 17.53
CA ALA B 454 35.30 -89.54 18.12
C ALA B 454 36.04 -90.80 18.53
N ALA B 455 37.02 -91.23 17.72
CA ALA B 455 37.81 -92.40 18.08
C ALA B 455 38.65 -92.14 19.32
N LYS B 456 39.26 -90.96 19.43
CA LYS B 456 40.07 -90.68 20.61
C LYS B 456 39.21 -90.40 21.84
N GLU B 457 37.98 -89.90 21.64
CA GLU B 457 37.08 -89.72 22.77
C GLU B 457 36.54 -91.05 23.27
N ALA B 458 36.29 -91.99 22.36
CA ALA B 458 35.87 -93.32 22.77
C ALA B 458 37.01 -94.09 23.42
N ALA B 459 38.25 -93.77 23.04
CA ALA B 459 39.39 -94.32 23.76
C ALA B 459 39.53 -93.68 25.14
N ALA B 460 39.16 -92.40 25.26
CA ALA B 460 39.37 -91.69 26.53
C ALA B 460 38.19 -91.88 27.47
N ALA B 461 37.11 -92.52 27.00
CA ALA B 461 35.92 -92.69 27.82
C ALA B 461 36.14 -93.71 28.91
N ALA B 462 35.53 -93.46 30.07
CA ALA B 462 35.69 -94.33 31.23
C ALA B 462 34.99 -95.66 31.02
N SER B 463 33.71 -95.62 30.69
CA SER B 463 32.93 -96.82 30.43
C SER B 463 33.11 -97.24 28.99
N PRO B 464 32.92 -98.53 28.68
CA PRO B 464 32.67 -98.90 27.29
C PRO B 464 31.26 -98.57 26.84
N TYR B 465 30.33 -98.39 27.80
CA TYR B 465 29.02 -97.84 27.48
C TYR B 465 29.13 -96.42 26.94
N LEU B 466 29.94 -95.59 27.58
CA LEU B 466 30.16 -94.22 27.11
C LEU B 466 30.90 -94.21 25.78
N ALA B 467 31.78 -95.19 25.55
CA ALA B 467 32.47 -95.30 24.27
C ALA B 467 31.50 -95.63 23.15
N TYR B 468 30.58 -96.58 23.41
CA TYR B 468 29.53 -96.89 22.43
C TYR B 468 28.63 -95.69 22.19
N ALA B 469 28.32 -94.93 23.26
CA ALA B 469 27.46 -93.75 23.10
C ALA B 469 28.14 -92.68 22.27
N VAL B 470 29.45 -92.49 22.45
CA VAL B 470 30.19 -91.49 21.69
C VAL B 470 30.26 -91.88 20.22
N THR B 471 30.58 -93.15 19.93
CA THR B 471 30.68 -93.56 18.53
C THR B 471 29.31 -93.60 17.85
N LYS B 472 28.24 -93.93 18.58
CA LYS B 472 26.92 -93.94 17.99
C LYS B 472 26.43 -92.52 17.73
N LYS B 473 26.70 -91.61 18.66
CA LYS B 473 26.33 -90.21 18.48
C LYS B 473 27.08 -89.58 17.30
N GLN B 474 28.36 -89.91 17.14
CA GLN B 474 29.08 -89.37 15.99
C GLN B 474 28.68 -90.08 14.69
N GLU B 475 28.26 -91.34 14.77
CA GLU B 475 27.78 -92.02 13.57
C GLU B 475 26.48 -91.40 13.07
N VAL B 476 25.63 -90.95 13.99
CA VAL B 476 24.42 -90.26 13.57
C VAL B 476 24.72 -88.84 13.11
N GLN B 477 25.64 -88.15 13.79
CA GLN B 477 25.93 -86.76 13.45
C GLN B 477 26.76 -86.65 12.18
N ALA B 478 27.49 -87.71 11.81
CA ALA B 478 28.43 -87.63 10.70
C ALA B 478 27.71 -87.68 9.36
N ASP B 479 26.54 -88.30 9.33
CA ASP B 479 25.75 -88.36 8.11
C ASP B 479 25.12 -87.00 7.85
N PRO B 480 25.42 -86.36 6.71
CA PRO B 480 24.79 -85.07 6.41
C PRO B 480 23.33 -85.19 6.02
N SER B 481 22.86 -86.41 5.74
CA SER B 481 21.44 -86.66 5.59
C SER B 481 20.68 -86.49 6.90
N ASN B 482 21.37 -86.53 8.04
CA ASN B 482 20.73 -86.35 9.34
C ASN B 482 20.69 -84.89 9.78
N ILE B 483 21.07 -83.95 8.92
CA ILE B 483 21.02 -82.54 9.23
C ILE B 483 19.56 -82.10 9.23
N PRO B 484 19.05 -81.56 10.33
CA PRO B 484 17.61 -81.25 10.43
C PRO B 484 17.21 -79.97 9.72
N PHE B 485 16.92 -80.06 8.42
CA PHE B 485 16.47 -78.90 7.65
C PHE B 485 15.03 -78.57 8.00
N ASP B 486 14.81 -77.32 8.42
CA ASP B 486 13.46 -76.90 8.84
C ASP B 486 12.52 -76.81 7.65
N GLU B 487 13.05 -76.50 6.47
CA GLU B 487 12.21 -76.35 5.28
C GLU B 487 11.76 -77.70 4.76
N VAL B 488 12.48 -78.76 5.11
CA VAL B 488 12.11 -80.11 4.68
C VAL B 488 11.19 -80.75 5.71
N LEU B 489 11.49 -80.52 6.99
CA LEU B 489 10.66 -81.05 8.07
C LEU B 489 9.31 -80.35 8.11
N TYR B 490 9.31 -79.03 7.98
CA TYR B 490 8.12 -78.21 8.06
C TYR B 490 8.11 -77.23 6.89
N PRO B 491 7.53 -77.59 5.75
CA PRO B 491 7.55 -76.71 4.59
C PRO B 491 6.63 -75.51 4.75
N GLN B 492 5.46 -75.76 5.34
CA GLN B 492 4.47 -74.71 5.54
C GLN B 492 4.95 -73.69 6.57
N LEU B 493 5.70 -74.15 7.57
CA LEU B 493 6.23 -73.23 8.57
C LEU B 493 7.32 -72.33 7.99
N SER B 494 8.14 -72.87 7.09
CA SER B 494 9.15 -72.06 6.43
C SER B 494 8.51 -71.06 5.47
N GLU B 495 7.46 -71.49 4.75
CA GLU B 495 6.59 -70.60 3.99
C GLU B 495 6.10 -69.43 4.82
N GLU B 496 5.68 -69.70 6.05
CA GLU B 496 5.05 -68.65 6.83
C GLU B 496 6.07 -67.74 7.52
N LEU B 497 7.27 -68.25 7.78
CA LEU B 497 8.36 -67.36 8.21
C LEU B 497 8.75 -66.39 7.09
N LEU B 498 8.83 -66.92 5.86
CA LEU B 498 9.12 -66.07 4.70
C LEU B 498 8.02 -65.04 4.48
N GLU B 499 6.75 -65.44 4.59
CA GLU B 499 5.66 -64.49 4.36
C GLU B 499 5.53 -63.51 5.52
N LEU B 500 6.07 -63.86 6.70
CA LEU B 500 6.13 -62.91 7.81
C LEU B 500 7.06 -61.75 7.49
N GLU B 501 8.29 -62.08 7.06
CA GLU B 501 9.23 -61.04 6.65
C GLU B 501 8.70 -60.24 5.45
N LEU B 502 8.09 -60.94 4.48
CA LEU B 502 7.57 -60.27 3.31
C LEU B 502 6.35 -59.42 3.63
N SER B 503 5.61 -59.77 4.69
CA SER B 503 4.47 -58.95 5.10
C SER B 503 4.92 -57.65 5.73
N ASP B 504 6.02 -57.69 6.49
CA ASP B 504 6.60 -56.44 7.01
C ASP B 504 7.05 -55.52 5.87
N ILE B 505 7.76 -56.10 4.88
CA ILE B 505 8.22 -55.31 3.73
C ILE B 505 7.03 -54.80 2.90
N ARG B 506 5.96 -55.59 2.83
CA ARG B 506 4.77 -55.19 2.09
C ARG B 506 4.03 -54.05 2.78
N GLU B 507 4.03 -54.03 4.12
CA GLU B 507 3.43 -52.91 4.84
C GLU B 507 4.18 -51.61 4.58
N ASP B 508 5.51 -51.69 4.55
CA ASP B 508 6.28 -50.48 4.21
C ASP B 508 6.05 -50.04 2.76
N GLU B 509 5.88 -51.00 1.85
CA GLU B 509 5.60 -50.65 0.46
C GLU B 509 4.20 -50.04 0.30
N ILE B 510 3.25 -50.49 1.10
CA ILE B 510 1.89 -49.92 1.07
C ILE B 510 1.92 -48.49 1.57
N ALA B 511 2.75 -48.21 2.59
CA ALA B 511 2.94 -46.82 3.02
C ALA B 511 3.54 -45.95 1.92
N LEU B 512 4.53 -46.48 1.20
CA LEU B 512 5.13 -45.71 0.11
C LEU B 512 4.17 -45.52 -1.06
N GLU B 513 3.25 -46.47 -1.26
CA GLU B 513 2.25 -46.30 -2.31
C GLU B 513 1.18 -45.30 -1.90
N LYS B 514 0.89 -45.21 -0.61
CA LYS B 514 -0.07 -44.22 -0.13
C LYS B 514 0.51 -42.82 -0.21
N ALA B 515 1.84 -42.69 -0.06
CA ALA B 515 2.44 -41.37 -0.04
C ALA B 515 2.47 -40.73 -1.44
N GLU B 516 2.46 -41.55 -2.49
CA GLU B 516 2.51 -41.01 -3.84
C GLU B 516 1.14 -40.92 -4.49
N GLU B 517 0.07 -40.94 -3.70
CA GLU B 517 -1.27 -40.89 -4.28
C GLU B 517 -1.63 -39.48 -4.71
N GLU B 518 -1.35 -38.48 -3.87
CA GLU B 518 -1.60 -37.08 -4.18
C GLU B 518 -0.34 -36.25 -4.10
N GLU B 519 0.81 -36.80 -4.50
CA GLU B 519 2.07 -36.10 -4.35
C GLU B 519 2.22 -35.01 -5.40
N LEU B 520 1.58 -35.19 -6.56
CA LEU B 520 1.76 -34.24 -7.67
C LEU B 520 1.12 -32.91 -7.34
N TRP B 521 -0.05 -32.93 -6.71
CA TRP B 521 -0.75 -31.69 -6.37
C TRP B 521 -0.02 -30.92 -5.28
N LEU B 522 0.43 -31.60 -4.23
CA LEU B 522 1.14 -30.94 -3.14
C LEU B 522 2.49 -30.41 -3.60
N LEU B 523 3.22 -31.19 -4.40
CA LEU B 523 4.52 -30.74 -4.85
C LEU B 523 4.39 -29.67 -5.92
N THR B 524 3.28 -29.65 -6.68
CA THR B 524 3.04 -28.57 -7.62
C THR B 524 2.72 -27.27 -6.89
N LEU B 525 1.93 -27.36 -5.81
CA LEU B 525 1.68 -26.21 -4.96
C LEU B 525 2.97 -25.66 -4.38
N THR B 526 3.83 -26.54 -3.87
CA THR B 526 5.11 -26.13 -3.29
C THR B 526 6.02 -25.49 -4.33
N GLN B 527 6.12 -26.12 -5.51
CA GLN B 527 6.99 -25.64 -6.58
C GLN B 527 6.53 -24.27 -7.09
N GLN B 528 5.21 -24.12 -7.30
CA GLN B 528 4.68 -22.88 -7.84
C GLN B 528 4.82 -21.74 -6.84
N PHE B 529 4.44 -21.96 -5.57
CA PHE B 529 4.57 -20.88 -4.60
C PHE B 529 6.02 -20.58 -4.29
N LYS B 530 6.90 -21.58 -4.36
CA LYS B 530 8.30 -21.35 -4.11
C LYS B 530 8.92 -20.47 -5.19
N HIS B 531 8.55 -20.71 -6.45
CA HIS B 531 9.03 -19.86 -7.54
C HIS B 531 8.46 -18.44 -7.44
N ILE B 532 7.17 -18.31 -7.09
CA ILE B 532 6.57 -17.00 -6.95
C ILE B 532 7.25 -16.22 -5.83
N GLN B 533 7.37 -16.83 -4.65
CA GLN B 533 7.96 -16.17 -3.49
C GLN B 533 9.43 -15.83 -3.71
N LYS B 534 10.13 -16.66 -4.49
CA LYS B 534 11.51 -16.35 -4.82
C LYS B 534 11.60 -15.13 -5.74
N HIS B 535 10.67 -14.99 -6.69
CA HIS B 535 10.84 -13.95 -7.69
C HIS B 535 9.88 -12.77 -7.60
N PHE B 536 8.86 -12.81 -6.73
CA PHE B 536 7.85 -11.75 -6.71
C PHE B 536 8.42 -10.44 -6.17
N GLY B 537 8.13 -9.36 -6.88
CA GLY B 537 8.60 -8.06 -6.47
C GLY B 537 10.04 -7.78 -6.81
N ILE B 538 10.70 -8.70 -7.52
CA ILE B 538 12.10 -8.51 -7.87
C ILE B 538 12.25 -8.54 -9.38
N ASP B 539 11.95 -9.67 -10.01
CA ASP B 539 12.02 -9.78 -11.46
C ASP B 539 10.98 -10.70 -12.06
N LEU B 540 9.94 -11.08 -11.32
CA LEU B 540 8.96 -12.02 -11.85
C LEU B 540 8.12 -11.36 -12.93
N PRO B 541 8.03 -11.92 -14.13
CA PRO B 541 7.15 -11.36 -15.14
C PRO B 541 5.70 -11.62 -14.81
N HIS B 542 4.82 -10.76 -15.34
CA HIS B 542 3.40 -10.98 -15.19
C HIS B 542 2.92 -12.14 -16.04
N SER B 543 3.66 -12.47 -17.10
CA SER B 543 3.29 -13.60 -17.94
C SER B 543 3.52 -14.92 -17.22
N VAL B 544 4.60 -15.00 -16.43
CA VAL B 544 4.88 -16.21 -15.66
C VAL B 544 3.87 -16.36 -14.53
N VAL B 545 3.42 -15.25 -13.96
CA VAL B 545 2.39 -15.27 -12.94
C VAL B 545 1.05 -15.74 -13.53
N ALA B 546 0.69 -15.20 -14.69
CA ALA B 546 -0.58 -15.58 -15.33
C ALA B 546 -0.52 -16.99 -15.89
N HIS B 547 0.68 -17.48 -16.17
CA HIS B 547 0.82 -18.86 -16.63
C HIS B 547 0.71 -19.84 -15.47
N MET B 548 1.33 -19.52 -14.34
CA MET B 548 1.34 -20.44 -13.21
C MET B 548 -0.02 -20.51 -12.52
N ASP B 549 -0.65 -19.35 -12.31
CA ASP B 549 -1.95 -19.30 -11.66
C ASP B 549 -2.91 -18.53 -12.57
N PRO B 550 -3.48 -19.18 -13.57
CA PRO B 550 -4.42 -18.48 -14.46
C PRO B 550 -5.76 -18.17 -13.82
N LEU B 551 -6.19 -18.96 -12.83
CA LEU B 551 -7.49 -18.73 -12.22
C LEU B 551 -7.45 -17.56 -11.25
N LEU B 552 -6.33 -17.37 -10.55
CA LEU B 552 -6.19 -16.21 -9.69
C LEU B 552 -6.15 -14.92 -10.49
N ILE B 553 -5.47 -14.96 -11.63
CA ILE B 553 -5.43 -13.80 -12.53
C ILE B 553 -6.81 -13.57 -13.13
N LYS B 554 -7.56 -14.64 -13.40
CA LYS B 554 -8.93 -14.52 -13.89
C LYS B 554 -9.83 -13.86 -12.85
N LYS B 555 -9.66 -14.21 -11.58
CA LYS B 555 -10.50 -13.62 -10.53
C LYS B 555 -10.12 -12.16 -10.26
N ILE B 556 -8.83 -11.84 -10.29
CA ILE B 556 -8.40 -10.45 -10.13
C ILE B 556 -8.85 -9.62 -11.32
N ASP B 557 -8.85 -10.20 -12.52
CA ASP B 557 -9.34 -9.50 -13.69
C ASP B 557 -10.85 -9.31 -13.63
N TRP B 558 -11.56 -10.26 -13.02
CA TRP B 558 -12.99 -10.06 -12.78
C TRP B 558 -13.23 -8.89 -11.84
N GLU B 559 -12.40 -8.78 -10.80
CA GLU B 559 -12.53 -7.68 -9.85
C GLU B 559 -12.26 -6.33 -10.52
N THR B 560 -11.24 -6.28 -11.38
CA THR B 560 -10.94 -5.04 -12.08
C THR B 560 -12.03 -4.70 -13.11
N THR B 561 -12.58 -5.73 -13.77
CA THR B 561 -13.59 -5.51 -14.78
C THR B 561 -14.90 -5.02 -14.19
N ASN B 562 -15.24 -5.50 -13.00
CA ASN B 562 -16.52 -5.20 -12.38
C ASN B 562 -16.43 -4.02 -11.40
N ALA B 563 -15.45 -3.14 -11.59
CA ALA B 563 -15.27 -1.90 -10.83
C ALA B 563 -15.11 -2.16 -9.34
N LEU B 564 -14.51 -3.29 -9.01
CA LEU B 564 -14.21 -3.66 -7.63
C LEU B 564 -12.72 -3.77 -7.40
N GLU B 565 -11.94 -2.90 -8.05
CA GLU B 565 -10.50 -2.96 -7.91
C GLU B 565 -10.04 -2.51 -6.53
N ASP B 566 -10.84 -1.73 -5.83
CA ASP B 566 -10.54 -1.29 -4.47
C ASP B 566 -11.31 -2.10 -3.43
N PHE B 567 -11.59 -3.37 -3.71
CA PHE B 567 -12.48 -4.12 -2.83
C PHE B 567 -11.80 -4.51 -1.53
N ASP B 568 -10.50 -4.84 -1.59
CA ASP B 568 -9.78 -5.09 -0.34
C ASP B 568 -9.55 -3.80 0.43
N ILE B 569 -9.45 -2.67 -0.26
CA ILE B 569 -9.42 -1.38 0.42
C ILE B 569 -10.77 -1.08 1.05
N THR B 570 -11.86 -1.48 0.38
CA THR B 570 -13.20 -1.30 0.93
C THR B 570 -13.41 -2.17 2.17
N LEU B 571 -12.90 -3.40 2.15
CA LEU B 571 -12.98 -4.26 3.34
C LEU B 571 -12.06 -3.77 4.45
N ASP B 572 -10.97 -3.09 4.10
CA ASP B 572 -10.15 -2.44 5.12
C ASP B 572 -10.84 -1.23 5.72
N ASP B 573 -11.66 -0.54 4.93
CA ASP B 573 -12.35 0.65 5.42
C ASP B 573 -13.44 0.28 6.41
N MET B 574 -14.14 -0.81 6.17
CA MET B 574 -15.20 -1.27 7.04
C MET B 574 -14.68 -2.07 8.24
N GLY B 575 -13.38 -2.28 8.33
CA GLY B 575 -12.81 -3.06 9.41
C GLY B 575 -13.17 -4.53 9.36
N ALA B 576 -13.55 -5.01 8.18
CA ALA B 576 -14.05 -6.37 8.02
C ALA B 576 -12.85 -7.31 7.82
N GLU B 577 -12.34 -7.80 8.94
CA GLU B 577 -11.17 -8.69 8.89
C GLU B 577 -11.57 -10.08 8.44
N ASP B 578 -12.72 -10.56 8.89
CA ASP B 578 -13.18 -11.89 8.49
C ASP B 578 -13.59 -11.91 7.02
N ALA B 579 -14.16 -10.81 6.54
CA ALA B 579 -14.53 -10.74 5.12
C ALA B 579 -13.29 -10.62 4.24
N LYS B 580 -12.24 -9.96 4.73
CA LYS B 580 -11.00 -9.87 3.96
C LYS B 580 -10.28 -11.22 3.94
N GLU B 581 -10.31 -11.92 5.07
CA GLU B 581 -9.76 -13.27 5.14
C GLU B 581 -10.52 -14.22 4.23
N GLN B 582 -11.85 -14.07 4.16
CA GLN B 582 -12.65 -14.86 3.26
C GLN B 582 -12.40 -14.51 1.80
N TRP B 583 -12.18 -13.22 1.51
CA TRP B 583 -11.89 -12.78 0.15
C TRP B 583 -10.57 -13.37 -0.36
N GLY B 584 -9.54 -13.32 0.49
CA GLY B 584 -8.29 -13.97 0.14
C GLY B 584 -8.42 -15.47 0.00
N ALA B 585 -9.21 -16.11 0.86
CA ALA B 585 -9.35 -17.55 0.79
C ALA B 585 -10.16 -17.99 -0.42
N GLU B 586 -11.11 -17.15 -0.85
CA GLU B 586 -11.93 -17.52 -2.00
C GLU B 586 -11.22 -17.21 -3.31
N ASN B 587 -10.27 -16.28 -3.30
CA ASN B 587 -9.53 -16.03 -4.53
C ASN B 587 -8.47 -17.10 -4.76
N LEU B 588 -8.07 -17.82 -3.71
CA LEU B 588 -7.19 -18.97 -3.84
C LEU B 588 -7.91 -20.28 -3.61
N SER B 589 -9.23 -20.31 -3.82
CA SER B 589 -10.00 -21.52 -3.52
C SER B 589 -9.77 -22.60 -4.55
N HIS B 590 -9.30 -22.23 -5.75
CA HIS B 590 -9.06 -23.19 -6.81
C HIS B 590 -7.81 -24.03 -6.59
N HIS B 591 -6.98 -23.69 -5.60
CA HIS B 591 -5.77 -24.47 -5.36
C HIS B 591 -6.10 -25.85 -4.81
N PHE B 592 -7.23 -25.97 -4.13
CA PHE B 592 -7.69 -27.24 -3.58
C PHE B 592 -8.60 -27.99 -4.55
N LEU B 593 -8.98 -27.35 -5.64
CA LEU B 593 -9.88 -27.97 -6.62
C LEU B 593 -9.33 -29.22 -7.31
N PRO B 594 -8.03 -29.34 -7.66
CA PRO B 594 -7.55 -30.66 -8.13
C PRO B 594 -7.74 -31.79 -7.14
N LEU B 595 -7.50 -31.53 -5.85
CA LEU B 595 -7.71 -32.55 -4.83
C LEU B 595 -9.18 -32.88 -4.67
N ILE B 596 -10.05 -31.86 -4.76
CA ILE B 596 -11.49 -32.07 -4.59
C ILE B 596 -12.04 -32.89 -5.76
N ARG B 597 -11.60 -32.59 -6.98
CA ARG B 597 -12.06 -33.34 -8.14
C ARG B 597 -11.52 -34.77 -8.13
N TYR B 598 -10.28 -34.95 -7.70
CA TYR B 598 -9.70 -36.29 -7.62
C TYR B 598 -10.40 -37.14 -6.56
N ARG B 599 -10.69 -36.55 -5.40
CA ARG B 599 -11.35 -37.31 -4.35
C ARG B 599 -12.82 -37.55 -4.66
N ARG B 600 -13.45 -36.65 -5.41
CA ARG B 600 -14.82 -36.89 -5.85
C ARG B 600 -14.87 -38.02 -6.87
N ASP B 601 -13.87 -38.10 -7.74
CA ASP B 601 -13.83 -39.21 -8.69
C ASP B 601 -13.48 -40.53 -8.00
N LEU B 602 -12.65 -40.46 -6.94
CA LEU B 602 -12.38 -41.65 -6.12
C LEU B 602 -13.64 -42.15 -5.43
N ALA B 603 -14.45 -41.23 -4.90
CA ALA B 603 -15.69 -41.64 -4.25
C ALA B 603 -16.71 -42.11 -5.27
N ARG B 604 -16.68 -41.57 -6.49
CA ARG B 604 -17.63 -41.99 -7.51
C ARG B 604 -17.30 -43.37 -8.05
N LYS B 605 -16.02 -43.71 -8.14
CA LYS B 605 -15.65 -45.05 -8.59
C LYS B 605 -15.99 -46.10 -7.55
N ASN B 606 -15.96 -45.73 -6.26
CA ASN B 606 -16.37 -46.64 -5.20
C ASN B 606 -17.87 -46.65 -4.96
N GLY B 607 -18.64 -45.87 -5.71
CA GLY B 607 -20.06 -45.75 -5.51
C GLY B 607 -20.47 -44.80 -4.40
N ASP B 608 -19.52 -44.25 -3.66
CA ASP B 608 -19.81 -43.36 -2.55
C ASP B 608 -20.23 -41.99 -3.04
N ARG B 609 -20.68 -41.16 -2.11
CA ARG B 609 -20.86 -39.74 -2.33
C ARG B 609 -19.73 -38.99 -1.63
N TYR B 610 -19.26 -37.93 -2.26
CA TYR B 610 -18.17 -37.16 -1.68
C TYR B 610 -18.68 -36.35 -0.49
N GLY B 611 -17.94 -36.44 0.61
CA GLY B 611 -18.30 -35.80 1.86
C GLY B 611 -18.49 -34.31 1.83
N PRO B 612 -17.46 -33.55 1.40
CA PRO B 612 -17.62 -32.08 1.29
C PRO B 612 -18.61 -31.60 0.23
N ASP B 613 -19.15 -32.49 -0.60
CA ASP B 613 -20.22 -32.13 -1.52
C ASP B 613 -21.59 -32.12 -0.87
N LEU B 614 -21.78 -32.87 0.22
CA LEU B 614 -23.08 -32.95 0.86
C LEU B 614 -23.28 -31.81 1.84
N VAL B 615 -24.55 -31.50 2.10
CA VAL B 615 -24.88 -30.40 3.00
C VAL B 615 -24.59 -30.78 4.44
N ASN B 616 -25.08 -31.94 4.88
CA ASN B 616 -24.87 -32.34 6.26
C ASN B 616 -23.53 -33.02 6.49
N GLY B 617 -22.76 -33.28 5.42
CA GLY B 617 -21.45 -33.88 5.55
C GLY B 617 -20.42 -32.92 6.12
N PRO C 77 -38.80 -1.06 -67.09
CA PRO C 77 -38.40 -2.43 -66.78
C PRO C 77 -37.53 -2.48 -65.53
N SER C 78 -37.49 -1.36 -64.80
CA SER C 78 -36.79 -1.35 -63.51
C SER C 78 -37.53 -2.16 -62.46
N GLN C 79 -38.86 -2.15 -62.52
CA GLN C 79 -39.71 -2.76 -61.50
C GLN C 79 -39.58 -4.27 -61.48
N ASN C 80 -39.91 -4.90 -62.60
CA ASN C 80 -39.88 -6.39 -62.71
C ASN C 80 -38.45 -6.90 -62.54
N LEU C 81 -37.48 -6.25 -63.18
CA LEU C 81 -36.06 -6.69 -63.07
C LEU C 81 -35.59 -6.54 -61.62
N VAL C 82 -35.91 -5.40 -60.99
CA VAL C 82 -35.49 -5.14 -59.58
C VAL C 82 -36.21 -6.13 -58.65
N SER C 83 -37.51 -6.33 -58.86
CA SER C 83 -38.32 -7.26 -58.01
C SER C 83 -37.83 -8.69 -58.16
N THR C 84 -37.58 -9.13 -59.40
CA THR C 84 -37.11 -10.52 -59.65
C THR C 84 -35.72 -10.72 -59.05
N PHE C 85 -34.84 -9.74 -59.21
CA PHE C 85 -33.46 -9.82 -58.69
C PHE C 85 -33.46 -9.84 -57.15
N ALA C 86 -34.30 -9.02 -56.53
CA ALA C 86 -34.34 -8.92 -55.06
C ALA C 86 -34.77 -10.25 -54.41
N ASN C 87 -35.82 -10.89 -54.93
CA ASN C 87 -36.29 -12.18 -54.35
C ASN C 87 -35.23 -13.26 -54.55
N LYS C 88 -34.65 -13.33 -55.75
CA LYS C 88 -33.61 -14.34 -56.08
C LYS C 88 -32.34 -14.08 -55.24
N VAL C 89 -31.94 -12.81 -55.11
CA VAL C 89 -30.70 -12.45 -54.37
C VAL C 89 -31.03 -12.11 -52.90
N ILE C 90 -32.31 -12.13 -52.51
CA ILE C 90 -32.60 -11.78 -51.12
C ILE C 90 -33.77 -12.69 -50.68
N VAL C 91 -33.43 -13.88 -50.18
CA VAL C 91 -34.36 -14.74 -49.46
C VAL C 91 -33.54 -15.63 -48.54
N GLU C 92 -34.23 -16.32 -47.62
CA GLU C 92 -33.64 -16.87 -46.40
C GLU C 92 -32.81 -18.14 -46.59
N GLU C 93 -32.59 -18.62 -47.82
CA GLU C 93 -31.69 -19.75 -47.96
C GLU C 93 -30.27 -19.30 -48.26
N ASN C 94 -30.09 -18.12 -48.84
CA ASN C 94 -28.77 -17.60 -49.15
C ASN C 94 -28.15 -16.86 -47.97
N LEU C 95 -28.97 -16.33 -47.06
CA LEU C 95 -28.42 -15.72 -45.86
C LEU C 95 -28.26 -16.75 -44.75
N VAL C 96 -28.66 -18.01 -45.02
CA VAL C 96 -28.12 -19.15 -44.30
C VAL C 96 -26.78 -19.59 -44.88
N ASN C 97 -26.55 -19.33 -46.18
CA ASN C 97 -25.26 -19.61 -46.79
C ASN C 97 -24.20 -18.56 -46.48
N VAL C 98 -24.58 -17.38 -45.99
CA VAL C 98 -23.57 -16.45 -45.47
C VAL C 98 -23.19 -16.83 -44.04
N ALA C 99 -24.05 -17.57 -43.35
CA ALA C 99 -23.91 -17.83 -41.93
C ALA C 99 -23.33 -19.19 -41.63
N GLU C 100 -22.73 -19.85 -42.62
CA GLU C 100 -22.05 -21.11 -42.40
C GLU C 100 -20.66 -20.94 -41.83
N ILE C 101 -20.06 -19.76 -42.01
CA ILE C 101 -18.68 -19.53 -41.61
C ILE C 101 -18.63 -19.34 -40.10
N ASP C 102 -19.43 -18.42 -39.58
CA ASP C 102 -19.49 -18.13 -38.14
C ASP C 102 -20.92 -18.37 -37.68
N VAL C 103 -21.23 -19.61 -37.34
CA VAL C 103 -22.59 -19.95 -36.91
C VAL C 103 -22.95 -19.39 -35.52
N PRO C 104 -22.03 -19.40 -34.46
CA PRO C 104 -22.42 -18.78 -33.18
C PRO C 104 -22.77 -17.30 -33.26
N PHE C 105 -21.92 -16.52 -33.95
CA PHE C 105 -22.15 -15.08 -34.14
C PHE C 105 -23.46 -14.82 -34.85
N TRP C 106 -23.67 -15.48 -35.99
CA TRP C 106 -24.81 -15.17 -36.83
C TRP C 106 -26.10 -15.69 -36.22
N SER C 107 -26.07 -16.88 -35.60
CA SER C 107 -27.26 -17.44 -34.96
C SER C 107 -27.66 -16.60 -33.76
N TYR C 108 -26.68 -16.12 -32.98
CA TYR C 108 -26.97 -15.26 -31.85
C TYR C 108 -27.57 -13.94 -32.28
N TRP C 109 -26.95 -13.28 -33.28
CA TRP C 109 -27.41 -11.94 -33.63
C TRP C 109 -28.65 -11.98 -34.50
N LEU C 110 -28.95 -13.11 -35.12
CA LEU C 110 -30.21 -13.23 -35.85
C LEU C 110 -31.35 -13.62 -34.90
N SER C 111 -31.05 -14.39 -33.86
CA SER C 111 -32.10 -14.72 -32.89
C SER C 111 -32.42 -13.52 -32.01
N SER C 112 -31.43 -12.65 -31.77
CA SER C 112 -31.71 -11.45 -30.98
C SER C 112 -32.49 -10.43 -31.78
N ALA C 113 -32.44 -10.51 -33.10
CA ALA C 113 -33.25 -9.67 -33.96
C ALA C 113 -34.65 -10.22 -34.18
N GLY C 114 -35.02 -11.30 -33.49
CA GLY C 114 -36.34 -11.87 -33.63
C GLY C 114 -36.46 -12.96 -34.66
N PHE C 115 -35.43 -13.16 -35.49
CA PHE C 115 -35.47 -14.18 -36.54
C PHE C 115 -35.15 -15.53 -35.91
N THR C 116 -36.22 -16.23 -35.51
CA THR C 116 -36.13 -17.56 -34.95
C THR C 116 -36.94 -18.51 -35.82
N SER C 117 -36.27 -19.28 -36.67
CA SER C 117 -36.92 -20.25 -37.54
C SER C 117 -36.27 -21.59 -37.32
N LYS C 118 -37.11 -22.63 -37.17
CA LYS C 118 -36.58 -23.99 -37.03
C LYS C 118 -35.91 -24.44 -38.33
N ASP C 119 -36.45 -23.96 -39.46
CA ASP C 119 -35.93 -24.32 -40.78
C ASP C 119 -34.49 -23.83 -40.98
N ALA C 120 -34.17 -22.67 -40.40
CA ALA C 120 -32.81 -22.17 -40.52
C ALA C 120 -31.93 -22.70 -39.39
N PHE C 121 -32.52 -22.97 -38.24
CA PHE C 121 -31.72 -23.36 -37.09
C PHE C 121 -31.28 -24.81 -37.16
N VAL C 122 -31.98 -25.66 -37.92
CA VAL C 122 -31.47 -27.01 -38.15
C VAL C 122 -30.19 -26.95 -39.00
N LYS C 123 -30.15 -26.07 -39.99
CA LYS C 123 -28.96 -25.92 -40.81
C LYS C 123 -27.83 -25.26 -40.01
N PHE C 124 -28.19 -24.35 -39.11
CA PHE C 124 -27.22 -23.78 -38.17
C PHE C 124 -26.60 -24.86 -37.30
N ALA C 125 -27.43 -25.75 -36.74
CA ALA C 125 -26.94 -26.78 -35.84
C ALA C 125 -26.02 -27.77 -36.54
N GLU C 126 -26.40 -28.22 -37.74
CA GLU C 126 -25.52 -29.16 -38.42
C GLU C 126 -24.34 -28.46 -39.11
N ALA C 127 -24.40 -27.15 -39.27
CA ALA C 127 -23.22 -26.44 -39.75
C ALA C 127 -22.21 -26.22 -38.63
N VAL C 128 -22.68 -26.14 -37.39
CA VAL C 128 -21.76 -25.80 -36.30
C VAL C 128 -21.31 -27.04 -35.55
N LYS C 129 -22.04 -28.17 -35.70
CA LYS C 129 -21.77 -29.40 -34.96
C LYS C 129 -20.35 -29.99 -35.05
N PRO C 130 -19.58 -29.82 -36.14
CA PRO C 130 -18.15 -30.17 -36.03
C PRO C 130 -17.30 -29.09 -35.40
N LYS C 131 -17.77 -27.85 -35.37
CA LYS C 131 -16.97 -26.72 -34.88
C LYS C 131 -17.03 -26.54 -33.37
N VAL C 132 -17.88 -27.30 -32.67
CA VAL C 132 -18.25 -26.97 -31.30
C VAL C 132 -17.09 -27.23 -30.34
N ALA C 133 -16.32 -28.29 -30.59
CA ALA C 133 -15.28 -28.70 -29.65
C ALA C 133 -14.12 -27.70 -29.62
N ALA C 134 -13.97 -26.90 -30.66
CA ALA C 134 -12.93 -25.88 -30.71
C ALA C 134 -13.45 -24.48 -30.43
N LEU C 135 -14.72 -24.35 -30.04
CA LEU C 135 -15.29 -23.02 -29.83
C LEU C 135 -14.83 -22.44 -28.51
N SER C 136 -14.74 -21.11 -28.48
CA SER C 136 -14.40 -20.41 -27.25
C SER C 136 -15.62 -20.32 -26.35
N THR C 137 -15.43 -19.73 -25.17
CA THR C 137 -16.51 -19.63 -24.20
C THR C 137 -17.57 -18.63 -24.66
N SER C 138 -17.14 -17.57 -25.35
CA SER C 138 -18.06 -16.59 -25.88
C SER C 138 -18.93 -17.19 -26.98
N ASP C 139 -18.34 -18.00 -27.84
CA ASP C 139 -19.08 -18.60 -28.95
C ASP C 139 -20.02 -19.69 -28.45
N ILE C 140 -19.60 -20.47 -27.45
CA ILE C 140 -20.47 -21.48 -26.85
C ILE C 140 -21.66 -20.82 -26.17
N THR C 141 -21.42 -19.71 -25.47
CA THR C 141 -22.50 -19.00 -24.80
C THR C 141 -23.46 -18.38 -25.82
N ASN C 142 -22.92 -17.80 -26.90
CA ASN C 142 -23.76 -17.21 -27.94
C ASN C 142 -24.61 -18.26 -28.63
N LEU C 143 -24.02 -19.42 -28.95
CA LEU C 143 -24.75 -20.52 -29.58
C LEU C 143 -25.85 -21.03 -28.66
N THR C 144 -25.53 -21.18 -27.38
CA THR C 144 -26.46 -21.77 -26.43
C THR C 144 -27.64 -20.83 -26.16
N VAL C 145 -27.37 -19.52 -26.08
CA VAL C 145 -28.44 -18.53 -25.92
C VAL C 145 -29.29 -18.46 -27.18
N ALA C 146 -28.67 -18.55 -28.36
CA ALA C 146 -29.41 -18.52 -29.62
C ALA C 146 -30.32 -19.73 -29.76
N PHE C 147 -29.86 -20.90 -29.32
CA PHE C 147 -30.67 -22.09 -29.47
C PHE C 147 -31.71 -22.20 -28.36
N LYS C 148 -31.56 -21.42 -27.28
CA LYS C 148 -32.71 -21.23 -26.40
C LYS C 148 -33.75 -20.32 -27.05
N ARG C 149 -33.28 -19.25 -27.69
CA ARG C 149 -34.22 -18.27 -28.27
C ARG C 149 -34.97 -18.84 -29.47
N ALA C 150 -34.39 -19.83 -30.14
CA ALA C 150 -35.11 -20.47 -31.24
C ALA C 150 -36.02 -21.58 -30.73
N ASN C 151 -35.74 -22.08 -29.52
CA ASN C 151 -36.29 -23.33 -28.99
C ASN C 151 -36.15 -24.47 -29.98
N TYR C 152 -34.93 -24.75 -30.42
CA TYR C 152 -34.63 -25.94 -31.20
C TYR C 152 -33.62 -26.76 -30.40
N TYR C 153 -34.04 -27.95 -29.98
CA TYR C 153 -33.17 -28.88 -29.28
C TYR C 153 -32.59 -29.86 -30.30
N ASP C 154 -31.27 -29.91 -30.35
CA ASP C 154 -30.53 -30.98 -31.00
C ASP C 154 -29.77 -31.71 -29.90
N LYS C 155 -29.98 -33.02 -29.81
CA LYS C 155 -29.33 -33.81 -28.78
C LYS C 155 -27.83 -33.89 -29.00
N ASP C 156 -27.42 -34.09 -30.26
CA ASP C 156 -26.00 -34.26 -30.58
C ASP C 156 -25.24 -32.95 -30.41
N LEU C 157 -25.85 -31.85 -30.84
CA LEU C 157 -25.23 -30.54 -30.72
C LEU C 157 -25.06 -30.15 -29.25
N PHE C 158 -26.08 -30.37 -28.43
CA PHE C 158 -25.97 -29.96 -27.04
C PHE C 158 -25.12 -30.93 -26.24
N THR C 159 -24.99 -32.18 -26.71
CA THR C 159 -23.99 -33.07 -26.14
C THR C 159 -22.57 -32.57 -26.46
N GLY C 160 -22.37 -32.04 -27.66
CA GLY C 160 -21.10 -31.43 -27.98
C GLY C 160 -20.83 -30.15 -27.20
N ILE C 161 -21.87 -29.34 -26.99
CA ILE C 161 -21.76 -28.14 -26.16
C ILE C 161 -21.38 -28.50 -24.74
N GLU C 162 -22.02 -29.54 -24.20
CA GLU C 162 -21.76 -29.97 -22.84
C GLU C 162 -20.37 -30.58 -22.71
N ALA C 163 -19.88 -31.26 -23.75
CA ALA C 163 -18.50 -31.74 -23.73
C ALA C 163 -17.50 -30.59 -23.84
N ASN C 164 -17.86 -29.51 -24.55
CA ASN C 164 -17.01 -28.34 -24.61
C ASN C 164 -16.94 -27.62 -23.27
N VAL C 165 -18.08 -27.53 -22.58
CA VAL C 165 -18.12 -26.89 -21.27
C VAL C 165 -17.39 -27.76 -20.25
N SER C 166 -17.49 -29.08 -20.39
CA SER C 166 -16.81 -29.97 -19.46
C SER C 166 -15.31 -30.01 -19.71
N ALA C 167 -14.88 -29.78 -20.95
CA ALA C 167 -13.46 -29.79 -21.24
C ALA C 167 -12.79 -28.50 -20.81
N ASN C 168 -13.50 -27.37 -20.90
CA ASN C 168 -12.94 -26.05 -20.63
C ASN C 168 -13.68 -25.35 -19.51
N PHE C 169 -13.96 -26.06 -18.41
CA PHE C 169 -14.80 -25.48 -17.36
C PHE C 169 -14.08 -24.38 -16.59
N THR C 170 -12.75 -24.41 -16.56
CA THR C 170 -12.01 -23.37 -15.86
C THR C 170 -12.03 -22.06 -16.62
N LYS C 171 -12.30 -22.11 -17.93
CA LYS C 171 -12.25 -20.90 -18.74
C LYS C 171 -13.59 -20.19 -18.77
N PHE C 172 -14.66 -20.89 -18.39
CA PHE C 172 -15.98 -20.29 -18.45
C PHE C 172 -16.21 -19.36 -17.26
N GLU C 173 -17.00 -18.32 -17.50
CA GLU C 173 -17.36 -17.37 -16.46
C GLU C 173 -18.77 -17.69 -15.97
N THR C 174 -19.07 -17.28 -14.74
CA THR C 174 -20.40 -17.48 -14.16
C THR C 174 -21.46 -16.74 -14.95
N GLU C 175 -21.10 -15.58 -15.49
CA GLU C 175 -21.97 -14.78 -16.35
C GLU C 175 -22.39 -15.55 -17.59
N GLN C 176 -21.50 -16.41 -18.11
CA GLN C 176 -21.79 -17.27 -19.25
C GLN C 176 -22.44 -18.58 -18.85
N LEU C 177 -22.01 -19.13 -17.71
CA LEU C 177 -22.53 -20.42 -17.27
C LEU C 177 -23.97 -20.35 -16.83
N LEU C 178 -24.41 -19.21 -16.31
CA LEU C 178 -25.82 -19.05 -15.99
C LEU C 178 -26.69 -19.06 -17.23
N GLN C 179 -26.24 -18.41 -18.30
CA GLN C 179 -26.96 -18.43 -19.57
C GLN C 179 -26.94 -19.81 -20.21
N ILE C 180 -25.86 -20.56 -20.03
CA ILE C 180 -25.81 -21.92 -20.58
C ILE C 180 -26.71 -22.87 -19.81
N VAL C 181 -26.68 -22.77 -18.48
CA VAL C 181 -27.50 -23.63 -17.61
C VAL C 181 -28.98 -23.31 -17.77
N ALA C 182 -29.33 -22.06 -18.07
CA ALA C 182 -30.73 -21.72 -18.33
C ALA C 182 -31.26 -22.41 -19.58
N THR C 183 -30.42 -22.54 -20.60
CA THR C 183 -30.83 -23.25 -21.81
C THR C 183 -30.86 -24.76 -21.57
N PHE C 184 -29.89 -25.27 -20.81
CA PHE C 184 -29.90 -26.69 -20.46
C PHE C 184 -31.02 -27.03 -19.49
N ASP C 185 -31.65 -26.01 -18.89
CA ASP C 185 -32.79 -26.20 -18.01
C ASP C 185 -34.11 -26.06 -18.77
N ALA C 186 -34.13 -25.25 -19.83
CA ALA C 186 -35.32 -24.97 -20.62
C ALA C 186 -35.93 -26.22 -21.23
N PHE C 187 -35.13 -26.99 -21.95
CA PHE C 187 -35.38 -28.39 -22.27
C PHE C 187 -34.54 -29.17 -21.28
N ASN C 188 -34.98 -30.37 -20.91
CA ASN C 188 -34.25 -31.15 -19.93
C ASN C 188 -33.03 -31.82 -20.55
N HIS C 189 -31.83 -31.44 -20.10
CA HIS C 189 -30.60 -32.03 -20.61
C HIS C 189 -29.53 -31.85 -19.55
N SER C 190 -28.96 -32.96 -19.08
CA SER C 190 -28.00 -32.90 -17.98
C SER C 190 -27.11 -34.13 -17.99
N SER C 191 -25.92 -33.97 -17.44
CA SER C 191 -25.01 -35.07 -17.14
C SER C 191 -24.50 -34.87 -15.73
N VAL C 192 -24.03 -35.97 -15.12
CA VAL C 192 -23.39 -35.86 -13.81
C VAL C 192 -22.07 -35.10 -13.94
N ALA C 193 -21.33 -35.37 -15.02
CA ALA C 193 -20.07 -34.69 -15.25
C ALA C 193 -20.29 -33.23 -15.60
N PHE C 194 -21.35 -32.92 -16.35
CA PHE C 194 -21.66 -31.53 -16.68
C PHE C 194 -22.07 -30.74 -15.46
N LEU C 195 -22.91 -31.33 -14.60
CA LEU C 195 -23.33 -30.64 -13.37
C LEU C 195 -22.15 -30.46 -12.43
N ASP C 196 -21.27 -31.46 -12.34
CA ASP C 196 -20.09 -31.34 -11.49
C ASP C 196 -19.13 -30.29 -12.02
N ASP C 197 -18.98 -30.18 -13.34
CA ASP C 197 -18.04 -29.22 -13.89
C ASP C 197 -18.59 -27.80 -13.83
N VAL C 198 -19.89 -27.64 -14.01
CA VAL C 198 -20.50 -26.32 -13.87
C VAL C 198 -20.44 -25.86 -12.41
N ALA C 199 -20.68 -26.78 -11.47
CA ALA C 199 -20.59 -26.44 -10.05
C ALA C 199 -19.16 -26.13 -9.64
N ASP C 200 -18.18 -26.89 -10.16
CA ASP C 200 -16.78 -26.62 -9.87
C ASP C 200 -16.34 -25.29 -10.47
N SER C 201 -16.87 -24.95 -11.64
CA SER C 201 -16.48 -23.72 -12.31
C SER C 201 -17.06 -22.50 -11.62
N ILE C 202 -18.30 -22.61 -11.14
CA ILE C 202 -18.91 -21.47 -10.45
C ILE C 202 -18.32 -21.33 -9.05
N THR C 203 -18.03 -22.44 -8.38
CA THR C 203 -17.57 -22.35 -7.01
C THR C 203 -16.09 -21.99 -6.92
N TYR C 204 -15.24 -22.65 -7.71
CA TYR C 204 -13.80 -22.53 -7.54
C TYR C 204 -13.10 -21.81 -8.67
N CYS C 205 -13.61 -21.88 -9.89
CA CYS C 205 -12.92 -21.27 -11.02
C CYS C 205 -13.35 -19.84 -11.30
N ASN C 206 -14.31 -19.33 -10.56
CA ASN C 206 -14.77 -17.97 -10.77
C ASN C 206 -14.72 -17.20 -9.46
N HIS C 207 -14.94 -15.90 -9.55
CA HIS C 207 -14.92 -15.06 -8.37
C HIS C 207 -16.12 -15.37 -7.49
N TYR C 208 -15.92 -15.28 -6.18
CA TYR C 208 -16.97 -15.65 -5.25
C TYR C 208 -18.06 -14.59 -5.17
N LEU C 209 -17.79 -13.39 -5.68
CA LEU C 209 -18.79 -12.35 -5.78
C LEU C 209 -19.44 -12.29 -7.15
N ALA C 210 -19.19 -13.26 -8.01
CA ALA C 210 -19.88 -13.31 -9.31
C ALA C 210 -21.38 -13.60 -9.22
N PRO C 211 -21.90 -14.38 -8.25
CA PRO C 211 -23.37 -14.42 -8.11
C PRO C 211 -24.01 -13.13 -7.66
N VAL C 212 -23.24 -12.22 -7.03
CA VAL C 212 -23.77 -10.92 -6.64
C VAL C 212 -24.11 -10.07 -7.87
N ARG C 213 -23.36 -10.20 -8.95
CA ARG C 213 -23.55 -9.44 -10.17
C ARG C 213 -24.48 -10.15 -11.15
N ALA C 214 -25.19 -11.18 -10.70
CA ALA C 214 -25.87 -12.09 -11.61
C ALA C 214 -27.31 -11.73 -11.89
N GLY C 215 -28.07 -11.33 -10.89
CA GLY C 215 -29.50 -11.26 -11.08
C GLY C 215 -30.10 -12.51 -10.50
N ALA C 216 -31.15 -12.33 -9.69
CA ALA C 216 -31.64 -13.43 -8.86
C ALA C 216 -32.42 -14.46 -9.67
N ASP C 217 -32.91 -14.07 -10.85
CA ASP C 217 -33.66 -15.02 -11.67
C ASP C 217 -32.76 -16.09 -12.26
N GLU C 218 -31.54 -15.71 -12.66
CA GLU C 218 -30.61 -16.68 -13.23
C GLU C 218 -30.10 -17.62 -12.16
N LEU C 219 -29.86 -17.11 -10.95
CA LEU C 219 -29.46 -17.97 -9.84
C LEU C 219 -30.58 -18.91 -9.43
N ALA C 220 -31.83 -18.44 -9.52
CA ALA C 220 -32.96 -19.31 -9.22
C ALA C 220 -33.12 -20.39 -10.28
N THR C 221 -32.87 -20.06 -11.54
CA THR C 221 -32.92 -21.04 -12.62
C THR C 221 -31.84 -22.10 -12.45
N LEU C 222 -30.63 -21.70 -12.09
CA LEU C 222 -29.56 -22.65 -11.83
C LEU C 222 -29.85 -23.53 -10.61
N LEU C 223 -30.48 -22.94 -9.59
CA LEU C 223 -30.85 -23.70 -8.39
C LEU C 223 -31.89 -24.75 -8.70
N THR C 224 -32.91 -24.41 -9.49
CA THR C 224 -33.92 -25.42 -9.83
C THR C 224 -33.41 -26.41 -10.85
N TYR C 225 -32.40 -26.04 -11.63
CA TYR C 225 -31.73 -27.02 -12.48
C TYR C 225 -31.05 -28.10 -11.63
N TYR C 226 -30.29 -27.67 -10.62
CA TYR C 226 -29.63 -28.64 -9.75
C TYR C 226 -30.63 -29.37 -8.86
N ALA C 227 -31.80 -28.77 -8.61
CA ALA C 227 -32.82 -29.43 -7.80
C ALA C 227 -33.56 -30.48 -8.61
N LYS C 228 -33.90 -30.17 -9.86
CA LYS C 228 -34.61 -31.13 -10.71
C LYS C 228 -33.70 -32.28 -11.11
N ASN C 229 -32.40 -32.03 -11.24
CA ASN C 229 -31.50 -33.12 -11.59
C ASN C 229 -31.12 -33.95 -10.36
N GLY C 230 -31.47 -33.49 -9.16
CA GLY C 230 -31.13 -34.18 -7.94
C GLY C 230 -29.67 -34.10 -7.54
N HIS C 231 -28.87 -33.33 -8.26
CA HIS C 231 -27.44 -33.23 -8.01
C HIS C 231 -27.22 -32.16 -6.96
N GLU C 232 -26.58 -32.52 -5.85
CA GLU C 232 -26.47 -31.64 -4.70
C GLU C 232 -25.01 -31.34 -4.41
N ARG C 233 -24.64 -30.08 -4.50
CA ARG C 233 -23.30 -29.59 -4.18
C ARG C 233 -23.45 -28.47 -3.17
N ALA C 234 -22.98 -28.70 -1.94
CA ALA C 234 -23.18 -27.74 -0.87
C ALA C 234 -22.33 -26.49 -1.07
N ASP C 235 -21.16 -26.64 -1.71
CA ASP C 235 -20.30 -25.50 -1.97
C ASP C 235 -20.90 -24.59 -3.03
N LEU C 236 -21.45 -25.18 -4.10
CA LEU C 236 -22.18 -24.41 -5.10
C LEU C 236 -23.43 -23.79 -4.49
N LEU C 237 -24.06 -24.49 -3.56
CA LEU C 237 -25.25 -23.96 -2.90
C LEU C 237 -24.91 -22.72 -2.09
N ALA C 238 -23.78 -22.73 -1.37
CA ALA C 238 -23.35 -21.55 -0.64
C ALA C 238 -22.98 -20.41 -1.58
N THR C 239 -22.28 -20.72 -2.67
CA THR C 239 -21.86 -19.69 -3.63
C THR C 239 -23.05 -19.01 -4.30
N VAL C 240 -24.01 -19.80 -4.77
CA VAL C 240 -25.17 -19.25 -5.46
C VAL C 240 -26.14 -18.62 -4.46
N ALA C 241 -26.15 -19.11 -3.23
CA ALA C 241 -26.97 -18.52 -2.18
C ALA C 241 -26.47 -17.13 -1.81
N ARG C 242 -25.15 -16.90 -1.95
CA ARG C 242 -24.59 -15.57 -1.70
C ARG C 242 -25.15 -14.51 -2.65
N GLY C 243 -25.63 -14.91 -3.83
CA GLY C 243 -26.12 -13.92 -4.77
C GLY C 243 -27.50 -13.41 -4.47
N PHE C 244 -28.24 -14.11 -3.61
CA PHE C 244 -29.59 -13.70 -3.26
C PHE C 244 -29.55 -12.63 -2.18
N SER C 245 -30.26 -11.53 -2.41
CA SER C 245 -30.11 -10.35 -1.58
C SER C 245 -31.35 -9.49 -1.68
N GLU C 246 -31.39 -8.45 -0.85
CA GLU C 246 -32.41 -7.42 -1.02
C GLU C 246 -32.14 -6.59 -2.26
N VAL C 247 -30.86 -6.44 -2.62
CA VAL C 247 -30.49 -5.69 -3.83
C VAL C 247 -30.91 -6.44 -5.08
N SER C 248 -30.52 -7.72 -5.17
CA SER C 248 -30.75 -8.49 -6.38
C SER C 248 -32.22 -8.81 -6.58
N LEU C 249 -32.94 -9.06 -5.48
CA LEU C 249 -34.38 -9.27 -5.60
C LEU C 249 -35.11 -7.95 -5.77
N GLY C 250 -34.53 -6.85 -5.31
CA GLY C 250 -35.13 -5.56 -5.54
C GLY C 250 -35.00 -5.09 -6.97
N LYS C 251 -33.98 -5.60 -7.68
CA LYS C 251 -33.85 -5.27 -9.09
C LYS C 251 -34.92 -5.96 -9.94
N LEU C 252 -35.52 -7.02 -9.43
CA LEU C 252 -36.54 -7.75 -10.17
C LEU C 252 -37.89 -7.06 -10.05
N SER C 253 -38.72 -7.22 -11.08
CA SER C 253 -40.10 -6.82 -10.99
C SER C 253 -40.87 -7.80 -10.10
N ALA C 254 -42.05 -7.36 -9.64
CA ALA C 254 -42.76 -8.08 -8.58
C ALA C 254 -43.28 -9.44 -9.06
N ALA C 255 -43.79 -9.50 -10.29
CA ALA C 255 -44.23 -10.77 -10.85
C ALA C 255 -43.04 -11.69 -11.11
N GLN C 256 -41.89 -11.12 -11.45
CA GLN C 256 -40.68 -11.92 -11.62
C GLN C 256 -40.09 -12.32 -10.27
N ARG C 257 -40.19 -11.43 -9.28
CA ARG C 257 -39.65 -11.72 -7.96
C ARG C 257 -40.44 -12.82 -7.27
N LYS C 258 -41.75 -12.91 -7.57
CA LYS C 258 -42.57 -13.98 -7.02
C LYS C 258 -42.09 -15.36 -7.48
N ASP C 259 -41.90 -15.52 -8.80
CA ASP C 259 -41.40 -16.78 -9.35
C ASP C 259 -39.98 -17.09 -8.89
N THR C 260 -39.13 -16.05 -8.81
CA THR C 260 -37.75 -16.25 -8.37
C THR C 260 -37.69 -16.70 -6.92
N VAL C 261 -38.47 -16.06 -6.05
CA VAL C 261 -38.48 -16.40 -4.62
C VAL C 261 -39.05 -17.80 -4.41
N LEU C 262 -40.14 -18.14 -5.13
CA LEU C 262 -40.76 -19.44 -4.96
C LEU C 262 -39.85 -20.57 -5.44
N SER C 263 -39.21 -20.38 -6.59
CA SER C 263 -38.34 -21.41 -7.13
C SER C 263 -37.06 -21.56 -6.30
N ALA C 264 -36.53 -20.44 -5.79
CA ALA C 264 -35.33 -20.51 -4.95
C ALA C 264 -35.62 -21.17 -3.61
N LEU C 265 -36.79 -20.89 -3.02
CA LEU C 265 -37.15 -21.51 -1.76
C LEU C 265 -37.45 -22.99 -1.95
N LYS C 266 -38.03 -23.38 -3.10
CA LYS C 266 -38.27 -24.78 -3.39
C LYS C 266 -36.95 -25.54 -3.56
N ALA C 267 -35.96 -24.93 -4.22
CA ALA C 267 -34.66 -25.57 -4.37
C ALA C 267 -33.94 -25.69 -3.02
N PHE C 268 -34.00 -24.64 -2.20
CA PHE C 268 -33.34 -24.66 -0.90
C PHE C 268 -34.00 -25.67 0.04
N GLN C 269 -35.31 -25.88 -0.11
CA GLN C 269 -35.99 -26.86 0.72
C GLN C 269 -35.77 -28.27 0.21
N THR C 270 -35.60 -28.43 -1.11
CA THR C 270 -35.26 -29.72 -1.68
C THR C 270 -33.89 -30.18 -1.19
N PHE C 271 -32.92 -29.26 -1.18
CA PHE C 271 -31.59 -29.66 -0.73
C PHE C 271 -31.47 -29.70 0.78
N GLY C 272 -32.38 -29.04 1.50
CA GLY C 272 -32.22 -28.93 2.93
C GLY C 272 -31.11 -28.01 3.36
N PHE C 273 -30.70 -27.10 2.49
CA PHE C 273 -29.63 -26.15 2.76
C PHE C 273 -30.25 -24.80 3.08
N TYR C 274 -29.96 -24.29 4.27
CA TYR C 274 -30.53 -23.03 4.73
C TYR C 274 -29.39 -22.11 5.14
N PRO C 275 -28.91 -21.27 4.23
CA PRO C 275 -27.84 -20.34 4.56
C PRO C 275 -28.38 -19.11 5.27
N GLU C 276 -27.52 -18.13 5.54
CA GLU C 276 -28.02 -16.88 6.10
C GLU C 276 -28.83 -16.10 5.07
N SER C 277 -28.43 -16.18 3.80
CA SER C 277 -29.01 -15.34 2.77
C SER C 277 -30.43 -15.74 2.40
N ILE C 278 -30.92 -16.87 2.92
CA ILE C 278 -32.32 -17.24 2.74
C ILE C 278 -33.24 -16.27 3.47
N GLU C 279 -32.72 -15.52 4.47
CA GLU C 279 -33.47 -14.43 5.07
C GLU C 279 -33.84 -13.36 4.03
N ALA C 280 -33.00 -13.19 3.02
CA ALA C 280 -33.32 -12.22 1.97
C ALA C 280 -34.39 -12.77 1.04
N VAL C 281 -34.51 -14.09 0.93
CA VAL C 281 -35.48 -14.66 0.01
C VAL C 281 -36.85 -14.76 0.67
N ILE C 282 -36.90 -15.36 1.86
CA ILE C 282 -38.13 -15.49 2.65
C ILE C 282 -38.70 -14.10 2.96
N GLY C 283 -37.82 -13.17 3.34
CA GLY C 283 -38.24 -11.80 3.56
C GLY C 283 -38.83 -11.14 2.33
N ALA C 284 -38.30 -11.49 1.15
CA ALA C 284 -38.84 -10.93 -0.09
C ALA C 284 -40.23 -11.48 -0.38
N ALA C 285 -40.59 -12.61 0.24
CA ALA C 285 -41.96 -13.07 0.17
C ALA C 285 -42.83 -12.39 1.22
N LEU C 286 -42.27 -12.11 2.41
CA LEU C 286 -43.12 -11.73 3.52
C LEU C 286 -43.25 -10.22 3.64
N VAL C 287 -42.42 -9.47 2.91
CA VAL C 287 -42.62 -8.04 2.82
C VAL C 287 -43.85 -7.73 1.99
N SER C 288 -44.06 -8.46 0.90
CA SER C 288 -45.24 -8.31 0.04
C SER C 288 -45.97 -9.64 -0.03
N PRO C 289 -46.77 -9.97 0.98
CA PRO C 289 -47.50 -11.25 0.96
C PRO C 289 -48.82 -11.20 0.21
N ALA C 290 -49.20 -10.05 -0.34
CA ALA C 290 -50.50 -9.94 -0.99
C ALA C 290 -50.48 -10.55 -2.38
N GLU C 291 -49.32 -10.57 -3.03
CA GLU C 291 -49.24 -11.11 -4.38
C GLU C 291 -49.24 -12.64 -4.35
N TYR C 292 -48.77 -13.23 -3.25
CA TYR C 292 -48.69 -14.67 -3.15
C TYR C 292 -50.06 -15.27 -2.85
N SER C 293 -50.26 -16.50 -3.30
CA SER C 293 -51.44 -17.28 -2.98
C SER C 293 -51.36 -17.80 -1.56
N ALA C 294 -52.43 -18.47 -1.11
CA ALA C 294 -52.43 -19.08 0.21
C ALA C 294 -51.56 -20.32 0.24
N GLU C 295 -51.57 -21.09 -0.85
CA GLU C 295 -50.72 -22.27 -0.99
C GLU C 295 -49.25 -21.90 -1.01
N GLU C 296 -48.91 -20.84 -1.77
CA GLU C 296 -47.52 -20.39 -1.84
C GLU C 296 -47.07 -19.79 -0.52
N LEU C 297 -47.99 -19.11 0.18
CA LEU C 297 -47.65 -18.61 1.51
C LEU C 297 -47.43 -19.75 2.50
N LYS C 298 -48.16 -20.85 2.32
CA LYS C 298 -47.96 -22.03 3.17
C LYS C 298 -46.59 -22.66 2.92
N GLU C 299 -46.18 -22.75 1.65
CA GLU C 299 -44.87 -23.33 1.36
C GLU C 299 -43.74 -22.39 1.79
N VAL C 300 -43.98 -21.07 1.72
CA VAL C 300 -42.99 -20.10 2.20
C VAL C 300 -42.87 -20.18 3.72
N GLU C 301 -43.98 -20.39 4.42
CA GLU C 301 -43.95 -20.53 5.87
C GLU C 301 -43.26 -21.84 6.29
N ALA C 302 -43.42 -22.89 5.49
CA ALA C 302 -42.72 -24.14 5.77
C ALA C 302 -41.21 -23.98 5.62
N VAL C 303 -40.78 -23.28 4.56
CA VAL C 303 -39.35 -23.02 4.38
C VAL C 303 -38.84 -22.09 5.48
N LYS C 304 -39.68 -21.16 5.95
CA LYS C 304 -39.29 -20.24 7.01
C LYS C 304 -39.10 -20.98 8.34
N VAL C 305 -39.97 -21.95 8.64
CA VAL C 305 -39.83 -22.73 9.86
C VAL C 305 -38.59 -23.61 9.80
N ALA C 306 -38.34 -24.22 8.64
CA ALA C 306 -37.15 -25.06 8.48
C ALA C 306 -35.86 -24.23 8.59
N ALA C 307 -35.84 -23.03 8.01
CA ALA C 307 -34.67 -22.17 8.10
C ALA C 307 -34.50 -21.59 9.49
N GLU C 308 -35.61 -21.40 10.22
CA GLU C 308 -35.52 -20.97 11.62
C GLU C 308 -34.88 -22.05 12.47
N ASN C 309 -35.23 -23.32 12.21
CA ASN C 309 -34.63 -24.40 12.98
C ASN C 309 -33.17 -24.62 12.59
N ALA C 310 -32.83 -24.44 11.31
CA ALA C 310 -31.46 -24.71 10.87
C ALA C 310 -30.50 -23.62 11.32
N LEU C 311 -30.92 -22.37 11.27
CA LEU C 311 -30.07 -21.26 11.68
C LEU C 311 -30.15 -20.97 13.17
N GLY C 312 -31.07 -21.62 13.89
CA GLY C 312 -31.13 -21.52 15.34
C GLY C 312 -31.63 -20.18 15.85
N GLY C 313 -32.73 -19.69 15.30
CA GLY C 313 -33.30 -18.43 15.77
C GLY C 313 -34.67 -18.21 15.17
N GLU C 314 -35.17 -16.99 15.34
CA GLU C 314 -36.50 -16.63 14.87
C GLU C 314 -36.44 -15.55 13.81
N PHE C 315 -37.24 -15.74 12.76
CA PHE C 315 -37.28 -14.85 11.61
C PHE C 315 -38.01 -13.56 11.99
N VAL C 316 -37.34 -12.42 11.82
CA VAL C 316 -37.91 -11.12 12.12
C VAL C 316 -37.91 -10.29 10.83
N LEU C 317 -39.00 -9.58 10.58
CA LEU C 317 -38.99 -8.56 9.54
C LEU C 317 -38.42 -7.27 10.11
N ILE C 318 -37.47 -6.69 9.39
CA ILE C 318 -36.78 -5.50 9.85
C ILE C 318 -37.28 -4.31 9.06
N GLN C 319 -37.82 -3.33 9.77
CA GLN C 319 -38.26 -2.07 9.22
C GLN C 319 -37.08 -1.10 9.20
N GLU C 320 -37.33 0.18 8.94
CA GLU C 320 -36.25 1.13 8.65
C GLU C 320 -35.36 1.39 9.86
N GLY C 321 -35.91 1.27 11.07
CA GLY C 321 -35.08 1.31 12.26
C GLY C 321 -35.44 2.40 13.25
N MET D 1 1.67 40.08 -22.25
CA MET D 1 1.72 38.68 -21.83
C MET D 1 0.48 37.95 -22.34
N LYS D 2 0.66 36.69 -22.74
CA LYS D 2 -0.47 35.86 -23.15
C LYS D 2 -1.35 35.55 -21.95
N LEU D 3 -2.63 35.92 -22.06
CA LEU D 3 -3.61 35.49 -21.07
C LEU D 3 -4.72 34.69 -21.70
N LEU D 4 -5.35 35.27 -22.67
CA LEU D 4 -6.49 34.70 -23.34
C LEU D 4 -6.01 33.91 -24.55
N PRO D 5 -6.48 32.69 -24.75
CA PRO D 5 -6.01 31.89 -25.89
C PRO D 5 -6.70 32.33 -27.18
N GLU D 6 -6.27 31.72 -28.27
CA GLU D 6 -6.92 31.93 -29.55
C GLU D 6 -8.30 31.29 -29.55
N SER D 7 -8.42 30.12 -28.93
CA SER D 7 -9.69 29.44 -28.74
C SER D 7 -9.73 28.87 -27.33
N LEU D 8 -10.77 29.22 -26.58
CA LEU D 8 -10.95 28.62 -25.26
C LEU D 8 -11.46 27.19 -25.37
N GLN D 9 -12.29 26.92 -26.38
CA GLN D 9 -12.89 25.59 -26.52
C GLN D 9 -11.86 24.58 -27.00
N GLN D 10 -10.93 24.99 -27.85
CA GLN D 10 -9.89 24.09 -28.32
C GLN D 10 -8.95 23.70 -27.18
N GLU D 11 -8.67 24.65 -26.29
CA GLU D 11 -7.77 24.37 -25.17
C GLU D 11 -8.46 23.55 -24.10
N ALA D 12 -9.76 23.79 -23.87
CA ALA D 12 -10.52 22.96 -22.94
C ALA D 12 -10.71 21.57 -23.49
N ALA D 13 -10.85 21.43 -24.81
CA ALA D 13 -10.96 20.10 -25.40
C ALA D 13 -9.63 19.39 -25.40
N THR D 14 -8.52 20.14 -25.46
CA THR D 14 -7.20 19.53 -25.29
C THR D 14 -7.03 18.99 -23.89
N ALA D 15 -7.50 19.74 -22.88
CA ALA D 15 -7.48 19.26 -21.50
C ALA D 15 -8.36 18.03 -21.33
N ALA D 16 -9.54 18.04 -21.95
CA ALA D 16 -10.45 16.89 -21.86
C ALA D 16 -9.88 15.66 -22.55
N VAL D 17 -9.23 15.84 -23.70
CA VAL D 17 -8.66 14.71 -24.43
C VAL D 17 -7.47 14.12 -23.67
N VAL D 18 -6.62 14.98 -23.09
CA VAL D 18 -5.47 14.51 -22.34
C VAL D 18 -5.92 13.79 -21.07
N ALA D 19 -6.91 14.33 -20.36
CA ALA D 19 -7.37 13.70 -19.13
C ALA D 19 -8.18 12.44 -19.41
N SER D 20 -8.88 12.39 -20.55
CA SER D 20 -9.59 11.17 -20.91
C SER D 20 -8.64 10.07 -21.35
N TRP D 21 -7.54 10.44 -22.01
CA TRP D 21 -6.53 9.44 -22.32
C TRP D 21 -5.85 8.94 -21.06
N VAL D 22 -5.57 9.83 -20.10
CA VAL D 22 -4.95 9.40 -18.86
C VAL D 22 -5.91 8.50 -18.07
N LEU D 23 -7.21 8.80 -18.14
CA LEU D 23 -8.21 7.96 -17.48
C LEU D 23 -8.30 6.59 -18.13
N TRP D 24 -8.32 6.53 -19.47
CA TRP D 24 -8.35 5.25 -20.17
C TRP D 24 -7.09 4.45 -19.91
N HIS D 25 -5.93 5.10 -19.91
CA HIS D 25 -4.67 4.39 -19.75
C HIS D 25 -4.49 3.93 -18.32
N LEU D 26 -5.05 4.68 -17.37
CA LEU D 26 -5.05 4.22 -15.98
C LEU D 26 -5.97 3.03 -15.81
N ASP D 27 -7.22 3.14 -16.27
CA ASP D 27 -8.23 2.10 -16.06
C ASP D 27 -7.92 0.82 -16.83
N THR D 28 -7.24 0.94 -17.96
CA THR D 28 -7.10 -0.16 -18.90
C THR D 28 -5.72 -0.78 -18.89
N GLN D 29 -4.66 0.02 -18.81
CA GLN D 29 -3.31 -0.49 -18.87
C GLN D 29 -2.62 -0.52 -17.51
N LEU D 30 -2.83 0.50 -16.68
CA LEU D 30 -2.07 0.59 -15.44
C LEU D 30 -2.78 -0.14 -14.30
N LEU D 31 -4.08 0.09 -14.13
CA LEU D 31 -4.80 -0.52 -13.00
C LEU D 31 -4.93 -2.03 -13.07
N PRO D 32 -5.15 -2.69 -14.26
CA PRO D 32 -5.10 -4.16 -14.26
C PRO D 32 -3.77 -4.76 -13.84
N THR D 33 -2.67 -4.17 -14.29
CA THR D 33 -1.34 -4.62 -13.89
C THR D 33 -1.10 -4.42 -12.41
N ILE D 34 -1.43 -3.21 -11.91
CA ILE D 34 -1.28 -2.87 -10.51
C ILE D 34 -2.14 -3.78 -9.64
N MET D 35 -3.36 -4.10 -10.09
CA MET D 35 -4.23 -4.92 -9.28
C MET D 35 -3.84 -6.38 -9.31
N ARG D 36 -3.27 -6.86 -10.42
CA ARG D 36 -2.72 -8.22 -10.44
C ARG D 36 -1.58 -8.35 -9.44
N GLU D 37 -0.62 -7.42 -9.51
CA GLU D 37 0.55 -7.46 -8.65
C GLU D 37 0.18 -7.20 -7.20
N HIS D 38 -0.79 -6.33 -6.95
CA HIS D 38 -1.20 -6.03 -5.59
C HIS D 38 -2.04 -7.15 -5.00
N LYS D 39 -2.95 -7.71 -5.78
CA LYS D 39 -3.94 -8.61 -5.22
C LYS D 39 -3.41 -10.02 -5.12
N LEU D 40 -2.35 -10.38 -5.85
CA LEU D 40 -1.68 -11.64 -5.56
C LEU D 40 -1.10 -11.62 -4.15
N HIS D 41 -0.35 -10.56 -3.83
CA HIS D 41 0.22 -10.39 -2.50
C HIS D 41 -0.85 -10.24 -1.43
N ALA D 42 -1.90 -9.50 -1.73
CA ALA D 42 -2.95 -9.26 -0.74
C ALA D 42 -3.78 -10.50 -0.50
N CYS D 43 -4.06 -11.29 -1.53
CA CYS D 43 -4.83 -12.51 -1.36
C CYS D 43 -4.01 -13.56 -0.63
N TRP D 44 -2.71 -13.65 -0.90
CA TRP D 44 -1.88 -14.58 -0.16
C TRP D 44 -1.73 -14.17 1.29
N ALA D 45 -1.61 -12.86 1.55
CA ALA D 45 -1.50 -12.39 2.94
C ALA D 45 -2.81 -12.56 3.69
N ALA D 46 -3.94 -12.41 3.01
CA ALA D 46 -5.22 -12.58 3.68
C ALA D 46 -5.58 -14.04 3.83
N ALA D 47 -5.03 -14.91 3.00
CA ALA D 47 -5.40 -16.31 3.02
C ALA D 47 -4.35 -17.23 3.61
N ALA D 48 -3.22 -16.69 4.09
CA ALA D 48 -2.14 -17.55 4.59
C ALA D 48 -2.59 -18.46 5.73
N LYS D 49 -3.32 -17.90 6.70
CA LYS D 49 -3.73 -18.66 7.87
C LYS D 49 -4.77 -19.72 7.51
N ARG D 50 -5.84 -19.33 6.82
CA ARG D 50 -6.90 -20.27 6.45
C ARG D 50 -6.42 -21.30 5.44
N TYR D 51 -5.59 -20.87 4.50
CA TYR D 51 -5.04 -21.75 3.48
C TYR D 51 -4.14 -22.80 4.09
N ASN D 52 -3.25 -22.38 4.99
CA ASN D 52 -2.36 -23.33 5.63
C ASN D 52 -3.11 -24.25 6.57
N GLU D 53 -4.17 -23.75 7.21
CA GLU D 53 -4.97 -24.62 8.09
C GLU D 53 -5.77 -25.63 7.29
N LYS D 54 -6.36 -25.22 6.18
CA LYS D 54 -7.14 -26.14 5.34
C LYS D 54 -6.24 -27.16 4.68
N LEU D 55 -5.06 -26.75 4.24
CA LEU D 55 -4.11 -27.67 3.64
C LEU D 55 -3.51 -28.60 4.69
N PHE D 56 -3.38 -28.12 5.92
CA PHE D 56 -2.93 -28.97 7.02
C PHE D 56 -3.97 -30.02 7.38
N LYS D 57 -5.25 -29.65 7.29
CA LYS D 57 -6.30 -30.63 7.54
C LYS D 57 -6.40 -31.64 6.42
N LEU D 58 -6.21 -31.22 5.17
CA LEU D 58 -6.35 -32.13 4.05
C LEU D 58 -5.14 -33.04 3.88
N ASN D 59 -4.01 -32.70 4.47
CA ASN D 59 -2.78 -33.45 4.28
C ASN D 59 -2.79 -34.73 5.13
N PRO D 60 -2.74 -35.92 4.52
CA PRO D 60 -2.69 -37.15 5.30
C PRO D 60 -1.29 -37.61 5.69
N SER D 61 -0.29 -36.74 5.60
CA SER D 61 1.10 -37.19 5.70
C SER D 61 1.53 -37.33 7.16
N TYR D 62 0.85 -36.67 8.08
CA TYR D 62 1.36 -36.56 9.44
C TYR D 62 1.05 -37.82 10.25
N ASP D 63 -0.12 -38.41 10.05
CA ASP D 63 -0.51 -39.62 10.77
C ASP D 63 -0.40 -40.85 9.90
N ARG D 64 0.65 -40.93 9.08
CA ARG D 64 0.90 -42.12 8.27
C ARG D 64 1.31 -43.30 9.13
N VAL D 65 1.91 -43.02 10.28
CA VAL D 65 2.41 -44.05 11.19
C VAL D 65 1.27 -44.82 11.82
N LEU D 66 0.07 -44.23 11.86
CA LEU D 66 -1.06 -44.89 12.50
C LEU D 66 -1.77 -45.84 11.56
N SER D 67 -1.44 -45.78 10.27
CA SER D 67 -1.97 -46.72 9.29
C SER D 67 -1.10 -47.97 9.17
N LEU D 68 0.05 -47.97 9.82
CA LEU D 68 1.01 -49.07 9.84
C LEU D 68 0.51 -50.13 10.82
N PRO D 69 1.02 -51.36 10.77
CA PRO D 69 0.67 -52.34 11.80
C PRO D 69 1.25 -51.93 13.15
N ALA D 70 0.41 -51.93 14.18
CA ALA D 70 0.78 -51.25 15.41
C ALA D 70 1.52 -52.16 16.38
N VAL D 71 1.69 -53.44 16.04
CA VAL D 71 2.11 -54.39 17.07
C VAL D 71 3.59 -54.21 17.39
N SER D 72 4.48 -54.75 16.54
CA SER D 72 5.88 -54.38 16.23
C SER D 72 6.43 -55.52 15.38
N LYS D 73 7.66 -55.40 14.91
CA LYS D 73 8.38 -56.61 14.55
C LYS D 73 8.88 -57.32 15.79
N ASN D 74 9.15 -56.55 16.85
CA ASN D 74 9.70 -57.09 18.09
C ASN D 74 8.67 -57.91 18.84
N GLN D 75 7.43 -57.42 18.94
CA GLN D 75 6.40 -58.16 19.64
C GLN D 75 5.99 -59.41 18.85
N VAL D 76 6.05 -59.33 17.53
CA VAL D 76 5.80 -60.50 16.69
C VAL D 76 6.88 -61.55 16.89
N LEU D 77 8.13 -61.11 17.02
CA LEU D 77 9.23 -62.06 17.27
C LEU D 77 9.15 -62.64 18.67
N GLU D 78 8.61 -61.89 19.63
CA GLU D 78 8.53 -62.42 20.99
C GLU D 78 7.28 -63.28 21.18
N ASN D 79 6.32 -63.19 20.26
CA ASN D 79 5.14 -64.05 20.37
C ASN D 79 5.25 -65.29 19.50
N VAL D 80 5.99 -65.19 18.39
CA VAL D 80 6.16 -66.33 17.50
C VAL D 80 7.21 -67.28 18.05
N PHE D 81 8.21 -66.74 18.72
CA PHE D 81 9.31 -67.50 19.28
C PHE D 81 9.30 -67.39 20.79
N HIS D 82 8.13 -67.65 21.39
CA HIS D 82 7.89 -67.39 22.81
C HIS D 82 8.78 -68.22 23.71
N THR D 83 8.95 -69.51 23.40
CA THR D 83 9.78 -70.40 24.19
C THR D 83 10.89 -70.93 23.29
N ALA D 84 12.09 -71.02 23.84
CA ALA D 84 13.24 -71.57 23.11
C ALA D 84 13.01 -73.05 22.88
N PRO D 85 13.16 -73.55 21.65
CA PRO D 85 12.81 -74.94 21.37
C PRO D 85 13.85 -75.91 21.93
N LYS D 86 13.38 -77.10 22.28
CA LYS D 86 14.25 -78.10 22.86
C LYS D 86 14.99 -78.85 21.76
N ALA D 87 16.30 -78.94 21.92
CA ALA D 87 17.14 -79.65 20.96
C ALA D 87 16.87 -81.15 21.03
N PRO D 88 16.97 -81.86 19.90
CA PRO D 88 16.78 -83.32 19.94
C PRO D 88 17.93 -84.05 20.59
N VAL D 89 19.13 -83.44 20.62
CA VAL D 89 20.29 -84.10 21.20
C VAL D 89 20.31 -83.94 22.71
N GLU D 90 19.46 -83.06 23.25
CA GLU D 90 19.42 -82.81 24.68
C GLU D 90 18.92 -84.03 25.45
N HIS D 91 17.90 -84.70 24.91
CA HIS D 91 17.36 -85.90 25.52
C HIS D 91 18.39 -87.02 25.53
N LEU D 92 19.11 -87.18 24.40
CA LEU D 92 20.18 -88.18 24.32
C LEU D 92 21.28 -87.90 25.32
N GLU D 93 21.68 -86.63 25.45
CA GLU D 93 22.80 -86.30 26.34
C GLU D 93 22.42 -86.50 27.81
N LYS D 94 21.22 -86.04 28.21
CA LYS D 94 20.76 -86.21 29.59
C LYS D 94 20.58 -87.68 29.93
N MET D 95 19.89 -88.44 29.07
CA MET D 95 19.62 -89.83 29.37
C MET D 95 20.86 -90.70 29.28
N VAL D 96 21.83 -90.37 28.41
CA VAL D 96 23.06 -91.14 28.34
C VAL D 96 23.94 -90.86 29.55
N SER D 97 23.95 -89.61 30.03
CA SER D 97 24.72 -89.33 31.24
C SER D 97 24.07 -89.93 32.49
N ALA D 98 22.75 -90.15 32.46
CA ALA D 98 22.13 -90.88 33.58
C ALA D 98 22.35 -92.40 33.47
N ASN D 99 22.27 -92.95 32.27
CA ASN D 99 22.46 -94.39 32.11
C ASN D 99 23.93 -94.76 32.23
N SER D 100 24.83 -93.77 32.14
CA SER D 100 26.22 -94.01 32.49
C SER D 100 26.37 -94.33 33.97
N LYS D 101 25.62 -93.61 34.82
CA LYS D 101 25.59 -93.94 36.24
C LYS D 101 24.91 -95.27 36.48
N VAL D 102 23.88 -95.58 35.69
CA VAL D 102 23.22 -96.89 35.77
C VAL D 102 24.19 -98.01 35.41
N TYR D 103 25.01 -97.80 34.38
CA TYR D 103 26.02 -98.79 34.00
C TYR D 103 27.09 -98.93 35.08
N ASP D 104 27.54 -97.80 35.64
CA ASP D 104 28.59 -97.81 36.65
C ASP D 104 28.12 -98.54 37.91
N ALA D 105 26.83 -98.42 38.24
CA ALA D 105 26.32 -99.07 39.43
C ALA D 105 26.02 -100.55 39.19
N LEU D 106 25.32 -100.87 38.10
CA LEU D 106 24.62 -102.14 38.00
C LEU D 106 25.10 -103.05 36.88
N ASN D 107 26.34 -102.92 36.44
CA ASN D 107 26.89 -103.83 35.45
C ASN D 107 28.05 -104.60 36.05
N LEU D 108 28.11 -105.91 35.77
CA LEU D 108 29.08 -106.78 36.42
C LEU D 108 30.51 -106.48 35.95
N GLN D 109 30.66 -105.91 34.76
CA GLN D 109 31.98 -105.57 34.25
C GLN D 109 32.37 -104.13 34.57
N SER D 110 31.62 -103.44 35.42
CA SER D 110 31.99 -102.08 35.79
C SER D 110 33.17 -102.11 36.76
N LYS D 111 33.87 -100.98 36.85
CA LYS D 111 34.98 -100.88 37.79
C LYS D 111 34.49 -100.50 39.18
N ARG D 112 33.32 -99.88 39.28
CA ARG D 112 32.76 -99.47 40.57
C ARG D 112 31.35 -100.04 40.70
N VAL D 113 31.22 -101.35 40.43
CA VAL D 113 29.95 -102.04 40.55
C VAL D 113 29.55 -102.13 42.01
N LEU D 114 28.26 -101.89 42.29
CA LEU D 114 27.72 -101.91 43.64
C LEU D 114 27.33 -103.30 44.14
N ILE D 115 27.67 -104.37 43.42
CA ILE D 115 27.19 -105.69 43.82
C ILE D 115 28.02 -106.23 44.97
N TRP D 116 29.22 -105.69 45.19
CA TRP D 116 30.03 -106.15 46.31
C TRP D 116 29.72 -105.36 47.56
N GLN D 117 29.03 -104.24 47.43
CA GLN D 117 28.62 -103.47 48.58
C GLN D 117 27.27 -103.94 49.10
N VAL D 118 26.32 -104.20 48.20
CA VAL D 118 24.98 -104.51 48.64
C VAL D 118 24.81 -105.99 48.94
N LYS D 119 25.67 -106.83 48.37
CA LYS D 119 25.66 -108.27 48.62
C LYS D 119 27.10 -108.67 48.90
N PRO D 120 27.51 -108.69 50.17
CA PRO D 120 28.90 -109.05 50.49
C PRO D 120 29.19 -110.51 50.21
N ALA D 121 30.33 -110.77 49.59
CA ALA D 121 30.66 -112.11 49.14
C ALA D 121 31.10 -112.98 50.30
N LEU D 122 30.78 -114.26 50.22
CA LEU D 122 31.13 -115.23 51.24
C LEU D 122 32.49 -115.83 50.92
N PHE D 123 33.40 -115.79 51.89
CA PHE D 123 34.72 -116.38 51.72
C PHE D 123 34.99 -117.42 52.80
N GLU E 28 3.64 -26.00 -21.83
CA GLU E 28 4.11 -27.37 -21.80
C GLU E 28 3.57 -28.10 -20.58
N GLY E 29 3.94 -29.37 -20.44
CA GLY E 29 3.55 -30.11 -19.25
C GLY E 29 4.29 -29.61 -18.03
N ASN E 30 3.74 -29.91 -16.85
CA ASN E 30 4.29 -29.32 -15.64
C ASN E 30 5.52 -30.09 -15.17
N SER E 31 6.37 -29.38 -14.41
CA SER E 31 7.72 -29.86 -14.15
C SER E 31 7.72 -30.95 -13.08
N VAL E 32 6.73 -30.94 -12.19
CA VAL E 32 6.70 -31.90 -11.10
C VAL E 32 6.34 -33.29 -11.62
N ALA E 33 5.44 -33.34 -12.61
CA ALA E 33 5.13 -34.62 -13.23
C ALA E 33 6.31 -35.16 -14.02
N GLY E 34 7.12 -34.26 -14.60
CA GLY E 34 8.35 -34.69 -15.23
C GLY E 34 9.37 -35.22 -14.23
N ILE E 35 9.43 -34.59 -13.04
CA ILE E 35 10.28 -35.09 -11.96
C ILE E 35 9.84 -36.49 -11.53
N ILE E 36 8.53 -36.66 -11.33
CA ILE E 36 7.98 -37.93 -10.88
C ILE E 36 8.23 -39.03 -11.90
N LYS E 37 8.00 -38.72 -13.19
CA LYS E 37 8.21 -39.69 -14.26
C LYS E 37 9.67 -40.06 -14.39
N SER E 38 10.58 -39.08 -14.45
CA SER E 38 11.97 -39.41 -14.71
C SER E 38 12.68 -39.95 -13.48
N VAL E 39 12.12 -39.72 -12.28
CA VAL E 39 12.67 -40.37 -11.09
C VAL E 39 12.18 -41.80 -11.02
N ASN E 40 10.92 -42.05 -11.40
CA ASN E 40 10.39 -43.41 -11.42
C ASN E 40 11.03 -44.24 -12.52
N GLU E 41 11.56 -43.60 -13.57
CA GLU E 41 12.11 -44.35 -14.69
C GLU E 41 13.55 -44.80 -14.42
N THR E 42 14.25 -44.14 -13.49
CA THR E 42 15.63 -44.54 -13.21
C THR E 42 15.66 -45.84 -12.42
N SER E 43 16.75 -46.59 -12.59
CA SER E 43 17.00 -47.73 -11.73
C SER E 43 17.61 -47.26 -10.43
N GLY E 44 17.76 -48.19 -9.49
CA GLY E 44 18.32 -47.84 -8.18
C GLY E 44 19.80 -47.48 -8.26
N ALA E 45 20.52 -48.10 -9.21
CA ALA E 45 21.93 -47.77 -9.38
C ALA E 45 22.09 -46.46 -10.14
N ASN E 46 21.16 -46.16 -11.05
CA ASN E 46 21.22 -44.97 -11.88
C ASN E 46 20.66 -43.73 -11.18
N LEU E 47 20.11 -43.87 -9.98
CA LEU E 47 19.23 -42.83 -9.43
C LEU E 47 20.02 -41.61 -8.96
N LEU E 48 21.08 -41.84 -8.18
CA LEU E 48 21.69 -40.74 -7.42
C LEU E 48 22.51 -39.81 -8.32
N SER E 49 23.04 -40.34 -9.42
CA SER E 49 23.82 -39.49 -10.32
C SER E 49 22.93 -38.80 -11.34
N SER E 50 21.73 -39.32 -11.57
CA SER E 50 20.78 -38.70 -12.48
C SER E 50 20.08 -37.49 -11.85
N LEU E 51 20.21 -37.31 -10.54
CA LEU E 51 19.38 -36.34 -9.82
C LEU E 51 19.73 -34.90 -10.19
N LYS E 52 20.98 -34.65 -10.58
CA LYS E 52 21.34 -33.32 -11.04
C LYS E 52 20.86 -33.06 -12.46
N THR E 53 20.64 -34.11 -13.24
CA THR E 53 20.10 -33.91 -14.58
C THR E 53 18.61 -33.63 -14.53
N ILE E 54 17.88 -34.42 -13.74
CA ILE E 54 16.44 -34.29 -13.57
C ILE E 54 16.08 -32.92 -13.04
N LYS E 55 16.84 -32.46 -12.03
CA LYS E 55 16.70 -31.11 -11.50
C LYS E 55 16.89 -30.05 -12.59
N ALA E 56 17.87 -30.26 -13.47
CA ALA E 56 18.12 -29.29 -14.53
C ALA E 56 17.03 -29.32 -15.58
N GLN E 57 16.27 -30.43 -15.64
CA GLN E 57 15.15 -30.46 -16.58
C GLN E 57 13.89 -29.91 -15.92
N ALA E 58 13.93 -29.68 -14.62
CA ALA E 58 12.78 -29.11 -13.93
C ALA E 58 13.01 -27.66 -13.55
N ALA E 59 14.22 -27.17 -13.77
CA ALA E 59 14.52 -25.78 -13.49
C ALA E 59 13.75 -24.88 -14.45
N PRO E 60 13.26 -23.72 -14.00
CA PRO E 60 12.51 -22.85 -14.90
C PRO E 60 13.43 -22.23 -15.93
N ILE E 61 12.85 -21.87 -17.09
CA ILE E 61 13.64 -21.23 -18.14
C ILE E 61 13.89 -19.80 -17.70
N TYR E 62 15.15 -19.44 -17.59
CA TYR E 62 15.52 -18.05 -17.42
C TYR E 62 16.31 -17.70 -18.66
N PRO E 63 15.71 -16.94 -19.61
CA PRO E 63 16.33 -16.74 -20.92
C PRO E 63 17.68 -16.04 -20.89
N ALA E 64 18.65 -16.61 -21.60
CA ALA E 64 19.98 -16.03 -21.64
C ALA E 64 19.98 -14.75 -22.46
N ALA E 65 20.99 -13.92 -22.22
CA ALA E 65 21.07 -12.60 -22.84
C ALA E 65 21.26 -12.72 -24.35
N ALA E 66 20.28 -12.24 -25.10
CA ALA E 66 20.23 -12.37 -26.54
C ALA E 66 21.05 -11.28 -27.22
N SER E 67 20.83 -11.13 -28.53
CA SER E 67 21.60 -10.20 -29.34
C SER E 67 21.34 -8.75 -28.95
N SER E 68 22.41 -7.99 -28.76
CA SER E 68 22.33 -6.57 -28.48
C SER E 68 22.21 -5.84 -29.82
N THR E 69 20.99 -5.43 -30.14
CA THR E 69 20.71 -4.64 -31.33
C THR E 69 21.02 -3.18 -30.96
N GLY E 70 20.98 -2.26 -31.92
CA GLY E 70 20.89 -0.86 -31.59
C GLY E 70 19.54 -0.48 -31.01
N TYR E 71 19.19 0.79 -31.19
CA TYR E 71 17.95 1.27 -30.60
C TYR E 71 16.75 0.78 -31.40
N SER E 72 15.66 0.53 -30.70
CA SER E 72 14.41 0.08 -31.33
C SER E 72 13.84 1.19 -32.20
N THR E 73 12.91 0.81 -33.08
CA THR E 73 12.30 1.81 -33.95
C THR E 73 11.40 2.76 -33.15
N GLN E 74 10.89 2.30 -32.00
CA GLN E 74 10.16 3.21 -31.13
C GLN E 74 11.12 4.06 -30.30
N ALA E 75 12.28 3.53 -29.97
CA ALA E 75 13.30 4.34 -29.30
C ALA E 75 13.90 5.37 -30.25
N LYS E 76 14.09 4.97 -31.52
CA LYS E 76 14.53 5.91 -32.53
C LYS E 76 13.47 6.98 -32.78
N ILE E 77 12.20 6.58 -32.84
CA ILE E 77 11.10 7.53 -33.01
C ILE E 77 11.02 8.47 -31.81
N ALA E 78 11.25 7.94 -30.61
CA ALA E 78 11.18 8.74 -29.39
C ALA E 78 12.29 9.79 -29.34
N LEU E 79 13.52 9.38 -29.60
CA LEU E 79 14.62 10.35 -29.48
C LEU E 79 14.66 11.29 -30.68
N PHE E 80 14.25 10.82 -31.86
CA PHE E 80 14.14 11.71 -33.01
C PHE E 80 13.03 12.72 -32.81
N GLY E 81 11.90 12.30 -32.23
CA GLY E 81 10.82 13.23 -31.97
C GLY E 81 11.13 14.17 -30.83
N ALA E 82 11.93 13.71 -29.85
CA ALA E 82 12.33 14.59 -28.76
C ALA E 82 13.31 15.66 -29.25
N LEU E 83 14.25 15.26 -30.11
CA LEU E 83 15.18 16.24 -30.67
C LEU E 83 14.48 17.16 -31.66
N SER E 84 13.52 16.63 -32.41
CA SER E 84 12.68 17.45 -33.29
C SER E 84 11.87 18.46 -32.49
N TRP E 85 11.30 18.04 -31.37
CA TRP E 85 10.52 18.94 -30.52
C TRP E 85 11.41 19.98 -29.87
N ILE E 86 12.61 19.60 -29.44
CA ILE E 86 13.52 20.55 -28.79
C ILE E 86 14.00 21.59 -29.80
N LEU E 87 14.28 21.16 -31.03
CA LEU E 87 14.71 22.12 -32.06
C LEU E 87 13.57 23.04 -32.48
N TYR E 88 12.36 22.50 -32.60
CA TYR E 88 11.20 23.32 -32.94
C TYR E 88 10.89 24.32 -31.84
N ARG E 89 11.02 23.90 -30.59
CA ARG E 89 10.72 24.77 -29.47
C ARG E 89 11.80 25.83 -29.29
N ALA E 90 13.06 25.48 -29.55
CA ALA E 90 14.13 26.47 -29.46
C ALA E 90 14.05 27.47 -30.60
N ASP E 91 13.62 27.03 -31.78
CA ASP E 91 13.40 27.96 -32.89
C ASP E 91 12.23 28.89 -32.60
N GLY E 92 11.18 28.39 -31.96
CA GLY E 92 10.07 29.25 -31.58
C GLY E 92 10.42 30.19 -30.43
N GLN E 93 11.33 29.76 -29.55
CA GLN E 93 11.77 30.60 -28.45
C GLN E 93 12.67 31.72 -28.93
N SER E 94 13.47 31.44 -29.95
CA SER E 94 14.37 32.47 -30.48
C SER E 94 13.59 33.52 -31.27
N LYS E 95 12.50 33.13 -31.93
CA LYS E 95 11.72 34.12 -32.66
C LYS E 95 10.81 34.94 -31.77
N ALA E 96 10.75 34.65 -30.47
CA ALA E 96 9.89 35.39 -29.56
C ALA E 96 10.46 36.77 -29.28
N HIS E 97 9.66 37.59 -28.59
CA HIS E 97 10.03 38.98 -28.34
C HIS E 97 11.17 39.09 -27.33
N GLU E 98 10.97 38.57 -26.13
CA GLU E 98 12.06 38.44 -25.18
C GLU E 98 12.70 37.06 -25.28
N TRP E 99 13.41 36.91 -26.40
CA TRP E 99 13.95 35.62 -26.81
C TRP E 99 15.13 35.20 -25.94
N ILE E 100 16.00 36.15 -25.59
CA ILE E 100 17.16 35.84 -24.78
C ILE E 100 16.74 35.48 -23.36
N VAL E 101 15.63 36.06 -22.90
CA VAL E 101 15.02 35.69 -21.63
C VAL E 101 14.60 34.22 -21.62
N ASP E 102 13.96 33.76 -22.70
CA ASP E 102 13.58 32.36 -22.83
C ASP E 102 14.79 31.44 -22.93
N LEU E 103 15.81 31.85 -23.70
CA LEU E 103 17.00 31.03 -23.85
C LEU E 103 17.79 30.89 -22.56
N ASN E 104 17.71 31.89 -21.66
CA ASN E 104 18.32 31.71 -20.35
C ASN E 104 17.39 31.04 -19.34
N LEU E 105 16.08 31.05 -19.58
CA LEU E 105 15.19 30.18 -18.81
C LEU E 105 15.49 28.72 -19.03
N ASN E 106 15.87 28.35 -20.27
CA ASN E 106 16.29 26.98 -20.54
C ASN E 106 17.53 26.60 -19.73
N VAL E 107 18.47 27.54 -19.56
CA VAL E 107 19.64 27.31 -18.72
C VAL E 107 19.25 27.17 -17.26
N LEU E 108 18.29 27.99 -16.81
CA LEU E 108 17.83 27.94 -15.43
C LEU E 108 17.13 26.62 -15.09
N GLN E 109 16.44 26.04 -16.07
CA GLN E 109 15.77 24.76 -15.83
C GLN E 109 16.74 23.58 -15.94
N ALA E 110 17.68 23.65 -16.90
CA ALA E 110 18.68 22.61 -17.01
C ALA E 110 19.62 22.57 -15.82
N ALA E 111 19.84 23.71 -15.16
CA ALA E 111 20.62 23.75 -13.94
C ALA E 111 19.98 22.94 -12.83
N TRP E 112 18.66 23.04 -12.67
CA TRP E 112 18.00 22.27 -11.63
C TRP E 112 17.87 20.80 -12.00
N LEU E 113 17.80 20.46 -13.28
CA LEU E 113 17.91 19.06 -13.69
C LEU E 113 19.26 18.48 -13.29
N ILE E 114 20.33 19.23 -13.54
CA ILE E 114 21.69 18.81 -13.18
C ILE E 114 21.82 18.69 -11.66
N SER E 115 21.22 19.61 -10.91
CA SER E 115 21.28 19.54 -9.45
C SER E 115 20.43 18.40 -8.88
N PHE E 116 19.35 18.04 -9.56
CA PHE E 116 18.58 16.86 -9.19
C PHE E 116 19.37 15.58 -9.39
N SER E 117 20.21 15.56 -10.42
CA SER E 117 21.07 14.39 -10.64
C SER E 117 22.10 14.24 -9.52
N SER E 118 22.43 15.34 -8.86
CA SER E 118 23.46 15.31 -7.83
C SER E 118 22.87 15.08 -6.44
N LEU E 119 21.70 15.66 -6.18
CA LEU E 119 21.23 15.77 -4.80
C LEU E 119 20.35 14.58 -4.40
N ILE E 120 19.66 13.97 -5.35
CA ILE E 120 18.61 13.01 -5.00
C ILE E 120 19.24 11.67 -4.61
N PRO E 121 18.95 11.14 -3.42
CA PRO E 121 19.44 9.81 -3.05
C PRO E 121 18.64 8.71 -3.73
N PHE E 122 19.06 8.30 -4.93
CA PHE E 122 18.23 7.48 -5.81
C PHE E 122 17.97 6.09 -5.23
N ARG E 123 18.88 5.57 -4.41
CA ARG E 123 18.64 4.28 -3.77
C ARG E 123 17.57 4.41 -2.68
N ALA E 124 17.63 5.49 -1.90
CA ALA E 124 16.61 5.73 -0.89
C ALA E 124 15.26 6.04 -1.54
N VAL E 125 15.28 6.70 -2.70
CA VAL E 125 14.04 6.97 -3.42
C VAL E 125 13.43 5.69 -3.98
N TYR E 126 14.28 4.80 -4.50
CA TYR E 126 13.82 3.50 -4.99
C TYR E 126 13.21 2.67 -3.87
N PHE E 127 13.87 2.62 -2.72
CA PHE E 127 13.36 1.80 -1.63
C PHE E 127 12.18 2.47 -0.92
N ALA E 128 12.05 3.78 -1.06
CA ALA E 128 10.87 4.46 -0.53
C ALA E 128 9.68 4.24 -1.44
N PHE E 129 9.91 4.14 -2.74
CA PHE E 129 8.83 3.82 -3.65
C PHE E 129 8.41 2.36 -3.51
N ARG E 130 9.36 1.49 -3.13
CA ARG E 130 9.01 0.10 -2.86
C ARG E 130 8.12 -0.04 -1.63
N GLY E 131 8.18 0.91 -0.70
CA GLY E 131 7.31 0.89 0.45
C GLY E 131 5.93 1.47 0.23
N MET E 132 5.70 2.11 -0.92
CA MET E 132 4.38 2.67 -1.21
C MET E 132 3.41 1.58 -1.62
N ALA E 133 3.87 0.60 -2.35
CA ALA E 133 3.04 -0.52 -2.74
C ALA E 133 3.12 -1.61 -1.67
N PRO E 134 1.99 -2.15 -1.21
CA PRO E 134 2.07 -3.23 -0.21
C PRO E 134 2.61 -4.53 -0.77
N ALA E 135 2.63 -4.71 -2.09
CA ALA E 135 3.17 -5.94 -2.67
C ALA E 135 4.68 -6.01 -2.55
N THR E 136 5.35 -4.86 -2.49
CA THR E 136 6.79 -4.84 -2.35
C THR E 136 7.25 -4.33 -0.99
N ALA E 137 6.34 -3.85 -0.14
CA ALA E 137 6.72 -3.41 1.19
C ALA E 137 7.04 -4.60 2.09
N SER E 138 6.40 -5.73 1.84
CA SER E 138 6.59 -6.93 2.66
C SER E 138 7.05 -8.08 1.77
N THR E 139 7.61 -9.10 2.42
CA THR E 139 7.84 -10.37 1.78
C THR E 139 6.49 -11.07 1.57
N LEU E 140 6.34 -11.72 0.42
CA LEU E 140 5.13 -12.49 0.12
C LEU E 140 4.99 -13.65 1.09
N ASN E 141 4.04 -13.54 2.01
CA ASN E 141 3.79 -14.57 3.01
C ASN E 141 2.54 -15.35 2.63
N GLY E 142 2.72 -16.64 2.41
CA GLY E 142 1.65 -17.47 1.92
C GLY E 142 1.73 -18.90 2.43
N LEU E 143 1.75 -19.82 1.48
CA LEU E 143 1.95 -21.24 1.73
C LEU E 143 3.21 -21.50 2.54
N LYS E 144 3.04 -22.18 3.67
CA LYS E 144 4.14 -22.64 4.50
C LYS E 144 4.52 -24.05 4.10
N THR E 145 5.74 -24.46 4.46
CA THR E 145 6.23 -25.76 4.04
C THR E 145 5.54 -26.88 4.81
N PHE E 146 5.30 -26.69 6.12
CA PHE E 146 4.81 -27.76 6.98
C PHE E 146 3.39 -28.17 6.64
N SER E 147 2.61 -27.30 6.00
CA SER E 147 1.26 -27.68 5.61
C SER E 147 1.28 -28.49 4.31
N SER E 148 2.27 -28.26 3.46
CA SER E 148 2.34 -28.89 2.16
C SER E 148 3.38 -30.00 2.08
N ILE E 149 3.79 -30.56 3.22
CA ILE E 149 4.74 -31.66 3.20
C ILE E 149 4.04 -32.92 2.72
N SER E 150 4.62 -33.57 1.72
CA SER E 150 4.08 -34.79 1.15
C SER E 150 4.88 -35.99 1.63
N LEU E 151 4.22 -36.87 2.37
CA LEU E 151 4.71 -38.21 2.69
C LEU E 151 3.55 -39.06 3.18
N VAL F 2 -3.97 -42.40 -8.94
CA VAL F 2 -3.24 -41.24 -8.44
C VAL F 2 -3.72 -39.97 -9.11
N LEU F 3 -3.32 -38.83 -8.55
CA LEU F 3 -3.62 -37.55 -9.17
C LEU F 3 -2.65 -37.31 -10.32
N GLY F 4 -3.19 -37.23 -11.54
CA GLY F 4 -2.37 -37.00 -12.71
C GLY F 4 -2.36 -35.54 -13.11
N GLU F 5 -1.79 -35.29 -14.30
CA GLU F 5 -1.73 -33.93 -14.83
C GLU F 5 -3.12 -33.40 -15.15
N VAL F 6 -4.05 -34.31 -15.50
CA VAL F 6 -5.37 -33.91 -16.00
C VAL F 6 -6.20 -33.27 -14.89
N TYR F 7 -5.86 -33.56 -13.64
CA TYR F 7 -6.61 -32.95 -12.54
C TYR F 7 -6.14 -31.53 -12.28
N LEU F 8 -4.98 -31.15 -12.80
CA LEU F 8 -4.53 -29.78 -12.64
C LEU F 8 -4.16 -29.16 -13.98
N LYS F 9 -4.95 -29.48 -15.01
CA LYS F 9 -4.58 -29.18 -16.39
C LYS F 9 -4.56 -27.68 -16.65
N ASP F 10 -5.65 -26.99 -16.34
CA ASP F 10 -5.67 -25.54 -16.47
C ASP F 10 -5.77 -24.83 -15.13
N ILE F 11 -5.64 -25.54 -14.02
CA ILE F 11 -5.85 -24.92 -12.71
C ILE F 11 -4.53 -24.47 -12.12
N LEU F 12 -3.55 -25.36 -12.08
CA LEU F 12 -2.24 -25.08 -11.49
C LEU F 12 -1.16 -25.48 -12.46
N ARG F 13 -0.23 -24.56 -12.72
CA ARG F 13 0.92 -24.86 -13.55
C ARG F 13 2.19 -24.49 -12.78
N THR F 14 3.25 -25.19 -13.09
CA THR F 14 4.59 -24.97 -12.57
C THR F 14 5.24 -23.80 -13.31
N PRO F 15 6.37 -23.28 -12.84
CA PRO F 15 7.11 -22.30 -13.64
C PRO F 15 7.53 -22.86 -14.99
N PRO F 16 7.47 -22.06 -16.05
CA PRO F 16 7.71 -22.59 -17.40
C PRO F 16 9.16 -22.99 -17.60
N THR F 17 9.35 -24.07 -18.34
CA THR F 17 10.67 -24.66 -18.55
C THR F 17 11.15 -24.51 -19.99
N GLY F 18 10.22 -24.41 -20.94
CA GLY F 18 10.63 -24.28 -22.32
C GLY F 18 10.80 -22.84 -22.75
N ALA F 19 9.77 -22.03 -22.57
CA ALA F 19 9.81 -20.63 -22.98
C ALA F 19 8.85 -19.84 -22.11
N ILE F 20 9.15 -18.57 -21.94
CA ILE F 20 8.27 -17.67 -21.20
C ILE F 20 7.05 -17.35 -22.06
N PRO F 21 5.84 -17.56 -21.57
CA PRO F 21 4.65 -17.34 -22.40
C PRO F 21 4.39 -15.86 -22.62
N ALA F 22 3.40 -15.61 -23.48
CA ALA F 22 2.91 -14.24 -23.64
C ALA F 22 2.06 -13.87 -22.44
N ASN F 23 2.00 -12.58 -22.15
CA ASN F 23 1.20 -12.12 -21.03
C ASN F 23 -0.29 -12.23 -21.37
N VAL F 24 -1.06 -12.69 -20.40
CA VAL F 24 -2.51 -12.82 -20.55
C VAL F 24 -3.11 -11.42 -20.50
N PRO F 25 -3.84 -10.99 -21.53
CA PRO F 25 -4.42 -9.65 -21.52
C PRO F 25 -5.64 -9.55 -20.63
N HIS F 26 -5.81 -8.39 -20.04
CA HIS F 26 -7.06 -8.06 -19.41
C HIS F 26 -8.12 -7.82 -20.49
N PRO F 27 -9.41 -8.09 -20.19
CA PRO F 27 -10.48 -7.78 -21.16
C PRO F 27 -10.58 -6.33 -21.61
N PHE F 28 -10.09 -5.40 -20.80
CA PHE F 28 -10.09 -3.99 -21.21
C PHE F 28 -8.95 -3.71 -22.19
N GLN F 29 -7.83 -4.42 -22.04
CA GLN F 29 -6.75 -4.30 -23.00
C GLN F 29 -7.10 -4.96 -24.32
N THR F 30 -7.93 -6.01 -24.26
CA THR F 30 -8.36 -6.70 -25.47
C THR F 30 -9.29 -5.82 -26.30
N SER F 31 -10.23 -5.14 -25.65
CA SER F 31 -11.33 -4.49 -26.35
C SER F 31 -11.57 -3.12 -25.74
N PHE F 32 -11.68 -2.11 -26.62
CA PHE F 32 -12.18 -0.82 -26.14
C PHE F 32 -13.68 -0.83 -25.95
N TYR F 33 -14.40 -1.69 -26.68
CA TYR F 33 -15.85 -1.76 -26.54
C TYR F 33 -16.23 -2.35 -25.19
N THR F 34 -15.48 -3.34 -24.71
CA THR F 34 -15.72 -3.93 -23.40
C THR F 34 -15.47 -2.92 -22.29
N TYR F 35 -14.40 -2.14 -22.42
CA TYR F 35 -14.12 -1.09 -21.45
C TYR F 35 -15.16 0.02 -21.49
N ALA F 36 -15.65 0.35 -22.70
CA ALA F 36 -16.62 1.42 -22.83
C ALA F 36 -17.96 1.02 -22.25
N THR F 37 -18.40 -0.21 -22.51
CA THR F 37 -19.73 -0.61 -22.07
C THR F 37 -19.72 -1.10 -20.63
N LYS F 38 -18.56 -1.52 -20.12
CA LYS F 38 -18.55 -2.15 -18.80
C LYS F 38 -17.98 -1.24 -17.73
N LYS F 39 -17.07 -0.34 -18.08
CA LYS F 39 -16.52 0.56 -17.07
C LYS F 39 -16.57 2.03 -17.44
N LEU F 40 -16.35 2.39 -18.70
CA LEU F 40 -16.19 3.81 -19.03
C LEU F 40 -17.50 4.57 -18.93
N ILE F 41 -18.56 4.07 -19.57
CA ILE F 41 -19.88 4.66 -19.40
C ILE F 41 -20.38 4.48 -17.97
N PRO F 42 -20.61 3.27 -17.41
CA PRO F 42 -21.37 3.19 -16.15
C PRO F 42 -20.61 3.69 -14.92
N ARG F 43 -19.32 3.91 -15.01
CA ARG F 43 -18.58 4.46 -13.88
C ARG F 43 -18.00 5.84 -14.14
N HIS F 44 -17.71 6.20 -15.39
CA HIS F 44 -17.04 7.45 -15.70
C HIS F 44 -17.90 8.37 -16.55
N TRP F 45 -19.21 8.12 -16.63
CA TRP F 45 -20.04 9.03 -17.39
C TRP F 45 -20.21 10.38 -16.70
N TYR F 46 -19.96 10.46 -15.40
CA TYR F 46 -19.94 11.76 -14.71
C TYR F 46 -18.78 12.61 -15.22
N LEU F 47 -17.58 12.03 -15.33
CA LEU F 47 -16.44 12.74 -15.90
C LEU F 47 -16.67 13.10 -17.36
N LEU F 48 -17.25 12.16 -18.13
CA LEU F 48 -17.49 12.41 -19.54
C LEU F 48 -18.50 13.54 -19.72
N GLY F 49 -19.54 13.60 -18.89
CA GLY F 49 -20.47 14.70 -18.93
C GLY F 49 -19.85 16.00 -18.44
N GLY F 50 -18.90 15.94 -17.51
CA GLY F 50 -18.24 17.14 -17.07
C GLY F 50 -17.34 17.75 -18.14
N PHE F 51 -16.59 16.90 -18.84
CA PHE F 51 -15.79 17.35 -19.98
C PHE F 51 -16.69 17.88 -21.09
N THR F 52 -17.84 17.23 -21.31
CA THR F 52 -18.81 17.72 -22.30
C THR F 52 -19.35 19.08 -21.91
N PHE F 53 -19.64 19.28 -20.62
CA PHE F 53 -20.14 20.57 -20.15
C PHE F 53 -19.11 21.66 -20.32
N THR F 54 -17.85 21.36 -20.04
CA THR F 54 -16.81 22.38 -20.15
C THR F 54 -16.55 22.74 -21.61
N ILE F 55 -16.57 21.75 -22.50
CA ILE F 55 -16.37 22.02 -23.93
C ILE F 55 -17.54 22.85 -24.48
N THR F 56 -18.76 22.54 -24.04
CA THR F 56 -19.94 23.30 -24.46
C THR F 56 -19.90 24.73 -23.93
N LEU F 57 -19.55 24.90 -22.66
CA LEU F 57 -19.51 26.23 -22.05
C LEU F 57 -18.39 27.08 -22.65
N TYR F 58 -17.28 26.46 -22.99
CA TYR F 58 -16.17 27.23 -23.54
C TYR F 58 -16.43 27.56 -25.01
N GLY F 59 -17.22 26.73 -25.69
CA GLY F 59 -17.70 27.12 -27.00
C GLY F 59 -18.66 28.30 -26.95
N ILE F 60 -19.49 28.34 -25.91
CA ILE F 60 -20.38 29.49 -25.69
C ILE F 60 -19.57 30.76 -25.41
N LEU F 61 -18.52 30.63 -24.60
CA LEU F 61 -17.68 31.79 -24.28
C LEU F 61 -16.87 32.25 -25.49
N ASP F 62 -16.44 31.31 -26.34
CA ASP F 62 -15.77 31.69 -27.58
C ASP F 62 -16.73 32.38 -28.54
N GLY F 63 -17.99 31.95 -28.56
CA GLY F 63 -18.99 32.64 -29.37
C GLY F 63 -19.26 34.05 -28.87
N LEU F 64 -19.26 34.24 -27.55
CA LEU F 64 -19.42 35.59 -26.98
C LEU F 64 -18.24 36.48 -27.33
N ARG F 65 -17.03 35.93 -27.26
CA ARG F 65 -15.83 36.69 -27.60
C ARG F 65 -15.81 37.07 -29.07
N ASP F 66 -16.23 36.14 -29.94
CA ASP F 66 -16.25 36.43 -31.37
C ASP F 66 -17.34 37.43 -31.73
N SER F 67 -18.48 37.38 -31.04
CA SER F 67 -19.54 38.36 -31.30
C SER F 67 -19.14 39.74 -30.80
N GLY F 68 -18.39 39.81 -29.71
CA GLY F 68 -17.86 41.09 -29.27
C GLY F 68 -16.84 41.67 -30.23
N LYS F 69 -15.97 40.82 -30.79
CA LYS F 69 -15.03 41.27 -31.80
C LYS F 69 -15.74 41.72 -33.07
N LYS F 70 -16.83 41.04 -33.44
CA LYS F 70 -17.60 41.42 -34.61
C LYS F 70 -18.32 42.76 -34.39
N LYS F 71 -18.83 42.98 -33.19
CA LYS F 71 -19.49 44.24 -32.86
C LYS F 71 -18.50 45.40 -32.90
N ALA F 72 -17.29 45.20 -32.35
CA ALA F 72 -16.27 46.24 -32.40
C ALA F 72 -15.78 46.49 -33.82
N TYR F 73 -15.71 45.44 -34.63
CA TYR F 73 -15.31 45.57 -36.03
C TYR F 73 -16.34 46.37 -36.83
N ASP F 74 -17.62 46.07 -36.63
CA ASP F 74 -18.67 46.80 -37.34
C ASP F 74 -18.77 48.24 -36.86
N GLU F 75 -18.52 48.48 -35.56
CA GLU F 75 -18.53 49.84 -35.05
C GLU F 75 -17.35 50.65 -35.57
N ALA F 76 -16.22 49.99 -35.83
CA ALA F 76 -15.09 50.69 -36.42
C ALA F 76 -15.32 50.97 -37.90
N ILE F 77 -15.97 50.03 -38.61
CA ILE F 77 -16.25 50.22 -40.03
C ILE F 77 -17.28 51.33 -40.25
N HIS F 78 -18.31 51.37 -39.39
CA HIS F 78 -19.36 52.38 -39.55
C HIS F 78 -18.86 53.77 -39.19
N ALA F 79 -17.88 53.85 -38.29
CA ALA F 79 -17.33 55.14 -37.89
C ALA F 79 -16.20 55.63 -38.80
N GLY F 80 -15.88 54.89 -39.86
CA GLY F 80 -14.85 55.32 -40.79
C GLY F 80 -13.45 55.19 -40.24
N LYS F 81 -13.27 54.37 -39.22
CA LYS F 81 -11.95 54.10 -38.64
C LYS F 81 -11.46 52.76 -39.14
N THR F 82 -10.15 52.57 -39.17
CA THR F 82 -9.61 51.25 -39.42
C THR F 82 -9.79 50.38 -38.19
N PRO F 83 -10.19 49.11 -38.33
CA PRO F 83 -10.59 48.32 -37.16
C PRO F 83 -9.45 47.93 -36.25
N TYR F 84 -8.26 47.76 -36.80
CA TYR F 84 -7.05 47.46 -36.05
C TYR F 84 -6.09 48.63 -36.24
N THR F 85 -5.06 48.70 -35.40
CA THR F 85 -4.02 49.69 -35.64
C THR F 85 -2.91 49.05 -36.47
N ALA F 86 -1.87 49.82 -36.77
CA ALA F 86 -0.82 49.39 -37.70
C ALA F 86 0.08 48.37 -37.02
N GLY F 87 0.70 47.52 -37.84
CA GLY F 87 1.71 46.62 -37.34
C GLY F 87 3.01 47.33 -37.07
N GLY F 88 3.94 46.63 -36.42
CA GLY F 88 5.21 47.24 -36.07
C GLY F 88 6.10 47.50 -37.28
N HIS F 89 6.21 46.52 -38.17
CA HIS F 89 6.95 46.69 -39.42
C HIS F 89 6.06 47.39 -40.43
N MET G 1 32.83 0.31 -32.31
CA MET G 1 32.11 1.33 -31.56
C MET G 1 30.64 1.39 -31.95
N ALA G 2 29.79 0.72 -31.18
CA ALA G 2 28.36 0.96 -31.25
C ALA G 2 28.08 2.38 -30.79
N VAL G 3 27.20 3.07 -31.51
CA VAL G 3 27.07 4.53 -31.40
C VAL G 3 26.50 4.91 -30.04
N THR G 4 25.64 4.08 -29.47
CA THR G 4 25.00 4.44 -28.21
C THR G 4 25.59 3.71 -27.01
N SER G 5 26.20 2.53 -27.23
CA SER G 5 26.74 1.77 -26.10
C SER G 5 28.01 2.42 -25.56
N PHE G 6 28.91 2.84 -26.46
CA PHE G 6 30.11 3.56 -26.04
C PHE G 6 29.75 4.90 -25.41
N LEU G 7 28.72 5.56 -25.95
CA LEU G 7 28.26 6.82 -25.37
C LEU G 7 27.70 6.61 -23.97
N GLY G 8 26.99 5.50 -23.76
CA GLY G 8 26.48 5.18 -22.44
C GLY G 8 27.58 4.92 -21.43
N LYS G 9 28.60 4.15 -21.84
CA LYS G 9 29.68 3.83 -20.90
C LYS G 9 30.55 5.05 -20.61
N ALA G 10 30.78 5.89 -21.62
CA ALA G 10 31.56 7.11 -21.42
C ALA G 10 30.81 8.10 -20.54
N PHE G 11 29.50 8.24 -20.74
CA PHE G 11 28.71 9.12 -19.89
C PHE G 11 28.60 8.56 -18.48
N GLU G 12 28.61 7.24 -18.33
CA GLU G 12 28.58 6.63 -17.00
C GLU G 12 29.86 6.92 -16.24
N LYS G 13 31.01 6.76 -16.88
CA LYS G 13 32.27 7.02 -16.17
C LYS G 13 32.51 8.50 -15.99
N TYR G 14 31.88 9.35 -16.80
CA TYR G 14 31.91 10.79 -16.52
C TYR G 14 30.99 11.14 -15.37
N PHE G 15 29.83 10.48 -15.29
CA PHE G 15 28.82 10.83 -14.30
C PHE G 15 29.22 10.38 -12.90
N TYR G 16 29.85 9.20 -12.80
CA TYR G 16 30.12 8.60 -11.50
C TYR G 16 31.57 8.83 -11.04
N ASP G 17 32.54 8.44 -11.87
CA ASP G 17 33.92 8.40 -11.42
C ASP G 17 34.57 9.78 -11.51
N PHE G 18 34.27 10.51 -12.59
CA PHE G 18 34.77 11.87 -12.72
C PHE G 18 34.07 12.78 -11.73
N SER G 19 34.86 13.46 -10.90
CA SER G 19 34.34 14.43 -9.94
C SER G 19 35.34 15.57 -9.86
N ALA G 20 34.91 16.77 -10.25
CA ALA G 20 35.80 17.93 -10.20
C ALA G 20 35.97 18.43 -8.77
N TYR G 21 35.13 17.96 -7.85
CA TYR G 21 35.27 18.33 -6.45
C TYR G 21 36.49 17.65 -5.83
N GLU G 22 36.85 16.48 -6.33
CA GLU G 22 37.99 15.75 -5.78
C GLU G 22 39.26 15.99 -6.59
N GLN G 23 39.13 16.04 -7.92
CA GLN G 23 40.31 16.16 -8.77
C GLN G 23 40.91 17.57 -8.71
N PHE G 24 40.09 18.58 -8.47
CA PHE G 24 40.59 19.94 -8.28
C PHE G 24 40.83 20.26 -6.81
N GLY G 25 40.53 19.32 -5.91
CA GLY G 25 40.80 19.48 -4.49
C GLY G 25 39.99 20.58 -3.83
N LEU G 26 38.67 20.56 -4.01
CA LEU G 26 37.82 21.63 -3.51
C LEU G 26 37.33 21.38 -2.10
N ASN G 27 37.77 20.33 -1.43
CA ASN G 27 37.41 20.11 -0.04
C ASN G 27 38.16 21.10 0.86
N ARG G 28 39.30 21.60 0.39
CA ARG G 28 40.04 22.62 1.14
C ARG G 28 39.27 23.93 1.21
N PHE G 29 38.62 24.32 0.11
CA PHE G 29 37.97 25.62 0.07
C PHE G 29 36.52 25.53 0.54
N LEU G 30 35.89 24.37 0.41
CA LEU G 30 34.45 24.24 0.59
C LEU G 30 34.13 23.23 1.69
N SER G 31 33.04 23.47 2.41
CA SER G 31 32.74 22.66 3.59
C SER G 31 32.15 21.31 3.21
N SER G 32 31.28 21.28 2.19
CA SER G 32 30.48 20.10 1.92
C SER G 32 30.62 19.68 0.46
N LYS G 33 29.95 18.58 0.13
CA LYS G 33 29.69 18.27 -1.26
C LYS G 33 28.43 18.97 -1.73
N GLY G 34 27.45 19.14 -0.83
CA GLY G 34 26.21 19.82 -1.20
C GLY G 34 26.41 21.30 -1.42
N GLN G 35 27.35 21.91 -0.68
CA GLN G 35 27.73 23.30 -0.94
C GLN G 35 28.40 23.41 -2.30
N TYR G 36 29.15 22.39 -2.70
CA TYR G 36 29.72 22.38 -4.04
C TYR G 36 28.64 22.23 -5.10
N VAL G 37 27.59 21.46 -4.80
CA VAL G 37 26.49 21.31 -5.75
C VAL G 37 25.74 22.61 -5.92
N ALA G 38 25.54 23.35 -4.82
CA ALA G 38 24.86 24.64 -4.89
C ALA G 38 25.71 25.67 -5.63
N LEU G 39 27.01 25.73 -5.33
CA LEU G 39 27.90 26.66 -6.02
C LEU G 39 28.05 26.30 -7.49
N ARG G 40 28.03 25.01 -7.81
CA ARG G 40 28.13 24.58 -9.20
C ARG G 40 26.84 24.86 -9.95
N HIS G 41 25.71 24.81 -9.26
CA HIS G 41 24.43 25.20 -9.83
C HIS G 41 24.44 26.67 -10.24
N VAL G 42 24.78 27.54 -9.29
CA VAL G 42 24.75 28.98 -9.59
C VAL G 42 25.88 29.35 -10.55
N GLY G 43 26.98 28.60 -10.52
CA GLY G 43 28.04 28.83 -11.49
C GLY G 43 27.66 28.39 -12.89
N PHE G 44 26.88 27.32 -13.01
CA PHE G 44 26.36 26.90 -14.30
C PHE G 44 25.38 27.94 -14.84
N VAL G 45 24.54 28.51 -13.95
CA VAL G 45 23.61 29.55 -14.37
C VAL G 45 24.36 30.79 -14.85
N MET G 46 25.42 31.17 -14.13
CA MET G 46 26.19 32.35 -14.52
C MET G 46 26.97 32.13 -15.80
N VAL G 47 27.59 30.95 -15.97
CA VAL G 47 28.30 30.62 -17.20
C VAL G 47 27.34 30.58 -18.39
N GLY G 48 26.12 30.06 -18.18
CA GLY G 48 25.16 30.02 -19.26
C GLY G 48 24.65 31.41 -19.66
N VAL G 49 24.40 32.27 -18.66
CA VAL G 49 23.98 33.64 -18.94
C VAL G 49 25.08 34.40 -19.67
N ASN G 50 26.34 34.22 -19.25
CA ASN G 50 27.44 34.91 -19.89
C ASN G 50 27.72 34.41 -21.30
N VAL G 51 27.60 33.11 -21.57
CA VAL G 51 27.87 32.65 -22.94
C VAL G 51 26.69 32.94 -23.85
N LEU G 52 25.46 33.00 -23.31
CA LEU G 52 24.32 33.39 -24.14
C LEU G 52 24.36 34.88 -24.44
N LEU G 53 24.97 35.68 -23.56
CA LEU G 53 25.15 37.09 -23.87
C LEU G 53 26.37 37.32 -24.76
N ALA G 54 27.36 36.42 -24.68
CA ALA G 54 28.56 36.60 -25.48
C ALA G 54 28.38 36.06 -26.89
N ALA G 55 27.41 35.16 -27.08
CA ALA G 55 27.16 34.60 -28.41
C ALA G 55 26.63 35.66 -29.37
N ASN G 56 25.95 36.65 -28.79
CA ASN G 56 25.40 37.83 -29.51
C ASN G 56 25.42 38.96 -28.48
N PHE G 57 26.36 39.91 -28.60
CA PHE G 57 26.46 40.98 -27.57
C PHE G 57 26.11 42.36 -28.14
N PRO G 58 26.22 42.59 -29.48
CA PRO G 58 25.93 43.92 -30.05
C PRO G 58 24.44 44.23 -30.18
N PHE G 59 23.57 43.25 -29.94
CA PHE G 59 22.10 43.39 -30.08
C PHE G 59 21.50 44.35 -29.04
N ASN G 60 20.32 44.89 -29.36
CA ASN G 60 19.53 45.73 -28.48
C ASN G 60 18.72 44.84 -27.56
N PRO G 61 18.75 45.05 -26.24
CA PRO G 61 18.14 44.11 -25.31
C PRO G 61 16.62 44.18 -25.33
N PRO G 62 15.96 43.02 -25.43
CA PRO G 62 14.51 43.01 -25.20
C PRO G 62 14.15 43.23 -23.75
N PHE G 63 14.99 42.75 -22.84
CA PHE G 63 14.77 42.98 -21.42
C PHE G 63 15.05 44.44 -21.07
N PRO G 64 14.30 45.02 -20.13
CA PRO G 64 14.55 46.41 -19.76
C PRO G 64 15.85 46.55 -19.01
N THR G 65 16.70 47.47 -19.48
CA THR G 65 18.00 47.71 -18.86
C THR G 65 17.85 48.66 -17.68
N ILE G 66 18.76 48.56 -16.74
CA ILE G 66 18.70 49.40 -15.54
C ILE G 66 19.50 50.66 -15.84
N GLY G 67 18.90 51.58 -16.61
CA GLY G 67 19.51 52.84 -17.04
C GLY G 67 20.92 52.82 -17.62
N MET G 68 21.46 51.61 -17.78
CA MET G 68 22.89 51.42 -18.14
C MET G 68 23.12 51.25 -19.64
N CYS G 69 24.37 50.96 -20.00
CA CYS G 69 24.82 50.75 -21.40
C CYS G 69 25.97 49.73 -21.39
N PRO G 70 26.24 49.01 -22.49
CA PRO G 70 27.32 48.00 -22.54
C PRO G 70 28.74 48.54 -22.32
N ALA G 71 29.39 49.02 -23.39
CA ALA G 71 30.77 49.53 -23.26
C ALA G 71 30.86 51.01 -23.70
N GLY G 72 31.19 51.24 -24.96
CA GLY G 72 31.33 52.60 -25.50
C GLY G 72 30.21 52.98 -26.46
N TRP G 73 29.18 52.15 -26.59
CA TRP G 73 28.09 52.48 -27.55
C TRP G 73 27.42 53.79 -27.14
N GLU G 74 27.06 53.93 -25.87
CA GLU G 74 26.51 55.18 -25.26
C GLU G 74 25.18 55.66 -25.88
N GLY G 75 25.21 56.15 -27.13
CA GLY G 75 24.02 56.69 -27.81
C GLY G 75 23.66 55.96 -29.10
N THR G 76 24.14 54.72 -29.28
CA THR G 76 23.86 53.92 -30.52
C THR G 76 22.54 53.15 -30.40
N TRP G 77 22.31 52.24 -31.36
CA TRP G 77 21.08 51.39 -31.41
C TRP G 77 21.00 50.52 -30.15
N VAL G 78 22.14 50.03 -29.65
CA VAL G 78 22.25 49.17 -28.44
C VAL G 78 21.71 49.90 -27.21
N CYS G 79 21.86 51.23 -27.12
CA CYS G 79 21.33 51.99 -25.96
C CYS G 79 20.14 52.87 -26.39
N GLN G 80 19.17 52.30 -27.11
CA GLN G 80 17.99 53.05 -27.52
C GLN G 80 16.76 52.42 -26.88
N ALA G 81 16.06 53.22 -26.08
CA ALA G 81 14.83 52.73 -25.47
C ALA G 81 13.72 52.59 -26.51
N ASP G 82 13.72 53.45 -27.52
CA ASP G 82 12.78 53.36 -28.63
C ASP G 82 13.26 52.29 -29.60
N LYS G 83 12.41 51.29 -29.85
CA LYS G 83 12.85 50.11 -30.60
C LYS G 83 12.79 50.36 -32.10
N ALA G 84 11.84 51.19 -32.56
CA ALA G 84 11.82 51.56 -33.97
C ALA G 84 13.03 52.42 -34.32
N LYS G 85 13.36 53.36 -33.43
CA LYS G 85 14.60 54.14 -33.54
C LYS G 85 15.82 53.24 -33.55
N ALA G 86 15.81 52.18 -32.71
CA ALA G 86 16.94 51.27 -32.65
C ALA G 86 17.07 50.44 -33.92
N LEU G 87 15.94 50.06 -34.52
CA LEU G 87 15.99 49.29 -35.77
C LEU G 87 16.53 50.14 -36.92
N GLU G 88 16.04 51.39 -37.03
CA GLU G 88 16.54 52.25 -38.10
C GLU G 88 18.00 52.64 -37.88
N MET G 89 18.43 52.79 -36.62
CA MET G 89 19.84 53.08 -36.36
C MET G 89 20.71 51.85 -36.59
N TYR G 90 20.16 50.67 -36.36
CA TYR G 90 20.86 49.42 -36.65
C TYR G 90 21.13 49.28 -38.13
N LYS G 91 20.20 49.75 -38.96
CA LYS G 91 20.46 49.69 -40.41
C LYS G 91 21.62 50.57 -40.86
N GLU G 92 21.74 51.76 -40.27
CA GLU G 92 22.84 52.70 -40.59
C GLU G 92 24.14 52.11 -40.03
N TRP G 93 24.07 51.50 -38.85
CA TRP G 93 25.27 50.86 -38.24
C TRP G 93 25.72 49.68 -39.11
N LYS G 94 24.75 48.93 -39.66
CA LYS G 94 25.04 47.76 -40.52
C LYS G 94 25.58 48.22 -41.88
N LYS G 95 25.22 49.44 -42.32
CA LYS G 95 25.71 49.96 -43.58
C LYS G 95 27.22 49.84 -43.68
N SER G 96 27.92 50.02 -42.55
CA SER G 96 29.36 49.84 -42.50
C SER G 96 29.73 48.37 -42.35
N SER H 54 -5.12 57.47 -22.11
CA SER H 54 -6.46 57.85 -21.69
C SER H 54 -6.58 57.85 -20.18
N VAL H 55 -7.61 58.51 -19.66
CA VAL H 55 -7.84 58.52 -18.22
C VAL H 55 -8.42 57.18 -17.77
N LEU H 56 -9.11 56.49 -18.68
CA LEU H 56 -9.82 55.26 -18.33
C LEU H 56 -8.86 54.11 -18.09
N ALA H 57 -7.93 53.87 -19.02
CA ALA H 57 -6.98 52.77 -18.85
C ALA H 57 -5.98 53.07 -17.73
N ALA H 58 -5.68 54.35 -17.52
CA ALA H 58 -4.82 54.75 -16.42
C ALA H 58 -5.47 54.45 -15.07
N SER H 59 -6.75 54.82 -14.93
CA SER H 59 -7.48 54.48 -13.72
C SER H 59 -7.73 52.99 -13.61
N LYS H 60 -7.72 52.27 -14.73
CA LYS H 60 -7.79 50.81 -14.67
C LYS H 60 -6.56 50.23 -14.00
N MET H 61 -5.39 50.79 -14.28
CA MET H 61 -4.17 50.33 -13.59
C MET H 61 -4.19 50.66 -12.11
N VAL H 62 -4.64 51.89 -11.77
CA VAL H 62 -4.74 52.28 -10.35
C VAL H 62 -5.75 51.42 -9.61
N GLY H 63 -6.90 51.16 -10.23
CA GLY H 63 -7.92 50.34 -9.59
C GLY H 63 -7.52 48.88 -9.49
N ALA H 64 -6.68 48.41 -10.42
CA ALA H 64 -6.17 47.06 -10.33
C ALA H 64 -5.20 46.89 -9.17
N GLY H 65 -4.32 47.88 -8.95
CA GLY H 65 -3.44 47.83 -7.80
C GLY H 65 -4.17 47.92 -6.48
N CYS H 66 -5.14 48.85 -6.39
CA CYS H 66 -5.96 48.94 -5.18
C CYS H 66 -6.84 47.71 -5.00
N ALA H 67 -7.13 47.01 -6.10
CA ALA H 67 -7.91 45.78 -6.01
C ALA H 67 -7.08 44.64 -5.43
N THR H 68 -5.83 44.51 -5.88
CA THR H 68 -5.02 43.39 -5.39
C THR H 68 -4.30 43.73 -4.09
N ILE H 69 -4.63 44.88 -3.48
CA ILE H 69 -4.27 45.14 -2.08
C ILE H 69 -4.76 43.99 -1.16
N ALA H 70 -5.93 43.42 -1.45
CA ALA H 70 -6.61 42.49 -0.53
C ALA H 70 -5.88 41.17 -0.32
N LEU H 71 -4.87 40.87 -1.16
CA LEU H 71 -4.10 39.64 -0.98
C LEU H 71 -3.24 39.69 0.28
N ALA H 72 -3.01 40.89 0.83
CA ALA H 72 -2.27 41.02 2.10
C ALA H 72 -2.97 40.30 3.23
N GLY H 73 -4.23 40.64 3.50
CA GLY H 73 -4.95 40.00 4.58
C GLY H 73 -5.24 38.54 4.29
N VAL H 74 -5.39 38.19 3.01
CA VAL H 74 -5.55 36.77 2.66
C VAL H 74 -4.30 35.97 3.01
N GLY H 75 -3.12 36.50 2.65
CA GLY H 75 -1.89 35.81 3.00
C GLY H 75 -1.61 35.81 4.49
N ALA H 76 -2.06 36.86 5.19
CA ALA H 76 -1.89 36.90 6.64
C ALA H 76 -2.74 35.85 7.33
N GLY H 77 -4.00 35.70 6.92
CA GLY H 77 -4.84 34.65 7.48
C GLY H 77 -4.35 33.26 7.12
N LEU H 78 -3.82 33.10 5.91
CA LEU H 78 -3.26 31.81 5.51
C LEU H 78 -2.02 31.46 6.32
N GLY H 79 -1.16 32.45 6.60
CA GLY H 79 -0.02 32.21 7.44
C GLY H 79 -0.39 31.89 8.88
N VAL H 80 -1.45 32.54 9.39
CA VAL H 80 -1.95 32.25 10.72
C VAL H 80 -2.47 30.82 10.80
N MET H 81 -3.20 30.39 9.75
CA MET H 81 -3.74 29.04 9.70
C MET H 81 -2.65 27.99 9.62
N PHE H 82 -1.59 28.25 8.85
CA PHE H 82 -0.53 27.26 8.75
C PHE H 82 0.34 27.22 10.00
N GLY H 83 0.49 28.36 10.67
CA GLY H 83 1.15 28.36 11.97
C GLY H 83 0.36 27.58 13.01
N SER H 84 -0.96 27.69 12.97
CA SER H 84 -1.77 26.89 13.88
C SER H 84 -1.77 25.42 13.48
N LEU H 85 -1.54 25.13 12.19
CA LEU H 85 -1.32 23.75 11.77
C LEU H 85 -0.07 23.16 12.40
N ILE H 86 1.02 23.95 12.42
CA ILE H 86 2.24 23.50 13.09
C ILE H 86 2.02 23.32 14.59
N ASN H 87 1.30 24.24 15.21
CA ASN H 87 1.02 24.14 16.65
C ASN H 87 0.14 22.95 16.98
N GLY H 88 -0.84 22.66 16.13
CA GLY H 88 -1.69 21.51 16.37
C GLY H 88 -0.99 20.19 16.11
N ALA H 89 -0.09 20.16 15.13
CA ALA H 89 0.67 18.95 14.87
C ALA H 89 1.69 18.70 15.97
N ALA H 90 2.20 19.77 16.59
CA ALA H 90 3.13 19.58 17.70
C ALA H 90 2.41 19.23 18.99
N ARG H 91 1.17 19.69 19.15
CA ARG H 91 0.43 19.39 20.38
C ARG H 91 -0.05 17.94 20.38
N ASN H 92 -0.55 17.44 19.25
CA ASN H 92 -1.05 16.08 19.17
C ASN H 92 -0.79 15.52 17.78
N PRO H 93 0.36 14.89 17.56
CA PRO H 93 0.71 14.42 16.21
C PRO H 93 -0.03 13.18 15.75
N ASN H 94 -0.74 12.49 16.65
CA ASN H 94 -1.38 11.23 16.27
C ASN H 94 -2.60 11.46 15.38
N ILE H 95 -3.03 12.71 15.22
CA ILE H 95 -4.06 13.06 14.26
C ILE H 95 -3.54 14.06 13.24
N ALA H 96 -2.20 14.18 13.11
CA ALA H 96 -1.58 15.27 12.37
C ALA H 96 -1.97 15.27 10.90
N LYS H 97 -2.03 14.07 10.30
CA LYS H 97 -2.45 13.92 8.92
C LYS H 97 -3.85 14.47 8.71
N GLN H 98 -4.76 14.16 9.66
CA GLN H 98 -6.12 14.71 9.64
C GLN H 98 -6.09 16.22 9.72
N LEU H 99 -5.21 16.76 10.59
CA LEU H 99 -5.09 18.21 10.74
C LEU H 99 -4.62 18.84 9.45
N VAL H 100 -3.70 18.17 8.73
CA VAL H 100 -3.21 18.68 7.45
C VAL H 100 -4.36 18.77 6.47
N GLY H 101 -5.24 17.76 6.48
CA GLY H 101 -6.42 17.81 5.64
C GLY H 101 -7.32 18.98 5.96
N TYR H 102 -7.51 19.25 7.26
CA TYR H 102 -8.30 20.41 7.68
C TYR H 102 -7.63 21.69 7.22
N ALA H 103 -6.29 21.74 7.32
CA ALA H 103 -5.56 22.93 6.91
C ALA H 103 -5.74 23.20 5.44
N LEU H 104 -5.64 22.15 4.61
CA LEU H 104 -5.78 22.31 3.18
C LEU H 104 -7.20 22.71 2.84
N LEU H 105 -8.18 22.18 3.62
CA LEU H 105 -9.57 22.59 3.46
C LEU H 105 -9.72 24.07 3.68
N GLY H 106 -9.19 24.55 4.82
CA GLY H 106 -9.24 25.96 5.11
C GLY H 106 -8.47 26.78 4.10
N PHE H 107 -7.34 26.22 3.63
CA PHE H 107 -6.50 26.89 2.64
C PHE H 107 -7.28 27.19 1.38
N ALA H 108 -7.97 26.16 0.86
CA ALA H 108 -8.74 26.31 -0.37
C ALA H 108 -9.84 27.33 -0.17
N LEU H 109 -10.49 27.28 0.99
CA LEU H 109 -11.61 28.17 1.23
C LEU H 109 -11.12 29.60 1.39
N THR H 110 -9.95 29.78 2.02
CA THR H 110 -9.48 31.14 2.21
C THR H 110 -8.93 31.68 0.90
N GLU H 111 -8.40 30.78 0.05
CA GLU H 111 -7.88 31.25 -1.22
C GLU H 111 -9.01 31.58 -2.18
N SER H 112 -10.23 31.13 -1.89
CA SER H 112 -11.39 31.57 -2.66
C SER H 112 -11.52 33.08 -2.58
N ILE H 113 -11.30 33.64 -1.38
CA ILE H 113 -11.29 35.09 -1.19
C ILE H 113 -10.22 35.74 -2.04
N ALA H 114 -9.05 35.08 -2.13
CA ALA H 114 -7.96 35.58 -2.97
C ALA H 114 -8.39 35.65 -4.43
N LEU H 115 -9.03 34.59 -4.92
CA LEU H 115 -9.45 34.61 -6.33
C LEU H 115 -10.59 35.59 -6.53
N PHE H 116 -11.38 35.84 -5.47
CA PHE H 116 -12.40 36.87 -5.52
C PHE H 116 -11.77 38.22 -5.82
N SER H 117 -10.70 38.56 -5.08
CA SER H 117 -9.99 39.80 -5.31
C SER H 117 -9.37 39.80 -6.69
N LEU H 118 -8.84 38.63 -7.12
CA LEU H 118 -8.18 38.56 -8.41
C LEU H 118 -9.19 38.69 -9.53
N LEU H 119 -10.43 38.19 -9.29
CA LEU H 119 -11.51 38.36 -10.24
C LEU H 119 -11.79 39.83 -10.47
N VAL H 120 -11.77 40.62 -9.39
CA VAL H 120 -12.03 42.05 -9.52
C VAL H 120 -10.92 42.72 -10.30
N VAL H 121 -9.67 42.25 -10.13
CA VAL H 121 -8.55 42.79 -10.90
C VAL H 121 -8.78 42.56 -12.39
N PHE H 122 -9.25 41.37 -12.75
CA PHE H 122 -9.50 41.12 -14.16
C PHE H 122 -10.72 41.90 -14.65
N LEU H 123 -11.69 42.13 -13.75
CA LEU H 123 -12.84 42.93 -14.10
C LEU H 123 -12.48 44.40 -14.24
N ILE H 124 -11.35 44.81 -13.67
CA ILE H 124 -10.88 46.17 -13.91
C ILE H 124 -9.94 46.19 -15.10
N LEU H 125 -9.14 45.13 -15.28
CA LEU H 125 -8.10 45.19 -16.29
C LEU H 125 -8.64 44.88 -17.68
N PHE H 126 -9.43 43.82 -17.82
CA PHE H 126 -9.86 43.35 -19.12
C PHE H 126 -11.38 43.24 -19.22
N ALA H 127 -12.11 44.07 -18.48
CA ALA H 127 -13.57 44.08 -18.55
C ALA H 127 -14.11 45.46 -18.20
N SER I 54 3.29 60.17 -20.35
CA SER I 54 1.87 59.90 -20.55
C SER I 54 1.17 59.65 -19.21
N VAL I 55 -0.15 59.74 -19.21
CA VAL I 55 -0.91 59.47 -18.00
C VAL I 55 -0.98 57.96 -17.76
N LEU I 56 -0.90 57.18 -18.84
CA LEU I 56 -1.08 55.73 -18.74
C LEU I 56 0.10 55.05 -18.07
N ALA I 57 1.33 55.35 -18.52
CA ALA I 57 2.50 54.72 -17.91
C ALA I 57 2.75 55.25 -16.51
N ALA I 58 2.36 56.51 -16.26
CA ALA I 58 2.45 57.07 -14.92
C ALA I 58 1.53 56.35 -13.95
N SER I 59 0.28 56.15 -14.36
CA SER I 59 -0.65 55.37 -13.54
C SER I 59 -0.26 53.91 -13.47
N LYS I 60 0.51 53.40 -14.45
CA LYS I 60 1.04 52.05 -14.35
C LYS I 60 2.03 51.94 -13.20
N MET I 61 2.86 52.97 -13.00
CA MET I 61 3.78 52.96 -11.86
C MET I 61 3.02 53.06 -10.53
N VAL I 62 2.00 53.93 -10.47
CA VAL I 62 1.20 54.06 -9.24
C VAL I 62 0.45 52.76 -8.93
N GLY I 63 -0.13 52.14 -9.96
CA GLY I 63 -0.86 50.90 -9.75
C GLY I 63 0.06 49.74 -9.43
N ALA I 64 1.31 49.79 -9.90
CA ALA I 64 2.27 48.74 -9.54
C ALA I 64 2.66 48.84 -8.08
N GLY I 65 2.87 50.06 -7.57
CA GLY I 65 3.17 50.23 -6.15
C GLY I 65 2.01 49.83 -5.26
N CYS I 66 0.79 50.26 -5.62
CA CYS I 66 -0.39 49.85 -4.86
C CYS I 66 -0.65 48.36 -5.01
N ALA I 67 -0.16 47.75 -6.08
CA ALA I 67 -0.30 46.31 -6.25
C ALA I 67 0.63 45.55 -5.33
N THR I 68 1.88 45.98 -5.21
CA THR I 68 2.83 45.25 -4.38
C THR I 68 2.76 45.68 -2.92
N ILE I 69 1.76 46.51 -2.56
CA ILE I 69 1.39 46.68 -1.15
C ILE I 69 1.11 45.34 -0.45
N ALA I 70 0.53 44.36 -1.18
CA ALA I 70 0.01 43.13 -0.57
C ALA I 70 1.10 42.20 -0.01
N LEU I 71 2.37 42.47 -0.34
CA LEU I 71 3.45 41.66 0.21
C LEU I 71 3.64 41.89 1.70
N ALA I 72 3.09 42.98 2.24
CA ALA I 72 3.14 43.23 3.68
C ALA I 72 2.43 42.15 4.47
N GLY I 73 1.16 41.90 4.16
CA GLY I 73 0.43 40.88 4.89
C GLY I 73 0.92 39.48 4.58
N VAL I 74 1.47 39.27 3.38
CA VAL I 74 2.06 37.98 3.06
C VAL I 74 3.29 37.72 3.93
N GLY I 75 4.17 38.72 4.07
CA GLY I 75 5.33 38.57 4.93
C GLY I 75 4.97 38.48 6.40
N ALA I 76 3.89 39.14 6.80
CA ALA I 76 3.43 39.06 8.19
C ALA I 76 2.92 37.67 8.52
N GLY I 77 2.12 37.08 7.63
CA GLY I 77 1.67 35.71 7.85
C GLY I 77 2.81 34.70 7.80
N LEU I 78 3.78 34.94 6.92
CA LEU I 78 4.95 34.07 6.86
C LEU I 78 5.79 34.15 8.13
N GLY I 79 5.95 35.35 8.67
CA GLY I 79 6.65 35.49 9.93
C GLY I 79 5.92 34.86 11.10
N VAL I 80 4.58 34.94 11.09
CA VAL I 80 3.77 34.30 12.12
C VAL I 80 3.94 32.78 12.04
N MET I 81 3.94 32.24 10.81
CA MET I 81 4.09 30.80 10.62
C MET I 81 5.46 30.30 11.04
N PHE I 82 6.51 31.08 10.77
CA PHE I 82 7.85 30.64 11.17
C PHE I 82 8.08 30.80 12.66
N GLY I 83 7.44 31.80 13.27
CA GLY I 83 7.47 31.89 14.72
C GLY I 83 6.76 30.72 15.38
N SER I 84 5.65 30.28 14.80
CA SER I 84 4.98 29.11 15.35
C SER I 84 5.76 27.84 15.05
N LEU I 85 6.58 27.84 13.99
CA LEU I 85 7.52 26.74 13.76
C LEU I 85 8.53 26.65 14.89
N ILE I 86 9.08 27.79 15.32
CA ILE I 86 10.01 27.81 16.45
C ILE I 86 9.31 27.34 17.73
N ASN I 87 8.08 27.80 17.95
CA ASN I 87 7.34 27.40 19.15
C ASN I 87 7.00 25.92 19.15
N GLY I 88 6.66 25.36 17.99
CA GLY I 88 6.37 23.94 17.91
C GLY I 88 7.61 23.08 18.03
N ALA I 89 8.74 23.57 17.51
CA ALA I 89 9.98 22.81 17.65
C ALA I 89 10.48 22.86 19.09
N ALA I 90 10.20 23.94 19.81
CA ALA I 90 10.60 24.02 21.21
C ALA I 90 9.66 23.22 22.10
N ARG I 91 8.39 23.11 21.72
CA ARG I 91 7.43 22.36 22.54
C ARG I 91 7.66 20.86 22.43
N ASN I 92 7.90 20.37 21.22
CA ASN I 92 8.11 18.94 21.00
C ASN I 92 9.11 18.73 19.87
N PRO I 93 10.41 18.66 20.19
CA PRO I 93 11.42 18.57 19.12
C PRO I 93 11.53 17.20 18.47
N ASN I 94 10.89 16.17 19.02
CA ASN I 94 11.06 14.82 18.48
C ASN I 94 10.33 14.65 17.16
N ILE I 95 9.50 15.62 16.77
CA ILE I 95 8.89 15.64 15.45
C ILE I 95 9.30 16.90 14.68
N ALA I 96 10.38 17.56 15.12
CA ALA I 96 10.70 18.90 14.64
C ALA I 96 10.97 18.94 13.14
N LYS I 97 11.66 17.92 12.63
CA LYS I 97 11.93 17.79 11.21
C LYS I 97 10.63 17.74 10.42
N GLN I 98 9.67 16.97 10.93
CA GLN I 98 8.34 16.90 10.32
C GLN I 98 7.67 18.27 10.33
N LEU I 99 7.81 19.00 11.44
CA LEU I 99 7.23 20.34 11.56
C LEU I 99 7.85 21.27 10.55
N VAL I 100 9.17 21.14 10.31
CA VAL I 100 9.85 21.98 9.32
C VAL I 100 9.27 21.72 7.94
N GLY I 101 8.97 20.45 7.64
CA GLY I 101 8.32 20.11 6.39
C GLY I 101 6.96 20.76 6.26
N TYR I 102 6.18 20.76 7.35
CA TYR I 102 4.88 21.42 7.35
C TYR I 102 5.06 22.91 7.13
N ALA I 103 6.08 23.48 7.77
CA ALA I 103 6.33 24.92 7.65
C ALA I 103 6.65 25.28 6.21
N LEU I 104 7.51 24.49 5.57
CA LEU I 104 7.88 24.77 4.19
C LEU I 104 6.68 24.59 3.28
N LEU I 105 5.81 23.62 3.60
CA LEU I 105 4.57 23.42 2.87
C LEU I 105 3.72 24.68 2.93
N GLY I 106 3.51 25.17 4.16
CA GLY I 106 2.74 26.39 4.33
C GLY I 106 3.41 27.57 3.69
N PHE I 107 4.76 27.60 3.75
CA PHE I 107 5.54 28.68 3.16
C PHE I 107 5.28 28.79 1.68
N ALA I 108 5.36 27.65 0.98
CA ALA I 108 5.15 27.64 -0.46
C ALA I 108 3.74 28.09 -0.79
N LEU I 109 2.78 27.62 0.00
CA LEU I 109 1.39 27.93 -0.29
C LEU I 109 1.12 29.40 -0.01
N THR I 110 1.74 29.95 1.03
CA THR I 110 1.47 31.35 1.33
C THR I 110 2.20 32.24 0.33
N GLU I 111 3.35 31.76 -0.18
CA GLU I 111 4.08 32.56 -1.15
C GLU I 111 3.39 32.54 -2.49
N SER I 112 2.47 31.58 -2.71
CA SER I 112 1.64 31.61 -3.91
C SER I 112 0.85 32.91 -3.97
N ILE I 113 0.33 33.34 -2.81
CA ILE I 113 -0.37 34.63 -2.72
C ILE I 113 0.57 35.77 -3.09
N ALA I 114 1.84 35.67 -2.65
CA ALA I 114 2.84 36.68 -2.99
C ALA I 114 3.03 36.75 -4.50
N LEU I 115 3.15 35.60 -5.16
CA LEU I 115 3.36 35.63 -6.60
C LEU I 115 2.10 36.09 -7.31
N PHE I 116 0.93 35.84 -6.69
CA PHE I 116 -0.32 36.36 -7.20
C PHE I 116 -0.27 37.88 -7.29
N SER I 117 0.16 38.52 -6.20
CA SER I 117 0.29 39.97 -6.18
C SER I 117 1.34 40.40 -7.18
N LEU I 118 2.43 39.63 -7.27
CA LEU I 118 3.51 40.00 -8.18
C LEU I 118 3.07 39.85 -9.62
N LEU I 119 2.21 38.87 -9.89
CA LEU I 119 1.62 38.71 -11.21
C LEU I 119 0.85 39.95 -11.62
N VAL I 120 0.10 40.52 -10.66
CA VAL I 120 -0.68 41.72 -10.96
C VAL I 120 0.25 42.89 -11.25
N VAL I 121 1.40 42.95 -10.55
CA VAL I 121 2.38 44.00 -10.82
C VAL I 121 2.89 43.91 -12.25
N PHE I 122 3.15 42.68 -12.73
CA PHE I 122 3.61 42.54 -14.09
C PHE I 122 2.47 42.82 -15.07
N LEU I 123 1.23 42.51 -14.67
CA LEU I 123 0.08 42.80 -15.51
C LEU I 123 -0.19 44.29 -15.57
N ILE I 124 0.33 45.05 -14.59
CA ILE I 124 0.22 46.50 -14.69
C ILE I 124 1.44 47.06 -15.39
N LEU I 125 2.62 46.46 -15.18
CA LEU I 125 3.84 47.08 -15.66
C LEU I 125 4.08 46.77 -17.13
N PHE I 126 3.94 45.51 -17.53
CA PHE I 126 4.30 45.09 -18.87
C PHE I 126 3.15 44.37 -19.58
N ALA I 127 1.91 44.71 -19.25
CA ALA I 127 0.75 44.14 -19.91
C ALA I 127 -0.42 45.12 -19.89
N SER J 54 8.71 65.66 -15.62
CA SER J 54 7.73 64.88 -16.37
C SER J 54 6.74 64.21 -15.43
N VAL J 55 5.60 63.78 -15.98
CA VAL J 55 4.62 63.07 -15.17
C VAL J 55 5.09 61.64 -14.90
N LEU J 56 5.90 61.09 -15.81
CA LEU J 56 6.30 59.69 -15.72
C LEU J 56 7.29 59.46 -14.58
N ALA J 57 8.35 60.26 -14.51
CA ALA J 57 9.34 60.09 -13.44
C ALA J 57 8.77 60.49 -12.08
N ALA J 58 7.83 61.45 -12.08
CA ALA J 58 7.15 61.82 -10.85
C ALA J 58 6.30 60.68 -10.31
N SER J 59 5.52 60.06 -11.19
CA SER J 59 4.76 58.89 -10.79
C SER J 59 5.65 57.70 -10.49
N LYS J 60 6.86 57.67 -11.04
CA LYS J 60 7.82 56.64 -10.66
C LYS J 60 8.22 56.79 -9.19
N MET J 61 8.40 58.02 -8.72
CA MET J 61 8.71 58.24 -7.30
C MET J 61 7.52 57.85 -6.41
N VAL J 62 6.30 58.24 -6.82
CA VAL J 62 5.11 57.88 -6.04
C VAL J 62 4.91 56.37 -6.01
N GLY J 63 5.09 55.70 -7.14
CA GLY J 63 4.92 54.26 -7.19
C GLY J 63 6.01 53.52 -6.45
N ALA J 64 7.21 54.12 -6.38
CA ALA J 64 8.29 53.51 -5.59
C ALA J 64 7.99 53.57 -4.10
N GLY J 65 7.46 54.71 -3.63
CA GLY J 65 7.07 54.79 -2.22
C GLY J 65 5.93 53.86 -1.87
N CYS J 66 4.90 53.81 -2.71
CA CYS J 66 3.80 52.88 -2.49
C CYS J 66 4.26 51.43 -2.65
N ALA J 67 5.33 51.21 -3.39
CA ALA J 67 5.87 49.86 -3.53
C ALA J 67 6.59 49.42 -2.27
N THR J 68 7.39 50.30 -1.68
CA THR J 68 8.14 49.90 -0.48
C THR J 68 7.33 50.09 0.80
N ILE J 69 6.03 50.40 0.67
CA ILE J 69 5.09 50.24 1.79
C ILE J 69 5.15 48.81 2.38
N ALA J 70 5.35 47.79 1.53
CA ALA J 70 5.19 46.39 1.93
C ALA J 70 6.24 45.90 2.95
N LEU J 71 7.31 46.69 3.15
CA LEU J 71 8.31 46.31 4.13
C LEU J 71 7.78 46.40 5.56
N ALA J 72 6.67 47.11 5.77
CA ALA J 72 6.03 47.19 7.08
C ALA J 72 5.59 45.81 7.57
N GLY J 73 4.76 45.13 6.79
CA GLY J 73 4.29 43.82 7.20
C GLY J 73 5.39 42.77 7.20
N VAL J 74 6.40 42.95 6.34
CA VAL J 74 7.56 42.05 6.36
C VAL J 74 8.33 42.19 7.67
N GLY J 75 8.58 43.43 8.11
CA GLY J 75 9.26 43.64 9.38
C GLY J 75 8.42 43.24 10.57
N ALA J 76 7.09 43.36 10.45
CA ALA J 76 6.21 42.93 11.53
C ALA J 76 6.22 41.42 11.70
N GLY J 77 6.17 40.67 10.58
CA GLY J 77 6.27 39.23 10.68
C GLY J 77 7.64 38.77 11.16
N LEU J 78 8.69 39.48 10.74
CA LEU J 78 10.03 39.15 11.21
C LEU J 78 10.19 39.40 12.70
N GLY J 79 9.60 40.49 13.21
CA GLY J 79 9.63 40.74 14.63
C GLY J 79 8.82 39.73 15.43
N VAL J 80 7.69 39.27 14.86
CA VAL J 80 6.89 38.23 15.50
C VAL J 80 7.67 36.93 15.57
N MET J 81 8.39 36.60 14.49
CA MET J 81 9.18 35.36 14.45
C MET J 81 10.34 35.41 15.43
N PHE J 82 11.00 36.57 15.58
CA PHE J 82 12.12 36.64 16.50
C PHE J 82 11.64 36.69 17.95
N GLY J 83 10.47 37.28 18.20
CA GLY J 83 9.89 37.18 19.52
C GLY J 83 9.51 35.76 19.90
N SER J 84 9.02 34.99 18.93
CA SER J 84 8.74 33.59 19.21
C SER J 84 10.02 32.78 19.34
N LEU J 85 11.10 33.23 18.71
CA LEU J 85 12.42 32.63 18.94
C LEU J 85 12.85 32.82 20.39
N ILE J 86 12.65 34.01 20.94
CA ILE J 86 12.96 34.25 22.36
C ILE J 86 12.08 33.40 23.26
N ASN J 87 10.79 33.29 22.93
CA ASN J 87 9.87 32.49 23.74
C ASN J 87 10.21 31.00 23.68
N GLY J 88 10.62 30.51 22.51
CA GLY J 88 10.99 29.12 22.39
C GLY J 88 12.31 28.81 23.06
N ALA J 89 13.25 29.76 23.03
CA ALA J 89 14.52 29.55 23.71
C ALA J 89 14.34 29.61 25.22
N ALA J 90 13.37 30.39 25.69
CA ALA J 90 13.12 30.44 27.13
C ALA J 90 12.32 29.23 27.60
N ARG J 91 11.48 28.67 26.73
CA ARG J 91 10.68 27.52 27.12
C ARG J 91 11.52 26.26 27.21
N ASN J 92 12.40 26.06 26.23
CA ASN J 92 13.25 24.86 26.19
C ASN J 92 14.60 25.21 25.59
N PRO J 93 15.57 25.62 26.40
CA PRO J 93 16.87 26.08 25.86
C PRO J 93 17.77 24.95 25.38
N ASN J 94 17.46 23.69 25.69
CA ASN J 94 18.37 22.59 25.34
C ASN J 94 18.36 22.32 23.84
N ILE J 95 17.43 22.92 23.09
CA ILE J 95 17.44 22.86 21.64
C ILE J 95 17.56 24.25 21.04
N ALA J 96 18.00 25.24 21.85
CA ALA J 96 17.90 26.65 21.47
C ALA J 96 18.70 26.98 20.22
N LYS J 97 19.90 26.38 20.09
CA LYS J 97 20.74 26.56 18.92
C LYS J 97 20.00 26.09 17.66
N GLN J 98 19.32 24.94 17.77
CA GLN J 98 18.49 24.44 16.67
C GLN J 98 17.38 25.41 16.34
N LEU J 99 16.75 26.00 17.37
CA LEU J 99 15.70 26.97 17.16
C LEU J 99 16.21 28.20 16.45
N VAL J 100 17.44 28.63 16.78
CA VAL J 100 18.05 29.78 16.12
C VAL J 100 18.22 29.49 14.63
N GLY J 101 18.61 28.25 14.31
CA GLY J 101 18.72 27.85 12.92
C GLY J 101 17.39 27.91 12.20
N TYR J 102 16.32 27.46 12.88
CA TYR J 102 14.98 27.56 12.31
C TYR J 102 14.59 29.01 12.10
N ALA J 103 14.94 29.86 13.07
CA ALA J 103 14.61 31.27 12.99
C ALA J 103 15.28 31.90 11.79
N LEU J 104 16.58 31.61 11.60
CA LEU J 104 17.31 32.18 10.48
C LEU J 104 16.76 31.66 9.17
N LEU J 105 16.32 30.39 9.17
CA LEU J 105 15.67 29.82 7.99
C LEU J 105 14.44 30.61 7.64
N GLY J 106 13.57 30.84 8.64
CA GLY J 106 12.37 31.61 8.42
C GLY J 106 12.69 33.04 8.05
N PHE J 107 13.77 33.57 8.65
CA PHE J 107 14.19 34.95 8.38
C PHE J 107 14.51 35.13 6.92
N ALA J 108 15.34 34.21 6.37
CA ALA J 108 15.73 34.30 4.99
C ALA J 108 14.52 34.19 4.08
N LEU J 109 13.62 33.28 4.43
CA LEU J 109 12.46 33.06 3.57
C LEU J 109 11.52 34.26 3.63
N THR J 110 11.39 34.87 4.82
CA THR J 110 10.48 36.00 4.89
C THR J 110 11.11 37.22 4.24
N GLU J 111 12.43 37.29 4.32
CA GLU J 111 13.18 38.40 3.67
C GLU J 111 12.91 38.33 2.16
N SER J 112 12.80 37.10 1.62
CA SER J 112 12.58 36.96 0.19
C SER J 112 11.43 37.83 -0.27
N ILE J 113 10.36 37.88 0.55
CA ILE J 113 9.23 38.76 0.28
C ILE J 113 9.67 40.21 0.27
N ALA J 114 10.57 40.57 1.20
CA ALA J 114 11.12 41.93 1.24
C ALA J 114 11.83 42.27 -0.05
N LEU J 115 12.68 41.35 -0.55
CA LEU J 115 13.41 41.64 -1.77
C LEU J 115 12.46 41.64 -2.96
N PHE J 116 11.36 40.88 -2.86
CA PHE J 116 10.31 40.92 -3.87
C PHE J 116 9.78 42.33 -4.01
N SER J 117 9.42 42.95 -2.88
CA SER J 117 8.94 44.31 -2.88
C SER J 117 10.02 45.26 -3.37
N LEU J 118 11.27 44.99 -2.97
CA LEU J 118 12.37 45.88 -3.38
C LEU J 118 12.64 45.75 -4.87
N LEU J 119 12.43 44.54 -5.41
CA LEU J 119 12.54 44.32 -6.85
C LEU J 119 11.56 45.20 -7.59
N VAL J 120 10.33 45.31 -7.07
CA VAL J 120 9.31 46.13 -7.72
C VAL J 120 9.71 47.60 -7.67
N VAL J 121 10.36 48.02 -6.56
CA VAL J 121 10.84 49.40 -6.46
C VAL J 121 11.85 49.69 -7.55
N PHE J 122 12.76 48.73 -7.81
CA PHE J 122 13.74 48.97 -8.85
C PHE J 122 13.07 48.89 -10.22
N LEU J 123 12.03 48.06 -10.35
CA LEU J 123 11.29 47.98 -11.61
C LEU J 123 10.48 49.24 -11.85
N ILE J 124 10.21 50.01 -10.79
CA ILE J 124 9.57 51.30 -11.01
C ILE J 124 10.62 52.39 -11.17
N LEU J 125 11.74 52.27 -10.45
CA LEU J 125 12.69 53.38 -10.42
C LEU J 125 13.59 53.37 -11.65
N PHE J 126 14.15 52.23 -11.99
CA PHE J 126 15.15 52.15 -13.05
C PHE J 126 14.78 51.14 -14.12
N ALA J 127 13.48 50.92 -14.36
CA ALA J 127 13.03 50.02 -15.41
C ALA J 127 11.66 50.44 -15.92
N SER K 54 8.54 72.30 -9.15
CA SER K 54 8.40 71.30 -10.21
C SER K 54 7.52 70.16 -9.74
N VAL K 55 7.02 69.37 -10.70
CA VAL K 55 6.20 68.21 -10.36
C VAL K 55 7.09 67.09 -9.83
N LEU K 56 8.35 67.07 -10.27
CA LEU K 56 9.25 65.96 -9.94
C LEU K 56 9.68 66.00 -8.47
N ALA K 57 10.15 67.16 -8.00
CA ALA K 57 10.58 67.25 -6.60
C ALA K 57 9.40 67.18 -5.65
N ALA K 58 8.23 67.65 -6.09
CA ALA K 58 7.01 67.55 -5.30
C ALA K 58 6.61 66.08 -5.13
N SER K 59 6.62 65.33 -6.21
CA SER K 59 6.35 63.90 -6.11
C SER K 59 7.46 63.15 -5.39
N LYS K 60 8.67 63.71 -5.37
CA LYS K 60 9.73 63.13 -4.55
C LYS K 60 9.40 63.22 -3.07
N MET K 61 8.82 64.34 -2.64
CA MET K 61 8.38 64.46 -1.24
C MET K 61 7.24 63.49 -0.93
N VAL K 62 6.26 63.39 -1.83
CA VAL K 62 5.14 62.47 -1.63
C VAL K 62 5.62 61.02 -1.59
N GLY K 63 6.52 60.65 -2.51
CA GLY K 63 7.03 59.30 -2.53
C GLY K 63 7.93 58.98 -1.36
N ALA K 64 8.60 60.00 -0.82
CA ALA K 64 9.41 59.80 0.39
C ALA K 64 8.53 59.52 1.61
N GLY K 65 7.43 60.24 1.74
CA GLY K 65 6.51 59.96 2.84
C GLY K 65 5.84 58.60 2.72
N CYS K 66 5.39 58.25 1.52
CA CYS K 66 4.82 56.92 1.29
C CYS K 66 5.88 55.83 1.43
N ALA K 67 7.15 56.19 1.23
CA ALA K 67 8.22 55.22 1.42
C ALA K 67 8.47 54.94 2.89
N THR K 68 8.49 55.98 3.72
CA THR K 68 8.79 55.77 5.13
C THR K 68 7.53 55.42 5.93
N ILE K 69 6.41 55.18 5.24
CA ILE K 69 5.27 54.47 5.86
C ILE K 69 5.69 53.14 6.50
N ALA K 70 6.64 52.42 5.88
CA ALA K 70 6.96 51.04 6.26
C ALA K 70 7.60 50.90 7.64
N LEU K 71 8.03 52.01 8.24
CA LEU K 71 8.61 51.96 9.58
C LEU K 71 7.56 51.61 10.63
N ALA K 72 6.27 51.76 10.31
CA ALA K 72 5.19 51.37 11.21
C ALA K 72 5.23 49.89 11.54
N GLY K 73 5.19 49.04 10.51
CA GLY K 73 5.22 47.61 10.76
C GLY K 73 6.55 47.14 11.29
N VAL K 74 7.64 47.84 10.93
CA VAL K 74 8.94 47.50 11.50
C VAL K 74 8.97 47.76 13.00
N GLY K 75 8.45 48.91 13.43
CA GLY K 75 8.39 49.22 14.86
C GLY K 75 7.40 48.32 15.59
N ALA K 76 6.33 47.91 14.91
CA ALA K 76 5.37 47.00 15.53
C ALA K 76 5.96 45.62 15.78
N GLY K 77 6.71 45.09 14.80
CA GLY K 77 7.38 43.82 14.99
C GLY K 77 8.48 43.91 16.04
N LEU K 78 9.18 45.03 16.08
CA LEU K 78 10.22 45.24 17.08
C LEU K 78 9.62 45.32 18.49
N GLY K 79 8.48 45.98 18.63
CA GLY K 79 7.81 46.01 19.92
C GLY K 79 7.28 44.66 20.34
N VAL K 80 6.80 43.86 19.38
CA VAL K 80 6.35 42.51 19.67
C VAL K 80 7.52 41.64 20.15
N MET K 81 8.67 41.80 19.49
CA MET K 81 9.86 41.02 19.86
C MET K 81 10.37 41.41 21.24
N PHE K 82 10.34 42.69 21.58
CA PHE K 82 10.82 43.09 22.90
C PHE K 82 9.83 42.74 24.00
N GLY K 83 8.54 42.74 23.69
CA GLY K 83 7.57 42.22 24.64
C GLY K 83 7.74 40.74 24.90
N SER K 84 8.07 39.98 23.85
CA SER K 84 8.34 38.57 24.06
C SER K 84 9.67 38.35 24.77
N LEU K 85 10.60 39.31 24.64
CA LEU K 85 11.82 39.28 25.45
C LEU K 85 11.50 39.41 26.93
N ILE K 86 10.60 40.33 27.28
CA ILE K 86 10.16 40.47 28.67
C ILE K 86 9.45 39.20 29.16
N ASN K 87 8.60 38.63 28.31
CA ASN K 87 7.88 37.41 28.69
C ASN K 87 8.82 36.22 28.87
N GLY K 88 9.84 36.12 28.01
CA GLY K 88 10.79 35.04 28.15
C GLY K 88 11.72 35.21 29.32
N ALA K 89 12.07 36.46 29.65
CA ALA K 89 12.91 36.70 30.81
C ALA K 89 12.12 36.47 32.10
N ALA K 90 10.82 36.70 32.08
CA ALA K 90 10.00 36.44 33.26
C ALA K 90 9.69 34.95 33.41
N ARG K 91 9.62 34.23 32.30
CA ARG K 91 9.32 32.81 32.37
C ARG K 91 10.51 32.01 32.88
N ASN K 92 11.70 32.33 32.38
CA ASN K 92 12.92 31.61 32.78
C ASN K 92 14.09 32.58 32.79
N PRO K 93 14.36 33.23 33.92
CA PRO K 93 15.42 34.25 33.95
C PRO K 93 16.84 33.69 33.99
N ASN K 94 17.02 32.38 34.19
CA ASN K 94 18.36 31.83 34.31
C ASN K 94 19.09 31.78 32.98
N ILE K 95 18.38 32.05 31.88
CA ILE K 95 19.00 32.21 30.57
C ILE K 95 18.74 33.59 30.01
N ALA K 96 18.34 34.55 30.86
CA ALA K 96 17.79 35.83 30.41
C ALA K 96 18.81 36.63 29.61
N LYS K 97 20.07 36.61 30.03
CA LYS K 97 21.15 37.28 29.32
C LYS K 97 21.27 36.73 27.90
N GLN K 98 21.18 35.40 27.77
CA GLN K 98 21.19 34.76 26.46
C GLN K 98 20.01 35.23 25.62
N LEU K 99 18.84 35.34 26.26
CA LEU K 99 17.64 35.80 25.56
C LEU K 99 17.82 37.23 25.07
N VAL K 100 18.48 38.08 25.87
CA VAL K 100 18.74 39.45 25.47
C VAL K 100 19.61 39.48 24.23
N GLY K 101 20.59 38.57 24.17
CA GLY K 101 21.42 38.45 22.98
C GLY K 101 20.61 38.07 21.76
N TYR K 102 19.67 37.11 21.93
CA TYR K 102 18.79 36.72 20.84
C TYR K 102 17.93 37.89 20.41
N ALA K 103 17.45 38.66 21.39
CA ALA K 103 16.60 39.81 21.09
C ALA K 103 17.34 40.84 20.27
N LEU K 104 18.60 41.13 20.67
CA LEU K 104 19.39 42.11 19.94
C LEU K 104 19.71 41.60 18.55
N LEU K 105 19.91 40.28 18.43
CA LEU K 105 20.12 39.66 17.12
C LEU K 105 18.93 39.90 16.23
N GLY K 106 17.72 39.60 16.75
CA GLY K 106 16.51 39.83 16.00
C GLY K 106 16.30 41.29 15.71
N PHE K 107 16.68 42.14 16.69
CA PHE K 107 16.54 43.59 16.56
C PHE K 107 17.31 44.09 15.36
N ALA K 108 18.59 43.69 15.28
CA ALA K 108 19.45 44.14 14.19
C ALA K 108 18.90 43.66 12.85
N LEU K 109 18.41 42.41 12.83
CA LEU K 109 17.93 41.85 11.58
C LEU K 109 16.63 42.54 11.16
N THR K 110 15.78 42.86 12.14
CA THR K 110 14.52 43.49 11.76
C THR K 110 14.76 44.93 11.37
N GLU K 111 15.79 45.57 11.98
CA GLU K 111 16.07 46.95 11.62
C GLU K 111 16.72 47.04 10.26
N SER K 112 17.23 45.92 9.74
CA SER K 112 17.71 45.89 8.36
C SER K 112 16.59 46.26 7.41
N ILE K 113 15.38 45.75 7.68
CA ILE K 113 14.20 46.10 6.91
C ILE K 113 13.92 47.59 7.01
N ALA K 114 14.11 48.16 8.21
CA ALA K 114 13.95 49.60 8.41
C ALA K 114 14.90 50.39 7.53
N LEU K 115 16.17 49.98 7.50
CA LEU K 115 17.13 50.72 6.68
C LEU K 115 16.86 50.50 5.21
N PHE K 116 16.27 49.33 4.87
CA PHE K 116 15.83 49.08 3.50
C PHE K 116 14.83 50.14 3.07
N SER K 117 13.81 50.39 3.92
CA SER K 117 12.83 51.43 3.63
C SER K 117 13.49 52.79 3.58
N LEU K 118 14.44 53.02 4.50
CA LEU K 118 15.11 54.31 4.55
C LEU K 118 15.99 54.53 3.34
N LEU K 119 16.57 53.43 2.82
CA LEU K 119 17.33 53.48 1.58
C LEU K 119 16.47 53.98 0.44
N VAL K 120 15.23 53.49 0.38
CA VAL K 120 14.31 53.89 -0.68
C VAL K 120 13.97 55.37 -0.55
N VAL K 121 13.86 55.86 0.71
CA VAL K 121 13.60 57.28 0.92
C VAL K 121 14.74 58.12 0.37
N PHE K 122 15.98 57.68 0.57
CA PHE K 122 17.09 58.44 0.02
C PHE K 122 17.15 58.29 -1.49
N LEU K 123 16.72 57.13 -1.99
CA LEU K 123 16.69 56.93 -3.44
C LEU K 123 15.57 57.76 -4.08
N ILE K 124 14.60 58.19 -3.29
CA ILE K 124 13.61 59.11 -3.83
C ILE K 124 14.04 60.55 -3.58
N LEU K 125 14.70 60.80 -2.45
CA LEU K 125 14.97 62.19 -2.09
C LEU K 125 16.19 62.74 -2.80
N PHE K 126 17.29 61.99 -2.81
CA PHE K 126 18.55 62.48 -3.33
C PHE K 126 19.13 61.57 -4.40
N ALA K 127 18.29 60.87 -5.15
CA ALA K 127 18.74 60.03 -6.24
C ALA K 127 17.67 59.90 -7.31
N SER L 54 2.87 77.38 -3.63
CA SER L 54 3.61 76.58 -4.59
C SER L 54 3.21 75.12 -4.50
N VAL L 55 3.53 74.34 -5.52
CA VAL L 55 3.23 72.91 -5.50
C VAL L 55 4.23 72.19 -4.59
N LEU L 56 5.43 72.75 -4.45
CA LEU L 56 6.50 72.08 -3.71
C LEU L 56 6.24 72.09 -2.21
N ALA L 57 5.93 73.25 -1.63
CA ALA L 57 5.68 73.32 -0.20
C ALA L 57 4.36 72.63 0.16
N ALA L 58 3.40 72.65 -0.76
CA ALA L 58 2.14 71.93 -0.56
C ALA L 58 2.38 70.42 -0.48
N SER L 59 3.15 69.90 -1.42
CA SER L 59 3.50 68.48 -1.38
C SER L 59 4.43 68.17 -0.21
N LYS L 60 5.15 69.17 0.30
CA LYS L 60 5.94 68.96 1.51
C LYS L 60 5.03 68.70 2.71
N MET L 61 3.89 69.40 2.79
CA MET L 61 2.94 69.14 3.86
C MET L 61 2.30 67.76 3.72
N VAL L 62 1.92 67.39 2.48
CA VAL L 62 1.33 66.07 2.24
C VAL L 62 2.33 64.95 2.56
N GLY L 63 3.58 65.12 2.13
CA GLY L 63 4.60 64.12 2.39
C GLY L 63 4.99 64.05 3.85
N ALA L 64 4.86 65.15 4.58
CA ALA L 64 5.12 65.14 6.01
C ALA L 64 4.05 64.35 6.75
N GLY L 65 2.78 64.53 6.37
CA GLY L 65 1.72 63.74 6.99
C GLY L 65 1.82 62.26 6.68
N CYS L 66 2.08 61.92 5.40
CA CYS L 66 2.28 60.53 5.04
C CYS L 66 3.56 59.97 5.67
N ALA L 67 4.51 60.84 6.01
CA ALA L 67 5.71 60.38 6.68
C ALA L 67 5.44 60.02 8.14
N THR L 68 4.68 60.85 8.83
CA THR L 68 4.43 60.58 10.25
C THR L 68 3.25 59.64 10.45
N ILE L 69 2.73 59.05 9.38
CA ILE L 69 1.86 57.87 9.49
C ILE L 69 2.52 56.75 10.30
N ALA L 70 3.84 56.59 10.19
CA ALA L 70 4.55 55.41 10.74
C ALA L 70 4.57 55.36 12.26
N LEU L 71 4.20 56.45 12.93
CA LEU L 71 4.14 56.45 14.38
C LEU L 71 3.02 55.56 14.91
N ALA L 72 2.04 55.21 14.06
CA ALA L 72 0.98 54.30 14.45
C ALA L 72 1.51 52.93 14.84
N GLY L 73 2.26 52.29 13.93
CA GLY L 73 2.80 50.97 14.25
C GLY L 73 3.87 51.02 15.32
N VAL L 74 4.58 52.15 15.42
CA VAL L 74 5.56 52.31 16.50
C VAL L 74 4.86 52.33 17.86
N GLY L 75 3.77 53.11 17.96
CA GLY L 75 3.02 53.14 19.21
C GLY L 75 2.31 51.84 19.51
N ALA L 76 1.90 51.12 18.47
CA ALA L 76 1.27 49.82 18.66
C ALA L 76 2.24 48.79 19.21
N GLY L 77 3.46 48.75 18.65
CA GLY L 77 4.47 47.86 19.19
C GLY L 77 4.91 48.23 20.59
N LEU L 78 4.96 49.54 20.87
CA LEU L 78 5.30 50.00 22.22
C LEU L 78 4.23 49.63 23.23
N GLY L 79 2.96 49.74 22.84
CA GLY L 79 1.89 49.31 23.71
C GLY L 79 1.87 47.81 23.94
N VAL L 80 2.22 47.04 22.91
CA VAL L 80 2.32 45.58 23.05
C VAL L 80 3.44 45.23 24.02
N MET L 81 4.57 45.92 23.91
CA MET L 81 5.71 45.66 24.79
C MET L 81 5.41 46.03 26.24
N PHE L 82 4.69 47.13 26.46
CA PHE L 82 4.38 47.51 27.84
C PHE L 82 3.29 46.63 28.44
N GLY L 83 2.36 46.14 27.60
CA GLY L 83 1.42 45.14 28.08
C GLY L 83 2.09 43.83 28.46
N SER L 84 3.11 43.44 27.69
CA SER L 84 3.85 42.24 28.07
C SER L 84 4.74 42.50 29.29
N LEU L 85 5.12 43.76 29.52
CA LEU L 85 5.79 44.12 30.76
C LEU L 85 4.88 43.90 31.96
N ILE L 86 3.61 44.31 31.84
CA ILE L 86 2.64 44.06 32.92
C ILE L 86 2.43 42.56 33.11
N ASN L 87 2.32 41.81 32.01
CA ASN L 87 2.11 40.35 32.12
C ASN L 87 3.31 39.66 32.75
N GLY L 88 4.53 40.10 32.41
CA GLY L 88 5.71 39.49 32.99
C GLY L 88 5.91 39.87 34.45
N ALA L 89 5.52 41.09 34.82
CA ALA L 89 5.61 41.49 36.22
C ALA L 89 4.57 40.78 37.05
N ALA L 90 3.42 40.44 36.47
CA ALA L 90 2.40 39.72 37.20
C ALA L 90 2.73 38.23 37.29
N ARG L 91 3.44 37.70 36.28
CA ARG L 91 3.77 36.28 36.31
C ARG L 91 4.88 35.99 37.30
N ASN L 92 5.90 36.83 37.35
CA ASN L 92 7.03 36.64 38.25
C ASN L 92 7.57 37.98 38.72
N PRO L 93 7.03 38.53 39.82
CA PRO L 93 7.44 39.87 40.25
C PRO L 93 8.81 39.95 40.91
N ASN L 94 9.43 38.81 41.23
CA ASN L 94 10.71 38.84 41.94
C ASN L 94 11.85 39.28 41.05
N ILE L 95 11.61 39.40 39.74
CA ILE L 95 12.58 39.98 38.81
C ILE L 95 11.99 41.20 38.12
N ALA L 96 10.91 41.77 38.68
CA ALA L 96 10.10 42.76 37.96
C ALA L 96 10.90 44.02 37.62
N LYS L 97 11.76 44.46 38.55
CA LYS L 97 12.63 45.60 38.33
C LYS L 97 13.53 45.37 37.13
N GLN L 98 14.08 44.15 37.04
CA GLN L 98 14.90 43.76 35.89
C GLN L 98 14.08 43.81 34.60
N LEU L 99 12.82 43.34 34.68
CA LEU L 99 11.94 43.36 33.51
C LEU L 99 11.67 44.78 33.06
N VAL L 100 11.52 45.71 34.03
CA VAL L 100 11.30 47.11 33.72
C VAL L 100 12.48 47.67 32.95
N GLY L 101 13.69 47.26 33.37
CA GLY L 101 14.90 47.66 32.65
C GLY L 101 14.90 47.16 31.23
N TYR L 102 14.49 45.89 31.04
CA TYR L 102 14.38 45.33 29.69
C TYR L 102 13.36 46.09 28.88
N ALA L 103 12.24 46.45 29.52
CA ALA L 103 11.18 47.17 28.82
C ALA L 103 11.68 48.52 28.34
N LEU L 104 12.39 49.24 29.22
CA LEU L 104 12.90 50.55 28.85
C LEU L 104 13.95 50.42 27.76
N LEU L 105 14.74 49.33 27.80
CA LEU L 105 15.69 49.05 26.74
C LEU L 105 14.97 48.90 25.41
N GLY L 106 13.93 48.05 25.39
CA GLY L 106 13.17 47.87 24.18
C GLY L 106 12.48 49.15 23.77
N PHE L 107 12.02 49.93 24.76
CA PHE L 107 11.33 51.19 24.51
C PHE L 107 12.22 52.13 23.73
N ALA L 108 13.46 52.31 24.21
CA ALA L 108 14.40 53.21 23.56
C ALA L 108 14.69 52.74 22.16
N LEU L 109 14.86 51.42 21.99
CA LEU L 109 15.21 50.89 20.69
C LEU L 109 14.05 51.04 19.72
N THR L 110 12.82 50.85 20.23
CA THR L 110 11.68 50.94 19.31
C THR L 110 11.41 52.40 18.99
N GLU L 111 11.72 53.31 19.94
CA GLU L 111 11.50 54.72 19.66
C GLU L 111 12.53 55.26 18.70
N SER L 112 13.65 54.53 18.51
CA SER L 112 14.60 54.90 17.47
C SER L 112 13.91 54.91 16.12
N ILE L 113 13.05 53.91 15.88
CA ILE L 113 12.25 53.85 14.65
C ILE L 113 11.34 55.07 14.55
N ALA L 114 10.77 55.49 15.70
CA ALA L 114 9.94 56.69 15.72
C ALA L 114 10.72 57.90 15.29
N LEU L 115 11.94 58.07 15.82
CA LEU L 115 12.72 59.24 15.46
C LEU L 115 13.19 59.15 14.02
N PHE L 116 13.36 57.90 13.52
CA PHE L 116 13.66 57.69 12.11
C PHE L 116 12.57 58.29 11.25
N SER L 117 11.31 57.98 11.57
CA SER L 117 10.18 58.54 10.83
C SER L 117 10.14 60.05 11.00
N LEU L 118 10.45 60.52 12.22
CA LEU L 118 10.40 61.96 12.48
C LEU L 118 11.51 62.68 11.74
N LEU L 119 12.66 62.00 11.58
CA LEU L 119 13.75 62.54 10.79
C LEU L 119 13.30 62.79 9.36
N VAL L 120 12.54 61.84 8.81
CA VAL L 120 12.06 61.99 7.44
C VAL L 120 11.09 63.15 7.34
N VAL L 121 10.28 63.38 8.39
CA VAL L 121 9.37 64.51 8.41
C VAL L 121 10.15 65.82 8.34
N PHE L 122 11.26 65.90 9.08
CA PHE L 122 12.05 67.12 9.02
C PHE L 122 12.77 67.23 7.69
N LEU L 123 13.13 66.08 7.10
CA LEU L 123 13.77 66.08 5.78
C LEU L 123 12.77 66.46 4.70
N ILE L 124 11.48 66.34 4.98
CA ILE L 124 10.50 66.83 4.02
C ILE L 124 10.14 68.28 4.35
N LEU L 125 10.10 68.61 5.64
CA LEU L 125 9.56 69.92 6.01
C LEU L 125 10.61 71.02 5.85
N PHE L 126 11.82 70.79 6.35
CA PHE L 126 12.83 71.83 6.39
C PHE L 126 14.13 71.40 5.72
N ALA L 127 14.05 70.53 4.72
CA ALA L 127 15.22 70.11 3.96
C ALA L 127 14.84 69.71 2.55
N SER M 54 -6.24 78.48 -1.56
CA SER M 54 -4.90 78.19 -2.07
C SER M 54 -4.64 76.69 -2.06
N VAL M 55 -3.62 76.26 -2.82
CA VAL M 55 -3.25 74.85 -2.83
C VAL M 55 -2.50 74.50 -1.54
N LEU M 56 -1.83 75.49 -0.95
CA LEU M 56 -0.97 75.23 0.20
C LEU M 56 -1.78 74.93 1.46
N ALA M 57 -2.77 75.79 1.73
CA ALA M 57 -3.68 75.60 2.87
C ALA M 57 -4.42 74.28 2.65
N ALA M 58 -4.81 74.01 1.40
CA ALA M 58 -5.50 72.75 1.06
C ALA M 58 -4.54 71.58 1.33
N SER M 59 -3.26 71.75 0.97
CA SER M 59 -2.23 70.71 1.16
C SER M 59 -1.90 70.58 2.66
N LYS M 60 -2.39 71.53 3.46
CA LYS M 60 -2.16 71.51 4.90
C LYS M 60 -3.25 70.73 5.62
N MET M 61 -4.49 70.93 5.16
CA MET M 61 -5.68 70.24 5.75
C MET M 61 -5.56 68.74 5.48
N VAL M 62 -5.11 68.36 4.29
CA VAL M 62 -4.95 66.93 3.91
C VAL M 62 -3.79 66.32 4.70
N GLY M 63 -2.63 67.00 4.71
CA GLY M 63 -1.49 66.47 5.43
C GLY M 63 -1.72 66.38 6.92
N ALA M 64 -2.60 67.24 7.46
CA ALA M 64 -2.95 67.14 8.87
C ALA M 64 -3.77 65.88 9.15
N GLY M 65 -4.72 65.57 8.27
CA GLY M 65 -5.49 64.34 8.43
C GLY M 65 -4.64 63.08 8.28
N CYS M 66 -3.77 63.07 7.25
CA CYS M 66 -2.85 61.94 7.09
C CYS M 66 -1.83 61.88 8.23
N ALA M 67 -1.57 63.01 8.88
CA ALA M 67 -0.67 63.02 10.02
C ALA M 67 -1.31 62.40 11.24
N THR M 68 -2.58 62.73 11.51
CA THR M 68 -3.23 62.20 12.70
C THR M 68 -3.84 60.83 12.46
N ILE M 69 -3.58 60.22 11.30
CA ILE M 69 -3.81 58.78 11.11
C ILE M 69 -3.12 57.94 12.20
N ALA M 70 -1.93 58.37 12.65
CA ALA M 70 -1.08 57.54 13.52
C ALA M 70 -1.65 57.30 14.92
N LEU M 71 -2.69 58.04 15.29
CA LEU M 71 -3.31 57.82 16.59
C LEU M 71 -4.04 56.49 16.66
N ALA M 72 -4.34 55.87 15.50
CA ALA M 72 -4.96 54.55 15.46
C ALA M 72 -4.09 53.50 16.12
N GLY M 73 -2.84 53.35 15.65
CA GLY M 73 -1.96 52.36 16.24
C GLY M 73 -1.54 52.70 17.66
N VAL M 74 -1.50 54.01 17.98
CA VAL M 74 -1.21 54.41 19.35
C VAL M 74 -2.33 53.96 20.29
N GLY M 75 -3.59 54.19 19.88
CA GLY M 75 -4.71 53.74 20.70
C GLY M 75 -4.84 52.23 20.75
N ALA M 76 -4.43 51.55 19.68
CA ALA M 76 -4.45 50.09 19.67
C ALA M 76 -3.44 49.51 20.64
N GLY M 77 -2.22 50.06 20.65
CA GLY M 77 -1.23 49.60 21.61
C GLY M 77 -1.61 49.95 23.04
N LEU M 78 -2.23 51.10 23.24
CA LEU M 78 -2.69 51.48 24.57
C LEU M 78 -3.81 50.56 25.06
N GLY M 79 -4.73 50.18 24.17
CA GLY M 79 -5.76 49.23 24.55
C GLY M 79 -5.21 47.85 24.84
N VAL M 80 -4.18 47.43 24.09
CA VAL M 80 -3.52 46.15 24.35
C VAL M 80 -2.85 46.17 25.72
N MET M 81 -2.19 47.29 26.06
CA MET M 81 -1.51 47.42 27.34
C MET M 81 -2.50 47.42 28.50
N PHE M 82 -3.64 48.08 28.34
CA PHE M 82 -4.61 48.11 29.44
C PHE M 82 -5.35 46.78 29.57
N GLY M 83 -5.55 46.07 28.46
CA GLY M 83 -6.06 44.72 28.57
C GLY M 83 -5.11 43.78 29.27
N SER M 84 -3.80 43.94 29.03
CA SER M 84 -2.84 43.12 29.75
C SER M 84 -2.72 43.57 31.21
N LEU M 85 -3.05 44.82 31.49
CA LEU M 85 -3.16 45.27 32.88
C LEU M 85 -4.28 44.53 33.61
N ILE M 86 -5.44 44.38 32.95
CA ILE M 86 -6.54 43.62 33.52
C ILE M 86 -6.15 42.15 33.72
N ASN M 87 -5.47 41.57 32.72
CA ASN M 87 -5.05 40.17 32.81
C ASN M 87 -4.02 39.96 33.92
N GLY M 88 -3.09 40.91 34.09
CA GLY M 88 -2.11 40.78 35.15
C GLY M 88 -2.70 41.01 36.52
N ALA M 89 -3.69 41.90 36.64
CA ALA M 89 -4.33 42.11 37.91
C ALA M 89 -5.21 40.92 38.28
N ALA M 90 -5.77 40.23 37.29
CA ALA M 90 -6.55 39.05 37.59
C ALA M 90 -5.68 37.84 37.89
N ARG M 91 -4.48 37.78 37.30
CA ARG M 91 -3.60 36.65 37.54
C ARG M 91 -2.98 36.72 38.93
N ASN M 92 -2.54 37.90 39.35
CA ASN M 92 -1.91 38.08 40.65
C ASN M 92 -2.25 39.45 41.21
N PRO M 93 -3.35 39.57 41.96
CA PRO M 93 -3.78 40.89 42.44
C PRO M 93 -2.96 41.45 43.59
N ASN M 94 -2.10 40.64 44.22
CA ASN M 94 -1.37 41.12 45.39
C ASN M 94 -0.28 42.11 45.03
N ILE M 95 0.00 42.28 43.74
CA ILE M 95 0.89 43.33 43.26
C ILE M 95 0.17 44.27 42.32
N ALA M 96 -1.17 44.26 42.34
CA ALA M 96 -1.97 44.91 41.30
C ALA M 96 -1.74 46.41 41.25
N LYS M 97 -1.61 47.04 42.42
CA LYS M 97 -1.32 48.47 42.50
C LYS M 97 -0.01 48.79 41.80
N GLN M 98 1.01 47.94 42.03
CA GLN M 98 2.29 48.08 41.35
C GLN M 98 2.12 47.95 39.84
N LEU M 99 1.28 47.00 39.41
CA LEU M 99 1.03 46.80 37.99
C LEU M 99 0.37 48.03 37.38
N VAL M 100 -0.54 48.67 38.14
CA VAL M 100 -1.20 49.88 37.67
C VAL M 100 -0.17 50.97 37.44
N GLY M 101 0.81 51.06 38.34
CA GLY M 101 1.89 52.01 38.17
C GLY M 101 2.69 51.75 36.91
N TYR M 102 2.98 50.46 36.64
CA TYR M 102 3.67 50.10 35.42
C TYR M 102 2.85 50.46 34.20
N ALA M 103 1.53 50.23 34.29
CA ALA M 103 0.63 50.53 33.19
C ALA M 103 0.64 52.01 32.88
N LEU M 104 0.56 52.84 33.92
CA LEU M 104 0.55 54.28 33.72
C LEU M 104 1.88 54.74 33.17
N LEU M 105 2.97 54.08 33.60
CA LEU M 105 4.30 54.37 33.05
C LEU M 105 4.31 54.11 31.56
N GLY M 106 3.84 52.92 31.16
CA GLY M 106 3.79 52.60 29.75
C GLY M 106 2.84 53.51 29.01
N PHE M 107 1.73 53.89 29.68
CA PHE M 107 0.74 54.77 29.09
C PHE M 107 1.36 56.10 28.69
N ALA M 108 2.09 56.70 29.64
CA ALA M 108 2.71 58.00 29.38
C ALA M 108 3.72 57.88 28.26
N LEU M 109 4.48 56.79 28.26
CA LEU M 109 5.52 56.63 27.25
C LEU M 109 4.90 56.39 25.88
N THR M 110 3.79 55.65 25.84
CA THR M 110 3.21 55.38 24.53
C THR M 110 2.48 56.63 24.04
N GLU M 111 1.95 57.39 24.99
CA GLU M 111 1.26 58.66 24.63
C GLU M 111 2.29 59.57 23.95
N SER M 112 3.54 59.53 24.40
CA SER M 112 4.57 60.39 23.84
C SER M 112 4.56 60.30 22.31
N ILE M 113 4.38 59.07 21.80
CA ILE M 113 4.26 58.84 20.37
C ILE M 113 3.05 59.57 19.83
N ALA M 114 1.94 59.56 20.59
CA ALA M 114 0.73 60.28 20.21
C ALA M 114 1.00 61.76 20.06
N LEU M 115 1.71 62.35 21.05
CA LEU M 115 1.97 63.78 20.97
C LEU M 115 2.97 64.07 19.87
N PHE M 116 3.84 63.10 19.55
CA PHE M 116 4.74 63.21 18.41
C PHE M 116 3.95 63.41 17.13
N SER M 117 2.94 62.57 16.92
CA SER M 117 2.08 62.70 15.76
C SER M 117 1.32 64.01 15.80
N LEU M 118 0.87 64.40 17.01
CA LEU M 118 0.10 65.63 17.13
C LEU M 118 0.99 66.84 16.88
N LEU M 119 2.27 66.74 17.26
CA LEU M 119 3.24 67.78 16.95
C LEU M 119 3.34 68.01 15.45
N VAL M 120 3.35 66.91 14.69
CA VAL M 120 3.45 67.02 13.25
C VAL M 120 2.20 67.68 12.68
N VAL M 121 1.03 67.40 13.28
CA VAL M 121 -0.21 68.04 12.85
C VAL M 121 -0.12 69.55 13.04
N PHE M 122 0.45 69.99 14.16
CA PHE M 122 0.58 71.42 14.37
C PHE M 122 1.65 72.00 13.45
N LEU M 123 2.68 71.19 13.14
CA LEU M 123 3.71 71.64 12.21
C LEU M 123 3.18 71.70 10.79
N ILE M 124 2.08 71.02 10.50
CA ILE M 124 1.45 71.17 9.21
C ILE M 124 0.40 72.27 9.26
N LEU M 125 -0.30 72.40 10.40
CA LEU M 125 -1.44 73.30 10.43
C LEU M 125 -1.02 74.74 10.66
N PHE M 126 -0.14 74.98 11.62
CA PHE M 126 0.22 76.33 12.03
C PHE M 126 1.72 76.58 11.97
N ALA M 127 2.43 75.89 11.09
CA ALA M 127 3.86 76.11 10.92
C ALA M 127 4.30 75.77 9.50
N SER N 54 -14.92 75.90 -3.21
CA SER N 54 -13.51 76.25 -3.12
C SER N 54 -12.66 74.99 -2.93
N VAL N 55 -11.36 75.13 -3.19
CA VAL N 55 -10.41 73.99 -3.04
C VAL N 55 -10.08 73.85 -1.54
N LEU N 56 -9.87 74.97 -0.86
CA LEU N 56 -9.56 74.94 0.61
C LEU N 56 -10.75 74.35 1.35
N ALA N 57 -11.97 74.73 0.97
CA ALA N 57 -13.19 74.20 1.61
C ALA N 57 -13.29 72.69 1.32
N ALA N 58 -13.02 72.30 0.07
CA ALA N 58 -13.05 70.88 -0.37
C ALA N 58 -11.96 70.09 0.35
N SER N 59 -10.79 70.69 0.52
CA SER N 59 -9.62 70.02 1.17
C SER N 59 -9.97 69.66 2.62
N LYS N 60 -10.70 70.52 3.31
CA LYS N 60 -11.08 70.28 4.73
C LYS N 60 -11.93 69.01 4.82
N MET N 61 -12.84 68.80 3.87
CA MET N 61 -13.71 67.59 3.91
C MET N 61 -12.83 66.34 3.80
N VAL N 62 -11.86 66.34 2.88
CA VAL N 62 -10.94 65.18 2.69
C VAL N 62 -10.06 65.02 3.94
N GLY N 63 -9.57 66.14 4.48
CA GLY N 63 -8.70 66.11 5.67
C GLY N 63 -9.44 65.62 6.91
N ALA N 64 -10.71 65.99 7.04
CA ALA N 64 -11.50 65.58 8.18
C ALA N 64 -11.76 64.06 8.16
N GLY N 65 -12.06 63.52 6.98
CA GLY N 65 -12.23 62.07 6.88
C GLY N 65 -10.95 61.31 7.15
N CYS N 66 -9.83 61.76 6.58
CA CYS N 66 -8.55 61.13 6.85
C CYS N 66 -8.13 61.35 8.30
N ALA N 67 -8.65 62.39 8.95
CA ALA N 67 -8.35 62.61 10.36
C ALA N 67 -9.09 61.63 11.25
N THR N 68 -10.37 61.38 10.95
CA THR N 68 -11.14 60.49 11.81
C THR N 68 -10.98 59.02 11.39
N ILE N 69 -10.05 58.73 10.47
CA ILE N 69 -9.57 57.37 10.28
C ILE N 69 -9.07 56.74 11.58
N ALA N 70 -8.45 57.54 12.47
CA ALA N 70 -7.73 57.02 13.63
C ALA N 70 -8.64 56.39 14.70
N LEU N 71 -9.95 56.58 14.59
CA LEU N 71 -10.88 55.97 15.53
C LEU N 71 -10.95 54.45 15.35
N ALA N 72 -10.47 53.93 14.21
CA ALA N 72 -10.41 52.49 13.99
C ALA N 72 -9.51 51.80 15.00
N GLY N 73 -8.26 52.22 15.08
CA GLY N 73 -7.34 51.60 16.01
C GLY N 73 -7.69 51.90 17.46
N VAL N 74 -8.32 53.06 17.71
CA VAL N 74 -8.80 53.36 19.06
C VAL N 74 -9.89 52.37 19.48
N GLY N 75 -10.85 52.12 18.60
CA GLY N 75 -11.91 51.17 18.90
C GLY N 75 -11.40 49.74 18.97
N ALA N 76 -10.37 49.43 18.19
CA ALA N 76 -9.76 48.09 18.24
C ALA N 76 -9.06 47.85 19.57
N GLY N 77 -8.29 48.84 20.05
CA GLY N 77 -7.66 48.69 21.35
C GLY N 77 -8.67 48.66 22.48
N LEU N 78 -9.75 49.44 22.35
CA LEU N 78 -10.80 49.41 23.36
C LEU N 78 -11.53 48.08 23.40
N GLY N 79 -11.77 47.47 22.23
CA GLY N 79 -12.36 46.15 22.20
C GLY N 79 -11.44 45.07 22.75
N VAL N 80 -10.13 45.22 22.52
CA VAL N 80 -9.16 44.28 23.08
C VAL N 80 -9.14 44.39 24.61
N MET N 81 -9.21 45.63 25.12
CA MET N 81 -9.20 45.85 26.56
C MET N 81 -10.46 45.31 27.22
N PHE N 82 -11.62 45.45 26.58
CA PHE N 82 -12.84 44.95 27.18
C PHE N 82 -12.95 43.43 27.08
N GLY N 83 -12.38 42.86 26.01
CA GLY N 83 -12.27 41.41 25.96
C GLY N 83 -11.36 40.85 27.03
N SER N 84 -10.27 41.55 27.33
CA SER N 84 -9.43 41.10 28.42
C SER N 84 -10.07 41.36 29.78
N LEU N 85 -10.98 42.33 29.86
CA LEU N 85 -11.80 42.50 31.05
C LEU N 85 -12.69 41.29 31.29
N ILE N 86 -13.31 40.78 30.22
CA ILE N 86 -14.12 39.56 30.34
C ILE N 86 -13.26 38.37 30.74
N ASN N 87 -12.07 38.26 30.14
CA ASN N 87 -11.17 37.14 30.47
C ASN N 87 -10.67 37.22 31.90
N GLY N 88 -10.38 38.42 32.39
CA GLY N 88 -9.93 38.56 33.76
C GLY N 88 -11.04 38.36 34.77
N ALA N 89 -12.26 38.75 34.42
CA ALA N 89 -13.39 38.51 35.31
C ALA N 89 -13.75 37.03 35.35
N ALA N 90 -13.52 36.31 34.25
CA ALA N 90 -13.80 34.88 34.26
C ALA N 90 -12.69 34.10 34.95
N ARG N 91 -11.45 34.61 34.90
CA ARG N 91 -10.35 33.91 35.54
C ARG N 91 -10.40 34.03 37.05
N ASN N 92 -10.70 35.23 37.55
CA ASN N 92 -10.76 35.48 38.99
C ASN N 92 -11.83 36.51 39.30
N PRO N 93 -13.08 36.07 39.53
CA PRO N 93 -14.18 37.03 39.72
C PRO N 93 -14.19 37.71 41.08
N ASN N 94 -13.38 37.25 42.05
CA ASN N 94 -13.44 37.81 43.39
C ASN N 94 -12.82 39.21 43.45
N ILE N 95 -12.16 39.63 42.38
CA ILE N 95 -11.69 41.01 42.27
C ILE N 95 -12.30 41.70 41.06
N ALA N 96 -13.41 41.15 40.53
CA ALA N 96 -13.93 41.55 39.23
C ALA N 96 -14.36 43.01 39.20
N LYS N 97 -14.97 43.48 40.29
CA LYS N 97 -15.36 44.88 40.42
C LYS N 97 -14.16 45.79 40.31
N GLN N 98 -13.05 45.40 40.96
CA GLN N 98 -11.79 46.14 40.85
C GLN N 98 -11.29 46.15 39.42
N LEU N 99 -11.41 45.00 38.73
CA LEU N 99 -10.99 44.91 37.34
C LEU N 99 -11.81 45.84 36.46
N VAL N 100 -13.11 45.94 36.74
CA VAL N 100 -13.98 46.84 35.99
C VAL N 100 -13.51 48.27 36.15
N GLY N 101 -13.09 48.62 37.37
CA GLY N 101 -12.54 49.95 37.60
C GLY N 101 -11.29 50.19 36.79
N TYR N 102 -10.40 49.19 36.73
CA TYR N 102 -9.21 49.29 35.91
C TYR N 102 -9.57 49.45 34.44
N ALA N 103 -10.59 48.70 34.00
CA ALA N 103 -11.01 48.76 32.62
C ALA N 103 -11.51 50.14 32.26
N LEU N 104 -12.33 50.73 33.15
CA LEU N 104 -12.87 52.05 32.90
C LEU N 104 -11.76 53.08 32.91
N LEU N 105 -10.75 52.86 33.79
CA LEU N 105 -9.58 53.72 33.81
C LEU N 105 -8.88 53.70 32.46
N GLY N 106 -8.60 52.48 31.96
CA GLY N 106 -7.97 52.35 30.67
C GLY N 106 -8.83 52.90 29.56
N PHE N 107 -10.16 52.70 29.71
CA PHE N 107 -11.12 53.18 28.72
C PHE N 107 -11.02 54.68 28.55
N ALA N 108 -11.04 55.40 29.68
CA ALA N 108 -10.98 56.86 29.64
C ALA N 108 -9.66 57.31 29.02
N LEU N 109 -8.58 56.62 29.39
CA LEU N 109 -7.27 57.03 28.90
C LEU N 109 -7.14 56.75 27.41
N THR N 110 -7.73 55.63 26.95
CA THR N 110 -7.60 55.32 25.54
C THR N 110 -8.52 56.22 24.73
N GLU N 111 -9.65 56.63 25.34
CA GLU N 111 -10.55 57.50 24.60
C GLU N 111 -10.00 58.91 24.53
N SER N 112 -9.00 59.24 25.37
CA SER N 112 -8.31 60.51 25.21
C SER N 112 -7.69 60.62 23.83
N ILE N 113 -7.11 59.50 23.36
CA ILE N 113 -6.57 59.44 22.00
C ILE N 113 -7.66 59.67 20.98
N ALA N 114 -8.85 59.12 21.23
CA ALA N 114 -10.00 59.34 20.36
C ALA N 114 -10.34 60.82 20.26
N LEU N 115 -10.39 61.49 21.42
CA LEU N 115 -10.75 62.91 21.38
C LEU N 115 -9.62 63.73 20.77
N PHE N 116 -8.38 63.23 20.89
CA PHE N 116 -7.24 63.85 20.20
C PHE N 116 -7.49 63.88 18.71
N SER N 117 -7.87 62.73 18.14
CA SER N 117 -8.18 62.66 16.72
C SER N 117 -9.37 63.54 16.39
N LEU N 118 -10.37 63.56 17.30
CA LEU N 118 -11.57 64.35 17.03
C LEU N 118 -11.26 65.83 17.11
N LEU N 119 -10.31 66.21 17.98
CA LEU N 119 -9.84 67.58 18.04
C LEU N 119 -9.27 68.01 16.71
N VAL N 120 -8.50 67.13 16.07
CA VAL N 120 -7.90 67.47 14.78
C VAL N 120 -8.99 67.63 13.73
N VAL N 121 -10.06 66.82 13.82
CA VAL N 121 -11.18 66.96 12.89
C VAL N 121 -11.81 68.35 13.02
N PHE N 122 -11.97 68.83 14.26
CA PHE N 122 -12.54 70.15 14.43
C PHE N 122 -11.55 71.22 14.00
N LEU N 123 -10.25 70.95 14.17
CA LEU N 123 -9.23 71.89 13.73
C LEU N 123 -9.13 71.92 12.21
N ILE N 124 -9.65 70.89 11.54
CA ILE N 124 -9.72 70.95 10.09
C ILE N 124 -11.07 71.52 9.66
N LEU N 125 -12.13 71.20 10.40
CA LEU N 125 -13.47 71.56 9.93
C LEU N 125 -13.80 73.01 10.23
N PHE N 126 -13.56 73.44 11.47
CA PHE N 126 -13.99 74.76 11.91
C PHE N 126 -12.84 75.60 12.46
N ALA N 127 -11.63 75.37 11.98
CA ALA N 127 -10.48 76.16 12.39
C ALA N 127 -9.43 76.22 11.29
N SER O 54 -19.90 70.21 -8.26
CA SER O 54 -18.96 71.09 -7.58
C SER O 54 -17.81 70.30 -6.98
N VAL O 55 -16.72 70.98 -6.65
CA VAL O 55 -15.59 70.32 -6.01
C VAL O 55 -15.91 70.05 -4.54
N LEU O 56 -16.78 70.87 -3.95
CA LEU O 56 -17.06 70.78 -2.52
C LEU O 56 -17.87 69.55 -2.18
N ALA O 57 -18.99 69.32 -2.89
CA ALA O 57 -19.82 68.16 -2.61
C ALA O 57 -19.12 66.86 -3.02
N ALA O 58 -18.28 66.93 -4.05
CA ALA O 58 -17.49 65.78 -4.47
C ALA O 58 -16.49 65.39 -3.38
N SER O 59 -15.84 66.42 -2.82
CA SER O 59 -14.86 66.28 -1.71
C SER O 59 -15.61 65.79 -0.46
N LYS O 60 -16.89 66.13 -0.34
CA LYS O 60 -17.71 65.68 0.77
C LYS O 60 -17.95 64.18 0.69
N MET O 61 -18.17 63.65 -0.51
CA MET O 61 -18.32 62.20 -0.66
C MET O 61 -17.01 61.47 -0.37
N VAL O 62 -15.88 62.01 -0.86
CA VAL O 62 -14.58 61.38 -0.58
C VAL O 62 -14.25 61.42 0.91
N GLY O 63 -14.52 62.55 1.56
CA GLY O 63 -14.23 62.66 2.98
C GLY O 63 -15.18 61.82 3.83
N ALA O 64 -16.40 61.59 3.33
CA ALA O 64 -17.32 60.71 4.04
C ALA O 64 -16.86 59.26 4.00
N GLY O 65 -16.36 58.81 2.83
CA GLY O 65 -15.82 57.46 2.75
C GLY O 65 -14.58 57.27 3.59
N CYS O 66 -13.65 58.23 3.53
CA CYS O 66 -12.46 58.17 4.38
C CYS O 66 -12.82 58.33 5.85
N ALA O 67 -13.95 58.95 6.15
CA ALA O 67 -14.39 59.06 7.53
C ALA O 67 -14.92 57.73 8.06
N THR O 68 -15.72 57.03 7.26
CA THR O 68 -16.28 55.77 7.74
C THR O 68 -15.34 54.59 7.53
N ILE O 69 -14.09 54.86 7.11
CA ILE O 69 -13.02 53.86 7.22
C ILE O 69 -12.89 53.31 8.65
N ALA O 70 -13.11 54.17 9.67
CA ALA O 70 -12.79 53.83 11.06
C ALA O 70 -13.68 52.72 11.65
N LEU O 71 -14.77 52.36 10.97
CA LEU O 71 -15.62 51.29 11.45
C LEU O 71 -14.92 49.92 11.35
N ALA O 72 -13.85 49.82 10.56
CA ALA O 72 -13.07 48.59 10.46
C ALA O 72 -12.47 48.20 11.79
N GLY O 73 -11.69 49.11 12.39
CA GLY O 73 -11.08 48.79 13.67
C GLY O 73 -12.08 48.70 14.79
N VAL O 74 -13.19 49.43 14.68
CA VAL O 74 -14.26 49.31 15.67
C VAL O 74 -14.87 47.90 15.63
N GLY O 75 -15.17 47.40 14.43
CA GLY O 75 -15.71 46.06 14.30
C GLY O 75 -14.71 44.99 14.67
N ALA O 76 -13.42 45.25 14.43
CA ALA O 76 -12.38 44.30 14.81
C ALA O 76 -12.25 44.18 16.32
N GLY O 77 -12.27 45.31 17.03
CA GLY O 77 -12.24 45.27 18.48
C GLY O 77 -13.50 44.65 19.07
N LEU O 78 -14.65 44.90 18.44
CA LEU O 78 -15.90 44.30 18.89
C LEU O 78 -15.90 42.78 18.68
N GLY O 79 -15.35 42.32 17.57
CA GLY O 79 -15.22 40.89 17.35
C GLY O 79 -14.25 40.23 18.31
N VAL O 80 -13.17 40.94 18.66
CA VAL O 80 -12.21 40.44 19.64
C VAL O 80 -12.88 40.31 21.00
N MET O 81 -13.68 41.31 21.37
CA MET O 81 -14.36 41.31 22.66
C MET O 81 -15.41 40.19 22.75
N PHE O 82 -16.13 39.94 21.65
CA PHE O 82 -17.13 38.88 21.69
C PHE O 82 -16.50 37.50 21.63
N GLY O 83 -15.36 37.37 20.96
CA GLY O 83 -14.61 36.13 21.03
C GLY O 83 -14.09 35.84 22.43
N SER O 84 -13.65 36.89 23.13
CA SER O 84 -13.22 36.69 24.51
C SER O 84 -14.41 36.44 25.43
N LEU O 85 -15.60 36.93 25.04
CA LEU O 85 -16.82 36.56 25.76
C LEU O 85 -17.09 35.06 25.65
N ILE O 86 -16.94 34.50 24.46
CA ILE O 86 -17.09 33.05 24.28
C ILE O 86 -16.04 32.29 25.08
N ASN O 87 -14.79 32.77 25.06
CA ASN O 87 -13.72 32.11 25.80
C ASN O 87 -13.94 32.17 27.31
N GLY O 88 -14.44 33.30 27.80
CA GLY O 88 -14.71 33.41 29.23
C GLY O 88 -15.91 32.61 29.66
N ALA O 89 -16.92 32.51 28.80
CA ALA O 89 -18.08 31.69 29.12
C ALA O 89 -17.74 30.21 29.08
N ALA O 90 -16.79 29.82 28.23
CA ALA O 90 -16.37 28.42 28.21
C ALA O 90 -15.43 28.09 29.35
N ARG O 91 -14.65 29.07 29.81
CA ARG O 91 -13.72 28.81 30.90
C ARG O 91 -14.44 28.68 32.23
N ASN O 92 -15.41 29.55 32.48
CA ASN O 92 -16.16 29.53 33.74
C ASN O 92 -17.60 29.96 33.49
N PRO O 93 -18.49 29.02 33.18
CA PRO O 93 -19.88 29.40 32.84
C PRO O 93 -20.74 29.79 34.01
N ASN O 94 -20.29 29.58 35.26
CA ASN O 94 -21.14 29.86 36.41
C ASN O 94 -21.29 31.36 36.65
N ILE O 95 -20.51 32.18 35.96
CA ILE O 95 -20.68 33.62 35.98
C ILE O 95 -20.99 34.15 34.59
N ALA O 96 -21.41 33.28 33.66
CA ALA O 96 -21.47 33.62 32.24
C ALA O 96 -22.43 34.76 31.95
N LYS O 97 -23.58 34.75 32.65
CA LYS O 97 -24.57 35.82 32.51
C LYS O 97 -23.95 37.16 32.88
N GLN O 98 -23.17 37.18 33.97
CA GLN O 98 -22.45 38.37 34.38
C GLN O 98 -21.46 38.81 33.30
N LEU O 99 -20.77 37.84 32.70
CA LEU O 99 -19.82 38.13 31.63
C LEU O 99 -20.52 38.75 30.44
N VAL O 100 -21.73 38.26 30.12
CA VAL O 100 -22.50 38.80 29.01
C VAL O 100 -22.83 40.26 29.28
N GLY O 101 -23.15 40.58 30.54
CA GLY O 101 -23.39 41.96 30.91
C GLY O 101 -22.16 42.82 30.72
N TYR O 102 -20.99 42.30 31.10
CA TYR O 102 -19.74 43.02 30.88
C TYR O 102 -19.50 43.22 29.40
N ALA O 103 -19.79 42.18 28.60
CA ALA O 103 -19.59 42.26 27.16
C ALA O 103 -20.45 43.36 26.56
N LEU O 104 -21.72 43.40 26.95
CA LEU O 104 -22.64 44.40 26.42
C LEU O 104 -22.21 45.78 26.86
N LEU O 105 -21.67 45.88 28.09
CA LEU O 105 -21.12 47.14 28.58
C LEU O 105 -19.99 47.61 27.68
N GLY O 106 -19.05 46.72 27.41
CA GLY O 106 -17.94 47.04 26.53
C GLY O 106 -18.41 47.34 25.13
N PHE O 107 -19.45 46.58 24.69
CA PHE O 107 -20.02 46.76 23.36
C PHE O 107 -20.52 48.16 23.17
N ALA O 108 -21.32 48.64 24.14
CA ALA O 108 -21.90 49.98 24.05
C ALA O 108 -20.79 51.02 24.04
N LEU O 109 -19.77 50.81 24.87
CA LEU O 109 -18.72 51.80 24.98
C LEU O 109 -17.89 51.81 23.71
N THR O 110 -17.66 50.63 23.12
CA THR O 110 -16.84 50.62 21.92
C THR O 110 -17.63 51.16 20.74
N GLU O 111 -18.95 50.92 20.78
CA GLU O 111 -19.85 51.44 19.72
C GLU O 111 -19.75 52.97 19.74
N SER O 112 -19.61 53.56 20.93
CA SER O 112 -19.56 55.02 21.03
C SER O 112 -18.54 55.57 20.05
N ILE O 113 -17.39 54.88 19.93
CA ILE O 113 -16.37 55.25 18.95
C ILE O 113 -16.92 55.16 17.55
N ALA O 114 -17.75 54.13 17.28
CA ALA O 114 -18.39 53.97 15.98
C ALA O 114 -19.28 55.17 15.67
N LEU O 115 -20.09 55.58 16.65
CA LEU O 115 -20.98 56.71 16.39
C LEU O 115 -20.19 58.00 16.28
N PHE O 116 -19.03 58.06 16.95
CA PHE O 116 -18.12 59.18 16.80
C PHE O 116 -17.71 59.34 15.34
N SER O 117 -17.28 58.22 14.73
CA SER O 117 -16.91 58.24 13.32
C SER O 117 -18.11 58.57 12.46
N LEU O 118 -19.28 58.04 12.84
CA LEU O 118 -20.49 58.29 12.05
C LEU O 118 -20.91 59.73 12.16
N LEU O 119 -20.68 60.33 13.34
CA LEU O 119 -20.94 61.76 13.52
C LEU O 119 -20.13 62.59 12.55
N VAL O 120 -18.86 62.21 12.35
CA VAL O 120 -17.99 62.94 11.44
C VAL O 120 -18.51 62.79 10.01
N VAL O 121 -19.04 61.61 9.67
CA VAL O 121 -19.62 61.41 8.34
C VAL O 121 -20.78 62.35 8.10
N PHE O 122 -21.63 62.54 9.12
CA PHE O 122 -22.73 63.46 8.95
C PHE O 122 -22.24 64.90 8.94
N LEU O 123 -21.15 65.18 9.67
CA LEU O 123 -20.57 66.51 9.66
C LEU O 123 -19.89 66.81 8.34
N ILE O 124 -19.55 65.76 7.57
CA ILE O 124 -19.05 66.00 6.23
C ILE O 124 -20.20 66.01 5.23
N LEU O 125 -21.21 65.17 5.45
CA LEU O 125 -22.23 65.00 4.43
C LEU O 125 -23.27 66.10 4.48
N PHE O 126 -23.78 66.42 5.67
CA PHE O 126 -24.89 67.35 5.80
C PHE O 126 -24.56 68.50 6.75
N ALA O 127 -23.29 68.88 6.86
CA ALA O 127 -22.90 70.02 7.69
C ALA O 127 -21.63 70.67 7.15
N SER P 54 -19.86 63.49 -14.68
CA SER P 54 -19.75 64.58 -13.72
C SER P 54 -18.71 64.26 -12.65
N VAL P 55 -18.25 65.28 -11.94
CA VAL P 55 -17.29 65.07 -10.86
C VAL P 55 -18.01 64.49 -9.64
N LEU P 56 -19.30 64.78 -9.51
CA LEU P 56 -20.06 64.39 -8.31
C LEU P 56 -20.33 62.90 -8.28
N ALA P 57 -20.85 62.33 -9.37
CA ALA P 57 -21.13 60.90 -9.40
C ALA P 57 -19.84 60.08 -9.43
N ALA P 58 -18.79 60.64 -10.01
CA ALA P 58 -17.49 59.98 -10.01
C ALA P 58 -16.93 59.89 -8.59
N SER P 59 -16.99 61.00 -7.85
CA SER P 59 -16.57 60.97 -6.47
C SER P 59 -17.52 60.15 -5.60
N LYS P 60 -18.77 59.98 -6.03
CA LYS P 60 -19.67 59.07 -5.33
C LYS P 60 -19.19 57.64 -5.42
N MET P 61 -18.67 57.24 -6.59
CA MET P 61 -18.10 55.89 -6.72
C MET P 61 -16.84 55.73 -5.87
N VAL P 62 -15.97 56.74 -5.88
CA VAL P 62 -14.75 56.68 -5.06
C VAL P 62 -15.09 56.64 -3.57
N GLY P 63 -16.04 57.46 -3.14
CA GLY P 63 -16.42 57.48 -1.74
C GLY P 63 -17.16 56.23 -1.32
N ALA P 64 -17.85 55.58 -2.26
CA ALA P 64 -18.50 54.31 -1.95
C ALA P 64 -17.48 53.20 -1.73
N GLY P 65 -16.44 53.16 -2.56
CA GLY P 65 -15.38 52.18 -2.35
C GLY P 65 -14.61 52.40 -1.05
N CYS P 66 -14.25 53.67 -0.78
CA CYS P 66 -13.59 53.99 0.49
C CYS P 66 -14.52 53.77 1.68
N ALA P 67 -15.83 53.82 1.44
CA ALA P 67 -16.78 53.55 2.51
C ALA P 67 -16.84 52.07 2.85
N THR P 68 -16.87 51.22 1.83
CA THR P 68 -16.98 49.78 2.09
C THR P 68 -15.62 49.14 2.35
N ILE P 69 -14.56 49.95 2.47
CA ILE P 69 -13.30 49.47 3.06
C ILE P 69 -13.52 48.84 4.44
N ALA P 70 -14.47 49.38 5.23
CA ALA P 70 -14.61 49.01 6.65
C ALA P 70 -15.08 47.57 6.88
N LEU P 71 -15.55 46.89 5.83
CA LEU P 71 -15.96 45.51 5.96
C LEU P 71 -14.78 44.58 6.23
N ALA P 72 -13.56 45.04 5.95
CA ALA P 72 -12.35 44.26 6.25
C ALA P 72 -12.22 43.98 7.73
N GLY P 73 -12.20 45.03 8.55
CA GLY P 73 -12.07 44.83 9.98
C GLY P 73 -13.29 44.18 10.60
N VAL P 74 -14.47 44.39 10.00
CA VAL P 74 -15.67 43.70 10.47
C VAL P 74 -15.55 42.19 10.25
N GLY P 75 -15.10 41.79 9.05
CA GLY P 75 -14.91 40.37 8.79
C GLY P 75 -13.77 39.76 9.58
N ALA P 76 -12.75 40.57 9.89
CA ALA P 76 -11.64 40.09 10.71
C ALA P 76 -12.08 39.83 12.14
N GLY P 77 -12.86 40.74 12.72
CA GLY P 77 -13.39 40.50 14.05
C GLY P 77 -14.38 39.36 14.10
N LEU P 78 -15.17 39.20 13.04
CA LEU P 78 -16.11 38.08 12.97
C LEU P 78 -15.37 36.74 12.86
N GLY P 79 -14.28 36.70 12.09
CA GLY P 79 -13.49 35.49 12.02
C GLY P 79 -12.78 35.18 13.32
N VAL P 80 -12.34 36.21 14.05
CA VAL P 80 -11.73 36.01 15.36
C VAL P 80 -12.76 35.44 16.34
N MET P 81 -13.99 35.95 16.29
CA MET P 81 -15.04 35.49 17.18
C MET P 81 -15.45 34.05 16.88
N PHE P 82 -15.49 33.68 15.59
CA PHE P 82 -15.87 32.31 15.28
C PHE P 82 -14.73 31.33 15.56
N GLY P 83 -13.49 31.78 15.41
CA GLY P 83 -12.37 30.95 15.85
C GLY P 83 -12.37 30.72 17.36
N SER P 84 -12.74 31.75 18.12
CA SER P 84 -12.86 31.55 19.56
C SER P 84 -14.08 30.71 19.92
N LEU P 85 -15.10 30.71 19.06
CA LEU P 85 -16.21 29.78 19.22
C LEU P 85 -15.75 28.34 19.09
N ILE P 86 -14.90 28.06 18.09
CA ILE P 86 -14.33 26.72 17.94
C ILE P 86 -13.46 26.35 19.14
N ASN P 87 -12.66 27.30 19.62
CA ASN P 87 -11.78 27.04 20.76
C ASN P 87 -12.59 26.80 22.04
N GLY P 88 -13.67 27.54 22.23
CA GLY P 88 -14.49 27.34 23.40
C GLY P 88 -15.31 26.07 23.34
N ALA P 89 -15.74 25.67 22.14
CA ALA P 89 -16.45 24.41 22.00
C ALA P 89 -15.53 23.23 22.18
N ALA P 90 -14.24 23.38 21.82
CA ALA P 90 -13.30 22.30 22.04
C ALA P 90 -12.84 22.23 23.48
N ARG P 91 -12.81 23.37 24.18
CA ARG P 91 -12.37 23.37 25.57
C ARG P 91 -13.42 22.77 26.48
N ASN P 92 -14.69 23.12 26.27
CA ASN P 92 -15.78 22.62 27.10
C ASN P 92 -17.04 22.45 26.26
N PRO P 93 -17.23 21.27 25.65
CA PRO P 93 -18.38 21.09 24.75
C PRO P 93 -19.72 20.94 25.45
N ASN P 94 -19.75 20.76 26.77
CA ASN P 94 -21.02 20.50 27.45
C ASN P 94 -21.87 21.75 27.55
N ILE P 95 -21.33 22.91 27.19
CA ILE P 95 -22.09 24.14 27.06
C ILE P 95 -22.02 24.69 25.64
N ALA P 96 -21.63 23.85 24.68
CA ALA P 96 -21.26 24.32 23.34
C ALA P 96 -22.42 24.99 22.62
N LYS P 97 -23.63 24.42 22.78
CA LYS P 97 -24.83 25.00 22.20
C LYS P 97 -25.06 26.41 22.72
N GLN P 98 -24.87 26.60 24.04
CA GLN P 98 -24.95 27.92 24.64
C GLN P 98 -23.91 28.86 24.05
N LEU P 99 -22.69 28.35 23.83
CA LEU P 99 -21.63 29.16 23.24
C LEU P 99 -21.99 29.59 21.83
N VAL P 100 -22.65 28.69 21.08
CA VAL P 100 -23.08 29.01 19.72
C VAL P 100 -24.07 30.16 19.76
N GLY P 101 -24.96 30.13 20.76
CA GLY P 101 -25.90 31.23 20.93
C GLY P 101 -25.20 32.54 21.21
N TYR P 102 -24.17 32.50 22.06
CA TYR P 102 -23.37 33.69 22.34
C TYR P 102 -22.69 34.18 21.09
N ALA P 103 -22.17 33.24 20.29
CA ALA P 103 -21.47 33.58 19.06
C ALA P 103 -22.39 34.29 18.11
N LEU P 104 -23.61 33.75 17.94
CA LEU P 104 -24.57 34.36 17.03
C LEU P 104 -25.00 35.72 17.53
N LEU P 105 -25.08 35.86 18.87
CA LEU P 105 -25.38 37.16 19.48
C LEU P 105 -24.31 38.17 19.10
N GLY P 106 -23.04 37.78 19.30
CA GLY P 106 -21.94 38.66 18.94
C GLY P 106 -21.91 38.91 17.44
N PHE P 107 -22.25 37.88 16.66
CA PHE P 107 -22.26 37.98 15.20
C PHE P 107 -23.21 39.07 14.76
N ALA P 108 -24.44 39.03 15.28
CA ALA P 108 -25.45 40.01 14.89
C ALA P 108 -25.00 41.40 15.29
N LEU P 109 -24.41 41.52 16.48
CA LEU P 109 -24.02 42.83 16.96
C LEU P 109 -22.85 43.37 16.15
N THR P 110 -21.93 42.47 15.76
CA THR P 110 -20.78 42.97 15.02
C THR P 110 -21.20 43.28 13.59
N GLU P 111 -22.18 42.53 13.09
CA GLU P 111 -22.72 42.77 11.73
C GLU P 111 -23.30 44.17 11.71
N SER P 112 -23.92 44.61 12.81
CA SER P 112 -24.53 45.93 12.86
C SER P 112 -23.56 46.99 12.36
N ILE P 113 -22.29 46.86 12.76
CA ILE P 113 -21.23 47.75 12.28
C ILE P 113 -21.09 47.63 10.77
N ALA P 114 -21.21 46.39 10.25
CA ALA P 114 -21.15 46.16 8.81
C ALA P 114 -22.26 46.91 8.10
N LEU P 115 -23.50 46.82 8.63
CA LEU P 115 -24.60 47.51 7.96
C LEU P 115 -24.47 49.01 8.13
N PHE P 116 -23.82 49.45 9.22
CA PHE P 116 -23.50 50.86 9.39
C PHE P 116 -22.66 51.36 8.23
N SER P 117 -21.59 50.62 7.91
CA SER P 117 -20.75 50.98 6.79
C SER P 117 -21.53 50.91 5.49
N LEU P 118 -22.40 49.90 5.37
CA LEU P 118 -23.16 49.73 4.14
C LEU P 118 -24.19 50.84 4.00
N LEU P 119 -24.72 51.32 5.13
CA LEU P 119 -25.62 52.47 5.12
C LEU P 119 -24.93 53.68 4.53
N VAL P 120 -23.66 53.89 4.90
CA VAL P 120 -22.92 55.03 4.38
C VAL P 120 -22.71 54.88 2.88
N VAL P 121 -22.50 53.64 2.41
CA VAL P 121 -22.36 53.40 0.98
C VAL P 121 -23.61 53.82 0.24
N PHE P 122 -24.78 53.49 0.80
CA PHE P 122 -26.02 53.89 0.15
C PHE P 122 -26.23 55.39 0.27
N LEU P 123 -25.75 55.98 1.37
CA LEU P 123 -25.85 57.42 1.53
C LEU P 123 -24.90 58.15 0.59
N ILE P 124 -23.89 57.46 0.08
CA ILE P 124 -23.05 58.07 -0.94
C ILE P 124 -23.59 57.73 -2.32
N LEU P 125 -24.14 56.53 -2.50
CA LEU P 125 -24.49 56.09 -3.84
C LEU P 125 -25.83 56.66 -4.29
N PHE P 126 -26.85 56.58 -3.42
CA PHE P 126 -28.21 56.94 -3.81
C PHE P 126 -28.81 57.97 -2.87
N ALA P 127 -27.99 58.83 -2.27
CA ALA P 127 -28.48 59.90 -1.41
C ALA P 127 -27.52 61.08 -1.41
N SER Q 54 -14.08 58.54 -20.11
CA SER Q 54 -14.85 59.43 -19.26
C SER Q 54 -14.31 59.42 -17.83
N VAL Q 55 -14.68 60.43 -17.05
CA VAL Q 55 -14.25 60.48 -15.65
C VAL Q 55 -15.07 59.48 -14.83
N LEU Q 56 -16.30 59.19 -15.27
CA LEU Q 56 -17.21 58.36 -14.50
C LEU Q 56 -16.79 56.90 -14.50
N ALA Q 57 -16.51 56.33 -15.67
CA ALA Q 57 -16.11 54.94 -15.74
C ALA Q 57 -14.70 54.73 -15.17
N ALA Q 58 -13.86 55.76 -15.28
CA ALA Q 58 -12.53 55.71 -14.68
C ALA Q 58 -12.62 55.66 -13.16
N SER Q 59 -13.45 56.53 -12.57
CA SER Q 59 -13.67 56.47 -11.14
C SER Q 59 -14.43 55.23 -10.73
N LYS Q 60 -15.18 54.61 -11.64
CA LYS Q 60 -15.79 53.32 -11.35
C LYS Q 60 -14.74 52.25 -11.14
N MET Q 61 -13.67 52.27 -11.95
CA MET Q 61 -12.58 51.32 -11.74
C MET Q 61 -11.84 51.57 -10.44
N VAL Q 62 -11.58 52.85 -10.12
CA VAL Q 62 -10.91 53.19 -8.86
C VAL Q 62 -11.76 52.80 -7.66
N GLY Q 63 -13.06 53.08 -7.73
CA GLY Q 63 -13.94 52.74 -6.62
C GLY Q 63 -14.16 51.25 -6.49
N ALA Q 64 -14.06 50.50 -7.59
CA ALA Q 64 -14.15 49.05 -7.53
C ALA Q 64 -12.93 48.46 -6.83
N GLY Q 65 -11.74 48.97 -7.12
CA GLY Q 65 -10.55 48.50 -6.43
C GLY Q 65 -10.56 48.83 -4.94
N CYS Q 66 -10.93 50.08 -4.62
CA CYS Q 66 -11.06 50.46 -3.21
C CYS Q 66 -12.19 49.72 -2.52
N ALA Q 67 -13.17 49.24 -3.30
CA ALA Q 67 -14.25 48.46 -2.72
C ALA Q 67 -13.79 47.06 -2.37
N THR Q 68 -13.03 46.42 -3.25
CA THR Q 68 -12.59 45.05 -2.98
C THR Q 68 -11.33 45.00 -2.13
N ILE Q 69 -10.87 46.16 -1.62
CA ILE Q 69 -9.90 46.17 -0.51
C ILE Q 69 -10.36 45.31 0.67
N ALA Q 70 -11.67 45.29 0.96
CA ALA Q 70 -12.21 44.70 2.19
C ALA Q 70 -12.05 43.18 2.28
N LEU Q 71 -11.70 42.53 1.16
CA LEU Q 71 -11.48 41.08 1.19
C LEU Q 71 -10.23 40.71 1.98
N ALA Q 72 -9.34 41.67 2.23
CA ALA Q 72 -8.16 41.43 3.05
C ALA Q 72 -8.52 41.03 4.47
N GLY Q 73 -9.31 41.86 5.15
CA GLY Q 73 -9.69 41.53 6.51
C GLY Q 73 -10.64 40.34 6.59
N VAL Q 74 -11.43 40.13 5.53
CA VAL Q 74 -12.29 38.94 5.48
C VAL Q 74 -11.44 37.68 5.42
N GLY Q 75 -10.42 37.66 4.55
CA GLY Q 75 -9.54 36.51 4.47
C GLY Q 75 -8.69 36.33 5.71
N ALA Q 76 -8.34 37.44 6.38
CA ALA Q 76 -7.58 37.35 7.62
C ALA Q 76 -8.40 36.72 8.73
N GLY Q 77 -9.66 37.14 8.88
CA GLY Q 77 -10.52 36.52 9.86
C GLY Q 77 -10.83 35.07 9.55
N LEU Q 78 -10.97 34.74 8.27
CA LEU Q 78 -11.20 33.37 7.87
C LEU Q 78 -9.98 32.48 8.15
N GLY Q 79 -8.78 33.02 7.92
CA GLY Q 79 -7.58 32.27 8.27
C GLY Q 79 -7.41 32.09 9.76
N VAL Q 80 -7.80 33.10 10.54
CA VAL Q 80 -7.77 32.99 12.01
C VAL Q 80 -8.73 31.91 12.48
N MET Q 81 -9.93 31.87 11.88
CA MET Q 81 -10.94 30.89 12.26
C MET Q 81 -10.50 29.47 11.89
N PHE Q 82 -9.86 29.29 10.75
CA PHE Q 82 -9.43 27.95 10.37
C PHE Q 82 -8.21 27.51 11.16
N GLY Q 83 -7.34 28.45 11.54
CA GLY Q 83 -6.28 28.11 12.46
C GLY Q 83 -6.78 27.69 13.83
N SER Q 84 -7.83 28.35 14.30
CA SER Q 84 -8.43 27.92 15.56
C SER Q 84 -9.18 26.61 15.41
N LEU Q 85 -9.66 26.31 14.20
CA LEU Q 85 -10.20 24.99 13.92
C LEU Q 85 -9.15 23.90 14.08
N ILE Q 86 -7.95 24.14 13.56
CA ILE Q 86 -6.84 23.20 13.73
C ILE Q 86 -6.47 23.06 15.21
N ASN Q 87 -6.43 24.18 15.94
CA ASN Q 87 -6.08 24.15 17.35
C ASN Q 87 -7.14 23.42 18.18
N GLY Q 88 -8.41 23.61 17.85
CA GLY Q 88 -9.47 22.92 18.57
C GLY Q 88 -9.54 21.44 18.24
N ALA Q 89 -9.22 21.08 16.99
CA ALA Q 89 -9.19 19.67 16.63
C ALA Q 89 -7.99 18.97 17.25
N ALA Q 90 -6.89 19.69 17.47
CA ALA Q 90 -5.74 19.08 18.13
C ALA Q 90 -5.93 19.01 19.63
N ARG Q 91 -6.70 19.94 20.20
CA ARG Q 91 -6.90 19.93 21.65
C ARG Q 91 -7.86 18.82 22.06
N ASN Q 92 -8.94 18.64 21.31
CA ASN Q 92 -9.93 17.62 21.63
C ASN Q 92 -10.53 17.06 20.33
N PRO Q 93 -9.93 16.01 19.77
CA PRO Q 93 -10.41 15.50 18.47
C PRO Q 93 -11.69 14.69 18.53
N ASN Q 94 -12.18 14.34 19.72
CA ASN Q 94 -13.36 13.48 19.82
C ASN Q 94 -14.63 14.23 19.47
N ILE Q 95 -14.56 15.56 19.31
CA ILE Q 95 -15.66 16.35 18.80
C ILE Q 95 -15.26 17.07 17.52
N ALA Q 96 -14.18 16.63 16.86
CA ALA Q 96 -13.54 17.39 15.79
C ALA Q 96 -14.48 17.61 14.61
N LYS Q 97 -15.26 16.58 14.26
CA LYS Q 97 -16.24 16.67 13.19
C LYS Q 97 -17.26 17.77 13.49
N GLN Q 98 -17.71 17.83 14.74
CA GLN Q 98 -18.61 18.90 15.19
C GLN Q 98 -17.95 20.26 15.05
N LEU Q 99 -16.66 20.34 15.40
CA LEU Q 99 -15.91 21.59 15.28
C LEU Q 99 -15.83 22.03 13.83
N VAL Q 100 -15.64 21.06 12.91
CA VAL Q 100 -15.58 21.36 11.48
C VAL Q 100 -16.90 21.98 11.03
N GLY Q 101 -18.01 21.44 11.55
CA GLY Q 101 -19.31 22.01 11.25
C GLY Q 101 -19.44 23.44 11.72
N TYR Q 102 -18.94 23.71 12.95
CA TYR Q 102 -18.93 25.07 13.47
C TYR Q 102 -18.08 25.97 12.60
N ALA Q 103 -16.93 25.44 12.16
CA ALA Q 103 -16.02 26.23 11.33
C ALA Q 103 -16.69 26.62 10.02
N LEU Q 104 -17.36 25.65 9.39
CA LEU Q 104 -18.03 25.92 8.12
C LEU Q 104 -19.17 26.89 8.33
N LEU Q 105 -19.84 26.80 9.48
CA LEU Q 105 -20.88 27.75 9.83
C LEU Q 105 -20.32 29.15 9.89
N GLY Q 106 -19.21 29.32 10.63
CA GLY Q 106 -18.57 30.61 10.72
C GLY Q 106 -18.05 31.06 9.38
N PHE Q 107 -17.55 30.10 8.58
CA PHE Q 107 -17.01 30.39 7.26
C PHE Q 107 -18.06 31.03 6.38
N ALA Q 108 -19.25 30.42 6.33
CA ALA Q 108 -20.33 30.93 5.51
C ALA Q 108 -20.74 32.32 5.97
N LEU Q 109 -20.79 32.50 7.30
CA LEU Q 109 -21.25 33.77 7.83
C LEU Q 109 -20.22 34.85 7.57
N THR Q 110 -18.93 34.49 7.66
CA THR Q 110 -17.92 35.52 7.44
C THR Q 110 -17.82 35.83 5.96
N GLU Q 111 -18.09 34.83 5.10
CA GLU Q 111 -18.02 35.09 3.67
C GLU Q 111 -19.20 35.91 3.21
N SER Q 112 -20.26 36.00 4.03
CA SER Q 112 -21.35 36.91 3.73
C SER Q 112 -20.83 38.34 3.63
N ILE Q 113 -19.91 38.70 4.54
CA ILE Q 113 -19.26 40.00 4.51
C ILE Q 113 -18.48 40.16 3.22
N ALA Q 114 -17.81 39.09 2.77
CA ALA Q 114 -17.09 39.12 1.51
C ALA Q 114 -18.02 39.42 0.34
N LEU Q 115 -19.18 38.75 0.30
CA LEU Q 115 -20.10 39.00 -0.80
C LEU Q 115 -20.72 40.38 -0.68
N PHE Q 116 -20.83 40.89 0.55
CA PHE Q 116 -21.27 42.27 0.77
C PHE Q 116 -20.35 43.23 0.06
N SER Q 117 -19.03 43.06 0.26
CA SER Q 117 -18.05 43.89 -0.41
C SER Q 117 -18.12 43.68 -1.92
N LEU Q 118 -18.33 42.43 -2.33
CA LEU Q 118 -18.37 42.13 -3.76
C LEU Q 118 -19.61 42.73 -4.40
N LEU Q 119 -20.71 42.78 -3.62
CA LEU Q 119 -21.93 43.43 -4.07
C LEU Q 119 -21.67 44.90 -4.39
N VAL Q 120 -20.88 45.55 -3.52
CA VAL Q 120 -20.58 46.96 -3.74
C VAL Q 120 -19.74 47.13 -4.99
N VAL Q 121 -18.84 46.17 -5.26
CA VAL Q 121 -18.03 46.22 -6.48
C VAL Q 121 -18.93 46.17 -7.71
N PHE Q 122 -19.95 45.31 -7.68
CA PHE Q 122 -20.84 45.25 -8.83
C PHE Q 122 -21.72 46.49 -8.89
N LEU Q 123 -22.04 47.06 -7.72
CA LEU Q 123 -22.82 48.29 -7.70
C LEU Q 123 -21.99 49.48 -8.18
N ILE Q 124 -20.66 49.35 -8.17
CA ILE Q 124 -19.85 50.39 -8.77
C ILE Q 124 -19.57 50.06 -10.23
N LEU Q 125 -19.42 48.78 -10.55
CA LEU Q 125 -18.97 48.43 -11.90
C LEU Q 125 -20.11 48.44 -12.89
N PHE Q 126 -21.24 47.82 -12.55
CA PHE Q 126 -22.33 47.63 -13.50
C PHE Q 126 -23.65 48.18 -12.97
N ALA Q 127 -23.60 49.21 -12.12
CA ALA Q 127 -24.82 49.83 -11.61
C ALA Q 127 -24.56 51.29 -11.26
N SER R 95 -3.06 -6.49 -30.25
CA SER R 95 -3.78 -7.64 -29.72
C SER R 95 -2.90 -8.41 -28.73
N SER R 96 -1.59 -8.16 -28.81
CA SER R 96 -0.62 -8.73 -27.89
C SER R 96 -0.21 -7.68 -26.88
N VAL R 97 -0.50 -7.92 -25.61
CA VAL R 97 -0.12 -6.97 -24.57
C VAL R 97 1.32 -7.23 -24.15
N ARG R 98 1.97 -6.19 -23.64
CA ARG R 98 3.36 -6.30 -23.25
C ARG R 98 3.49 -7.00 -21.91
N ASP R 99 4.69 -7.49 -21.63
CA ASP R 99 4.97 -8.13 -20.36
C ASP R 99 5.50 -7.11 -19.36
N VAL R 100 5.10 -7.29 -18.11
CA VAL R 100 5.44 -6.34 -17.04
C VAL R 100 6.21 -7.10 -15.98
N LYS R 101 7.26 -6.46 -15.46
CA LYS R 101 8.01 -6.94 -14.32
C LYS R 101 7.27 -6.58 -13.05
N THR R 102 7.10 -7.55 -12.15
CA THR R 102 6.53 -7.24 -10.85
C THR R 102 7.52 -6.44 -10.02
N GLY R 103 7.01 -5.49 -9.25
CA GLY R 103 7.87 -4.68 -8.42
C GLY R 103 8.56 -3.55 -9.12
N SER R 104 8.07 -3.14 -10.28
CA SER R 104 8.65 -2.02 -10.99
C SER R 104 8.37 -0.73 -10.24
N LEU R 105 9.31 0.22 -10.31
CA LEU R 105 9.15 1.53 -9.69
C LEU R 105 7.93 2.33 -10.18
N PRO R 106 7.57 2.36 -11.48
CA PRO R 106 6.31 3.03 -11.83
C PRO R 106 5.07 2.33 -11.27
N THR R 107 5.09 1.00 -11.23
CA THR R 107 3.97 0.25 -10.66
C THR R 107 3.83 0.51 -9.16
N ASN R 108 4.96 0.57 -8.45
CA ASN R 108 4.93 0.81 -7.01
C ASN R 108 4.49 2.23 -6.69
N PHE R 109 5.03 3.21 -7.43
CA PHE R 109 4.65 4.60 -7.24
C PHE R 109 3.17 4.82 -7.56
N LEU R 110 2.68 4.19 -8.61
CA LEU R 110 1.30 4.38 -9.01
C LEU R 110 0.35 3.63 -8.09
N THR R 111 0.79 2.52 -7.52
CA THR R 111 0.02 1.83 -6.50
C THR R 111 -0.13 2.70 -5.26
N GLY R 112 0.96 3.31 -4.81
CA GLY R 112 0.88 4.20 -3.66
C GLY R 112 0.04 5.43 -3.91
N VAL R 113 0.12 5.98 -5.13
CA VAL R 113 -0.66 7.16 -5.48
C VAL R 113 -2.15 6.83 -5.54
N TYR R 114 -2.50 5.71 -6.19
CA TYR R 114 -3.91 5.31 -6.27
C TYR R 114 -4.48 4.97 -4.90
N ARG R 115 -3.68 4.32 -4.05
CA ARG R 115 -4.17 3.98 -2.73
C ARG R 115 -4.25 5.21 -1.83
N PHE R 116 -3.49 6.25 -2.14
CA PHE R 116 -3.64 7.52 -1.43
C PHE R 116 -4.94 8.20 -1.83
N TRP R 117 -5.23 8.25 -3.13
CA TRP R 117 -6.44 8.97 -3.57
C TRP R 117 -7.70 8.17 -3.28
N ARG R 118 -7.59 6.86 -3.20
CA ARG R 118 -8.71 6.01 -2.80
C ARG R 118 -8.99 6.16 -1.31
N SER R 119 -7.99 6.46 -0.50
CA SER R 119 -8.17 6.61 0.94
C SER R 119 -8.76 7.96 1.33
N GLN R 120 -9.01 8.85 0.37
CA GLN R 120 -9.55 10.17 0.68
C GLN R 120 -11.02 10.08 1.04
N ASN R 121 -11.79 9.30 0.27
CA ASN R 121 -13.19 9.04 0.55
C ASN R 121 -13.35 7.57 0.88
N PRO R 122 -13.17 7.16 2.13
CA PRO R 122 -13.29 5.74 2.46
C PRO R 122 -14.74 5.31 2.54
N ALA R 123 -14.93 3.99 2.56
CA ALA R 123 -16.26 3.43 2.65
C ALA R 123 -16.74 3.45 4.09
N GLU R 124 -18.05 3.65 4.26
CA GLU R 124 -18.62 3.68 5.60
C GLU R 124 -18.72 2.28 6.17
N LYS R 125 -18.35 2.15 7.44
CA LYS R 125 -18.47 0.87 8.13
C LYS R 125 -19.95 0.58 8.39
N PRO R 126 -20.46 -0.56 7.97
CA PRO R 126 -21.89 -0.84 8.16
C PRO R 126 -22.22 -1.19 9.59
N HIS R 127 -23.52 -1.23 9.89
CA HIS R 127 -23.95 -1.55 11.25
C HIS R 127 -23.76 -3.03 11.56
N ASP R 128 -24.00 -3.88 10.58
CA ASP R 128 -23.94 -5.33 10.69
C ASP R 128 -22.51 -5.83 10.55
N PRO R 129 -22.19 -7.02 11.09
CA PRO R 129 -20.91 -7.65 10.75
C PRO R 129 -20.88 -8.09 9.31
N VAL R 130 -19.83 -7.75 8.57
CA VAL R 130 -19.75 -8.05 7.15
C VAL R 130 -19.47 -9.53 6.96
N ASN R 131 -20.44 -10.25 6.39
CA ASN R 131 -20.31 -11.65 6.04
C ASN R 131 -21.03 -11.84 4.71
N ASP R 132 -21.33 -13.09 4.37
CA ASP R 132 -21.95 -13.40 3.08
C ASP R 132 -23.37 -12.86 2.99
N ARG R 133 -24.01 -12.60 4.13
CA ARG R 133 -25.31 -11.95 4.12
C ARG R 133 -25.19 -10.48 3.72
N LEU R 134 -24.16 -9.80 4.22
CA LEU R 134 -23.96 -8.38 3.98
C LEU R 134 -23.08 -8.10 2.76
N LEU R 135 -22.48 -9.13 2.17
CA LEU R 135 -21.60 -8.93 1.02
C LEU R 135 -22.29 -8.33 -0.22
N PRO R 136 -23.52 -8.71 -0.62
CA PRO R 136 -24.11 -8.00 -1.76
C PRO R 136 -24.49 -6.56 -1.46
N ALA R 137 -24.79 -6.23 -0.21
CA ALA R 137 -25.04 -4.84 0.14
C ALA R 137 -23.74 -4.03 0.11
N VAL R 138 -22.62 -4.65 0.46
CA VAL R 138 -21.33 -3.98 0.39
C VAL R 138 -20.91 -3.76 -1.06
N VAL R 139 -21.13 -4.76 -1.91
CA VAL R 139 -20.83 -4.64 -3.33
C VAL R 139 -21.74 -3.60 -3.99
N ASP R 140 -23.01 -3.56 -3.57
CA ASP R 140 -23.93 -2.55 -4.08
C ASP R 140 -23.54 -1.15 -3.61
N ALA R 141 -23.06 -1.03 -2.38
CA ALA R 141 -22.63 0.28 -1.87
C ALA R 141 -21.37 0.75 -2.59
N SER R 142 -20.50 -0.18 -2.98
CA SER R 142 -19.36 0.18 -3.81
C SER R 142 -19.82 0.57 -5.22
N ASP R 143 -20.92 -0.01 -5.70
CA ASP R 143 -21.45 0.36 -6.99
C ASP R 143 -22.06 1.75 -6.97
N LYS R 144 -22.67 2.14 -5.84
CA LYS R 144 -23.25 3.47 -5.74
C LYS R 144 -22.18 4.55 -5.61
N ARG R 145 -21.00 4.20 -5.10
CA ARG R 145 -19.95 5.18 -4.89
C ARG R 145 -19.30 5.56 -6.21
N ALA R 146 -18.92 6.82 -6.32
CA ALA R 146 -18.22 7.29 -7.51
C ALA R 146 -16.78 6.80 -7.50
N SER R 147 -16.15 6.85 -8.67
CA SER R 147 -14.78 6.39 -8.82
C SER R 147 -13.80 7.51 -8.49
N ILE R 148 -13.88 8.06 -7.27
CA ILE R 148 -13.10 9.25 -6.94
C ILE R 148 -11.62 8.91 -6.81
N GLY R 149 -11.29 7.66 -6.49
CA GLY R 149 -9.90 7.26 -6.51
C GLY R 149 -9.30 7.30 -7.90
N THR R 150 -10.03 6.75 -8.88
CA THR R 150 -9.56 6.76 -10.26
C THR R 150 -9.55 8.17 -10.84
N TRP R 151 -10.56 8.97 -10.50
CA TRP R 151 -10.65 10.32 -11.04
C TRP R 151 -9.57 11.22 -10.43
N ALA R 152 -9.34 11.09 -9.13
CA ALA R 152 -8.31 11.88 -8.47
C ALA R 152 -6.92 11.45 -8.91
N THR R 153 -6.71 10.15 -9.17
CA THR R 153 -5.43 9.69 -9.69
C THR R 153 -5.21 10.19 -11.12
N THR R 154 -6.28 10.21 -11.92
CA THR R 154 -6.21 10.74 -13.28
C THR R 154 -5.83 12.21 -13.27
N PHE R 155 -6.51 13.01 -12.45
CA PHE R 155 -6.25 14.44 -12.41
C PHE R 155 -4.89 14.74 -11.79
N PHE R 156 -4.48 13.96 -10.79
CA PHE R 156 -3.17 14.15 -10.18
C PHE R 156 -2.05 13.87 -11.16
N CYS R 157 -2.15 12.75 -11.89
CA CYS R 157 -1.11 12.42 -12.86
C CYS R 157 -1.10 13.40 -14.02
N THR R 158 -2.29 13.74 -14.55
CA THR R 158 -2.35 14.62 -15.71
C THR R 158 -2.01 16.07 -15.37
N ILE R 159 -2.03 16.46 -14.10
CA ILE R 159 -1.67 17.82 -13.73
C ILE R 159 -0.24 17.90 -13.21
N ILE R 160 0.27 16.85 -12.56
CA ILE R 160 1.68 16.87 -12.18
C ILE R 160 2.57 16.69 -13.41
N SER R 161 2.06 16.02 -14.46
CA SER R 161 2.82 15.92 -15.69
C SER R 161 2.87 17.25 -16.42
N CYS R 162 1.73 17.93 -16.53
CA CYS R 162 1.68 19.21 -17.20
C CYS R 162 2.38 20.30 -16.40
N ASN R 163 2.42 20.16 -15.07
CA ASN R 163 3.12 21.12 -14.25
C ASN R 163 4.63 20.93 -14.33
N LEU R 164 5.09 19.68 -14.35
CA LEU R 164 6.51 19.44 -14.49
C LEU R 164 7.00 19.62 -15.92
N LEU R 165 6.08 19.71 -16.89
CA LEU R 165 6.49 20.09 -18.24
C LEU R 165 7.01 21.50 -18.30
N GLY R 166 6.49 22.39 -17.44
CA GLY R 166 6.92 23.78 -17.48
C GLY R 166 8.31 23.98 -16.90
N LEU R 167 8.79 23.01 -16.14
CA LEU R 167 10.13 23.07 -15.56
C LEU R 167 11.17 22.31 -16.37
N MET R 168 10.77 21.71 -17.47
CA MET R 168 11.75 21.11 -18.37
C MET R 168 12.28 22.17 -19.32
N PRO R 169 13.55 22.08 -19.72
CA PRO R 169 14.10 23.04 -20.67
C PRO R 169 13.43 22.95 -22.03
N PHE R 170 13.28 24.10 -22.68
CA PHE R 170 12.61 24.35 -23.95
C PHE R 170 11.11 24.07 -23.94
N ASN R 171 10.52 23.80 -22.78
CA ASN R 171 9.13 23.43 -22.72
C ASN R 171 8.35 24.39 -21.83
N GLU R 172 7.06 24.52 -22.11
CA GLU R 172 6.16 25.32 -21.31
C GLU R 172 5.09 24.40 -20.72
N ALA R 173 4.50 24.84 -19.62
CA ALA R 173 3.43 24.07 -19.02
C ALA R 173 2.14 24.27 -19.82
N PRO R 174 1.43 23.19 -20.15
CA PRO R 174 0.09 23.36 -20.73
C PRO R 174 -0.89 23.96 -19.74
N THR R 175 -0.63 23.74 -18.44
CA THR R 175 -1.48 24.26 -17.38
C THR R 175 -1.30 25.78 -17.22
N SER R 176 -0.17 26.32 -17.68
CA SER R 176 0.04 27.76 -17.64
C SER R 176 -0.86 28.48 -18.64
N GLY R 177 -1.43 27.76 -19.60
CA GLY R 177 -2.50 28.32 -20.39
C GLY R 177 -3.80 28.35 -19.60
N LEU R 178 -4.63 29.34 -19.92
CA LEU R 178 -5.82 29.62 -19.11
C LEU R 178 -6.90 28.55 -19.31
N GLY R 179 -7.23 28.25 -20.58
CA GLY R 179 -8.35 27.37 -20.86
C GLY R 179 -8.10 25.93 -20.43
N PHE R 180 -6.85 25.52 -20.40
CA PHE R 180 -6.49 24.16 -20.01
C PHE R 180 -6.75 23.91 -18.53
N ALA R 181 -6.13 24.72 -17.68
CA ALA R 181 -6.27 24.54 -16.24
C ALA R 181 -7.68 24.87 -15.78
N THR R 182 -8.28 25.91 -16.36
CA THR R 182 -9.63 26.25 -15.96
C THR R 182 -10.64 25.27 -16.53
N GLY R 183 -10.30 24.60 -17.64
CA GLY R 183 -11.17 23.56 -18.15
C GLY R 183 -11.13 22.31 -17.29
N LEU R 184 -9.95 21.98 -16.76
CA LEU R 184 -9.85 20.90 -15.78
C LEU R 184 -10.66 21.22 -14.53
N GLY R 185 -10.59 22.46 -14.05
CA GLY R 185 -11.33 22.83 -12.85
C GLY R 185 -12.84 22.85 -13.05
N VAL R 186 -13.29 23.43 -14.16
CA VAL R 186 -14.72 23.46 -14.48
C VAL R 186 -15.24 22.06 -14.76
N SER R 187 -14.39 21.18 -15.30
CA SER R 187 -14.79 19.80 -15.53
C SER R 187 -14.93 19.02 -14.22
N VAL R 188 -14.06 19.29 -13.24
CA VAL R 188 -14.20 18.63 -11.94
C VAL R 188 -15.46 19.11 -11.24
N TRP R 189 -15.72 20.42 -11.28
CA TRP R 189 -16.95 20.95 -10.67
C TRP R 189 -18.19 20.42 -11.37
N ALA R 190 -18.13 20.27 -12.68
CA ALA R 190 -19.28 19.74 -13.42
C ALA R 190 -19.47 18.26 -13.16
N THR R 191 -18.37 17.53 -12.93
CA THR R 191 -18.47 16.12 -12.57
C THR R 191 -19.14 15.95 -11.21
N ALA R 192 -18.73 16.76 -10.23
CA ALA R 192 -19.35 16.73 -8.91
C ALA R 192 -20.82 17.16 -8.97
N THR R 193 -21.12 18.16 -9.80
CA THR R 193 -22.49 18.63 -9.94
C THR R 193 -23.37 17.59 -10.62
N ILE R 194 -22.83 16.92 -11.64
CA ILE R 194 -23.60 15.90 -12.36
C ILE R 194 -23.84 14.68 -11.47
N LEU R 195 -22.86 14.33 -10.64
CA LEU R 195 -23.05 13.26 -9.67
C LEU R 195 -24.13 13.62 -8.65
N GLY R 196 -24.09 14.85 -8.13
CA GLY R 196 -25.10 15.27 -7.18
C GLY R 196 -26.48 15.42 -7.78
N LEU R 197 -26.55 15.74 -9.08
CA LEU R 197 -27.84 15.80 -9.76
C LEU R 197 -28.37 14.41 -10.05
N SER R 198 -27.49 13.45 -10.29
CA SER R 198 -27.93 12.07 -10.49
C SER R 198 -28.42 11.46 -9.18
N LYS R 199 -27.89 11.93 -8.05
CA LYS R 199 -28.43 11.47 -6.77
C LYS R 199 -29.83 12.04 -6.51
N THR R 200 -30.08 13.27 -6.95
CA THR R 200 -31.30 13.96 -6.55
C THR R 200 -32.39 13.94 -7.60
N GLY R 201 -32.13 13.45 -8.81
CA GLY R 201 -33.15 13.34 -9.83
C GLY R 201 -33.04 14.28 -11.02
N PHE R 202 -31.83 14.64 -11.42
CA PHE R 202 -31.48 15.18 -12.73
C PHE R 202 -32.00 16.59 -13.02
N LYS R 203 -32.52 17.33 -12.02
CA LYS R 203 -32.83 18.74 -12.26
C LYS R 203 -32.53 19.56 -11.00
N PHE R 204 -32.31 20.86 -11.23
CA PHE R 204 -31.48 21.66 -10.33
C PHE R 204 -32.31 22.17 -9.16
N PRO R 205 -31.76 22.22 -7.94
CA PRO R 205 -32.48 22.73 -6.78
C PRO R 205 -32.55 24.26 -6.75
N PHE R 219 -34.34 32.63 2.19
CA PHE R 219 -34.59 33.79 1.35
C PHE R 219 -33.34 34.14 0.55
N ILE R 220 -32.40 34.84 1.20
CA ILE R 220 -31.13 35.17 0.57
C ILE R 220 -30.07 34.11 0.79
N PHE R 221 -30.33 33.11 1.62
CA PHE R 221 -29.33 32.08 1.91
C PHE R 221 -29.07 31.18 0.70
N VAL R 222 -30.12 30.88 -0.06
CA VAL R 222 -30.05 30.03 -1.25
C VAL R 222 -29.19 30.70 -2.32
N PRO R 223 -29.37 32.04 -2.68
CA PRO R 223 -28.38 32.67 -3.58
C PRO R 223 -26.95 32.68 -3.06
N LEU R 224 -26.73 32.97 -1.76
CA LEU R 224 -25.35 33.07 -1.24
C LEU R 224 -24.61 31.74 -1.35
N GLU R 225 -25.26 30.66 -0.91
CA GLU R 225 -24.58 29.36 -0.96
C GLU R 225 -24.49 28.85 -2.40
N THR R 226 -25.40 29.27 -3.28
CA THR R 226 -25.27 28.86 -4.68
C THR R 226 -24.14 29.62 -5.38
N ILE R 227 -23.93 30.90 -5.02
CA ILE R 227 -22.78 31.65 -5.54
C ILE R 227 -21.47 31.03 -5.05
N SER R 228 -21.40 30.68 -3.76
CA SER R 228 -20.15 30.11 -3.25
C SER R 228 -19.94 28.68 -3.73
N TYR R 229 -21.01 27.99 -4.15
CA TYR R 229 -20.83 26.68 -4.76
C TYR R 229 -20.39 26.79 -6.21
N THR R 230 -21.00 27.71 -6.96
CA THR R 230 -20.63 27.92 -8.36
C THR R 230 -19.24 28.51 -8.47
N PHE R 231 -18.76 29.18 -7.42
CA PHE R 231 -17.40 29.70 -7.45
C PHE R 231 -16.35 28.59 -7.38
N ARG R 232 -16.72 27.37 -7.00
CA ARG R 232 -15.78 26.27 -7.04
C ARG R 232 -15.33 25.97 -8.48
N ALA R 233 -16.24 26.17 -9.44
CA ALA R 233 -15.93 26.00 -10.86
C ALA R 233 -14.84 26.94 -11.32
N VAL R 234 -14.97 28.22 -10.96
CA VAL R 234 -13.92 29.17 -11.26
C VAL R 234 -12.66 28.84 -10.47
N SER R 235 -12.83 28.66 -9.17
CA SER R 235 -11.73 28.72 -8.21
C SER R 235 -10.75 27.56 -8.41
N LEU R 236 -11.27 26.36 -8.66
CA LEU R 236 -10.42 25.18 -8.73
C LEU R 236 -9.50 25.22 -9.95
N GLY R 237 -9.99 25.77 -11.06
CA GLY R 237 -9.14 25.89 -12.23
C GLY R 237 -8.27 27.13 -12.22
N VAL R 238 -8.81 28.26 -11.75
CA VAL R 238 -8.06 29.51 -11.76
C VAL R 238 -6.94 29.49 -10.71
N ARG R 239 -7.14 28.79 -9.58
CA ARG R 239 -6.08 28.70 -8.58
C ARG R 239 -4.93 27.82 -9.05
N LEU R 240 -5.18 27.00 -10.07
CA LEU R 240 -4.11 26.24 -10.70
C LEU R 240 -3.45 27.04 -11.80
N TRP R 241 -4.25 27.78 -12.58
CA TRP R 241 -3.72 28.52 -13.72
C TRP R 241 -2.84 29.69 -13.29
N VAL R 242 -3.29 30.49 -12.33
CA VAL R 242 -2.47 31.64 -11.97
C VAL R 242 -1.24 31.18 -11.17
N ASN R 243 -1.32 30.05 -10.47
CA ASN R 243 -0.15 29.47 -9.85
C ASN R 243 0.86 28.94 -10.87
N MET R 244 0.40 28.44 -12.01
CA MET R 244 1.40 28.05 -13.00
C MET R 244 1.91 29.24 -13.80
N LEU R 245 1.15 30.33 -13.82
CA LEU R 245 1.66 31.57 -14.39
C LEU R 245 2.61 32.29 -13.42
N ALA R 246 2.55 31.93 -12.13
CA ALA R 246 3.17 32.65 -11.02
C ALA R 246 4.69 32.74 -11.13
N GLY R 247 5.37 31.64 -10.81
CA GLY R 247 6.83 31.65 -10.81
C GLY R 247 7.40 31.81 -12.20
N HIS R 248 6.60 31.50 -13.22
CA HIS R 248 7.08 31.66 -14.59
C HIS R 248 7.20 33.12 -14.99
N THR R 249 6.17 33.93 -14.72
CA THR R 249 6.27 35.34 -15.10
C THR R 249 7.22 36.09 -14.17
N LEU R 250 7.27 35.72 -12.88
CA LEU R 250 8.30 36.30 -12.02
C LEU R 250 9.70 35.91 -12.47
N LEU R 251 9.85 34.67 -12.96
CA LEU R 251 11.09 34.18 -13.50
C LEU R 251 11.50 34.94 -14.75
N HIS R 252 10.54 35.25 -15.62
CA HIS R 252 10.78 36.06 -16.82
C HIS R 252 11.38 37.41 -16.48
N ILE R 253 10.70 38.16 -15.60
CA ILE R 253 11.15 39.50 -15.23
C ILE R 253 12.50 39.46 -14.50
N LEU R 254 12.67 38.48 -13.60
CA LEU R 254 13.91 38.41 -12.85
C LEU R 254 15.10 37.99 -13.69
N THR R 255 14.90 37.07 -14.65
CA THR R 255 16.02 36.73 -15.51
C THR R 255 16.26 37.82 -16.56
N GLY R 256 15.26 38.68 -16.80
CA GLY R 256 15.52 39.89 -17.57
C GLY R 256 16.48 40.83 -16.87
N MET R 257 16.27 41.07 -15.57
CA MET R 257 17.25 41.90 -14.85
C MET R 257 18.59 41.17 -14.64
N ALA R 258 18.54 39.85 -14.51
CA ALA R 258 19.76 39.06 -14.41
C ALA R 258 20.55 39.07 -15.71
N LEU R 259 19.88 39.33 -16.83
CA LEU R 259 20.58 39.58 -18.07
C LEU R 259 21.04 41.03 -18.14
N ALA R 260 20.30 41.94 -17.50
CA ALA R 260 20.61 43.36 -17.58
C ALA R 260 21.89 43.70 -16.84
N LEU R 261 22.25 42.90 -15.85
CA LEU R 261 23.50 43.22 -15.15
C LEU R 261 24.77 42.94 -15.98
N PRO R 262 25.02 41.75 -16.55
CA PRO R 262 26.29 41.59 -17.28
C PRO R 262 26.25 42.08 -18.72
N PHE R 263 25.07 42.40 -19.24
CA PHE R 263 24.99 43.03 -20.55
C PHE R 263 25.59 44.42 -20.49
N SER R 264 25.49 45.06 -19.32
CA SER R 264 25.94 46.47 -19.17
C SER R 264 27.22 46.62 -18.33
N LEU R 265 27.54 45.68 -17.43
CA LEU R 265 28.74 45.85 -16.62
C LEU R 265 29.91 45.03 -17.14
N GLY R 266 29.68 44.22 -18.16
CA GLY R 266 30.71 43.36 -18.68
C GLY R 266 30.32 41.91 -18.52
N PHE R 267 30.85 41.08 -19.42
CA PHE R 267 30.42 39.69 -19.52
C PHE R 267 30.75 38.90 -18.26
N PHE R 268 31.99 38.97 -17.78
CA PHE R 268 32.39 38.23 -16.61
C PHE R 268 32.84 39.14 -15.47
N SER R 269 32.41 40.39 -15.44
CA SER R 269 32.78 41.29 -14.36
C SER R 269 31.55 41.67 -13.53
N MET R 270 31.83 42.16 -12.32
CA MET R 270 30.86 42.24 -11.21
C MET R 270 30.13 40.91 -11.04
N VAL R 271 30.88 39.87 -10.73
CA VAL R 271 30.28 38.56 -10.43
C VAL R 271 29.52 38.46 -9.11
N PRO R 272 29.77 39.28 -8.05
CA PRO R 272 28.90 39.14 -6.87
C PRO R 272 27.44 39.54 -7.05
N ALA R 273 27.16 40.62 -7.80
CA ALA R 273 25.78 41.05 -7.97
C ALA R 273 25.00 40.07 -8.82
N THR R 274 25.58 39.65 -9.96
CA THR R 274 24.93 38.65 -10.79
C THR R 274 24.89 37.29 -10.09
N PHE R 275 25.85 37.03 -9.21
CA PHE R 275 25.81 35.82 -8.39
C PHE R 275 24.61 35.81 -7.47
N GLY R 276 24.34 36.96 -6.83
CA GLY R 276 23.16 37.04 -5.96
C GLY R 276 21.86 36.92 -6.74
N VAL R 277 21.81 37.53 -7.93
CA VAL R 277 20.57 37.46 -8.71
C VAL R 277 20.36 36.05 -9.26
N CYS R 278 21.43 35.36 -9.65
CA CYS R 278 21.31 33.98 -10.09
C CYS R 278 21.02 33.02 -8.94
N CYS R 279 21.48 33.31 -7.72
CA CYS R 279 21.07 32.53 -6.56
C CYS R 279 19.57 32.67 -6.30
N LEU R 280 19.06 33.91 -6.40
CA LEU R 280 17.63 34.14 -6.25
C LEU R 280 16.82 33.44 -7.35
N LEU R 281 17.35 33.44 -8.58
CA LEU R 281 16.70 32.76 -9.69
C LEU R 281 16.66 31.25 -9.47
N SER R 282 17.75 30.67 -8.98
CA SER R 282 17.80 29.24 -8.71
C SER R 282 16.83 28.85 -7.60
N ALA R 283 16.77 29.67 -6.55
CA ALA R 283 15.79 29.44 -5.48
C ALA R 283 14.36 29.55 -5.98
N LEU R 284 14.09 30.45 -6.93
CA LEU R 284 12.73 30.55 -7.44
C LEU R 284 12.36 29.44 -8.40
N VAL R 285 13.30 28.88 -9.17
CA VAL R 285 12.95 27.69 -9.95
C VAL R 285 12.73 26.47 -9.03
N GLY R 286 13.49 26.36 -7.94
CA GLY R 286 13.19 25.32 -6.96
C GLY R 286 11.85 25.48 -6.28
N LEU R 287 11.49 26.71 -5.95
CA LEU R 287 10.15 27.01 -5.45
C LEU R 287 9.09 26.67 -6.49
N GLU R 288 9.40 26.87 -7.77
CA GLU R 288 8.45 26.50 -8.83
C GLU R 288 8.24 25.00 -8.91
N TYR R 289 9.30 24.22 -8.67
CA TYR R 289 9.16 22.76 -8.59
C TYR R 289 8.23 22.36 -7.46
N LEU R 290 8.44 22.96 -6.28
CA LEU R 290 7.60 22.70 -5.12
C LEU R 290 6.14 23.09 -5.39
N VAL R 291 5.93 24.24 -6.01
CA VAL R 291 4.59 24.74 -6.31
C VAL R 291 3.91 23.88 -7.36
N ALA R 292 4.69 23.32 -8.30
CA ALA R 292 4.12 22.46 -9.33
C ALA R 292 3.56 21.16 -8.75
N VAL R 293 4.40 20.44 -7.99
CA VAL R 293 3.96 19.20 -7.35
C VAL R 293 2.81 19.48 -6.37
N LEU R 294 2.91 20.59 -5.66
CA LEU R 294 1.95 20.90 -4.61
C LEU R 294 0.62 21.40 -5.17
N GLN R 295 0.64 22.02 -6.35
CA GLN R 295 -0.61 22.47 -6.96
C GLN R 295 -1.37 21.31 -7.56
N SER R 296 -0.64 20.34 -8.13
CA SER R 296 -1.32 19.11 -8.56
C SER R 296 -1.95 18.38 -7.38
N GLY R 297 -1.23 18.31 -6.26
CA GLY R 297 -1.78 17.69 -5.07
C GLY R 297 -2.99 18.41 -4.50
N VAL R 298 -2.94 19.74 -4.49
CA VAL R 298 -4.05 20.55 -3.95
C VAL R 298 -5.29 20.41 -4.82
N PHE R 299 -5.11 20.42 -6.15
CA PHE R 299 -6.21 20.18 -7.09
C PHE R 299 -6.88 18.84 -6.83
N SER R 300 -6.09 17.78 -6.65
CA SER R 300 -6.76 16.48 -6.54
C SER R 300 -7.36 16.25 -5.15
N ILE R 301 -6.76 16.83 -4.10
CA ILE R 301 -7.38 16.86 -2.77
C ILE R 301 -8.73 17.56 -2.84
N LEU R 302 -8.79 18.68 -3.55
CA LEU R 302 -10.03 19.42 -3.66
C LEU R 302 -11.05 18.70 -4.52
N SER R 303 -10.60 18.00 -5.55
CA SER R 303 -11.51 17.20 -6.36
C SER R 303 -12.14 16.09 -5.54
N THR R 304 -11.35 15.46 -4.65
CA THR R 304 -11.92 14.47 -3.74
C THR R 304 -12.93 15.07 -2.79
N VAL R 305 -12.64 16.22 -2.17
CA VAL R 305 -13.61 16.79 -1.24
C VAL R 305 -14.80 17.44 -1.93
N TYR R 306 -14.73 17.74 -3.22
CA TYR R 306 -15.89 18.28 -3.92
C TYR R 306 -16.78 17.16 -4.44
N VAL R 307 -16.19 16.10 -4.98
CA VAL R 307 -17.00 15.00 -5.48
C VAL R 307 -17.53 14.16 -4.33
N GLY R 308 -16.80 14.06 -3.22
CA GLY R 308 -17.25 13.26 -2.09
C GLY R 308 -18.35 13.88 -1.27
N GLU R 309 -18.75 15.13 -1.58
CA GLU R 309 -19.94 15.69 -0.96
C GLU R 309 -21.20 14.99 -1.42
N PHE R 310 -21.20 14.45 -2.64
CA PHE R 310 -22.35 13.78 -3.22
C PHE R 310 -22.12 12.28 -3.35
N ASN R 311 -21.17 11.74 -2.59
CA ASN R 311 -20.81 10.34 -2.65
C ASN R 311 -21.56 9.50 -1.63
N HIS R 312 -22.60 10.05 -1.01
CA HIS R 312 -23.31 9.36 0.06
C HIS R 312 -24.63 8.80 -0.46
N ASP R 313 -24.71 7.48 -0.50
CA ASP R 313 -25.98 6.79 -0.73
C ASP R 313 -26.24 5.89 0.46
N LYS R 314 -27.51 5.57 0.69
CA LYS R 314 -27.86 4.80 1.87
C LYS R 314 -27.59 3.31 1.65
N PHE R 315 -27.14 2.65 2.72
CA PHE R 315 -26.91 1.22 2.69
C PHE R 315 -28.25 0.49 2.55
N ILE R 316 -28.29 -0.49 1.66
CA ILE R 316 -29.52 -1.28 1.50
C ILE R 316 -29.73 -2.17 2.72
N GLY R 317 -28.77 -3.04 3.00
CA GLY R 317 -28.80 -3.83 4.21
C GLY R 317 -29.84 -4.93 4.19
N PRO R 318 -29.88 -5.73 5.26
CA PRO R 318 -30.91 -6.78 5.35
C PRO R 318 -32.25 -6.24 5.83
N ALA R 319 -33.31 -6.55 5.08
CA ALA R 319 -34.66 -6.20 5.46
C ALA R 319 -35.33 -7.29 6.29
N ALA R 320 -34.63 -8.39 6.54
CA ALA R 320 -35.16 -9.48 7.34
C ALA R 320 -33.98 -10.28 7.88
N LYS R 321 -34.00 -10.58 9.16
CA LYS R 321 -32.92 -11.34 9.79
C LYS R 321 -33.51 -12.48 10.59
N ILE R 322 -32.64 -13.39 11.00
CA ILE R 322 -32.98 -14.44 11.95
C ILE R 322 -32.09 -14.20 13.17
N VAL R 323 -32.67 -13.64 14.22
CA VAL R 323 -31.89 -13.22 15.37
C VAL R 323 -31.73 -14.39 16.34
N LYS R 324 -30.68 -14.31 17.16
CA LYS R 324 -30.22 -15.37 18.08
C LYS R 324 -29.98 -16.69 17.36
ZN ZN S . 8.43 31.27 -20.73
#